data_5AQO
#
_entry.id   5AQO
#
_cell.length_a   233.611
_cell.length_b   40.680
_cell.length_c   205.580
_cell.angle_alpha   90.00
_cell.angle_beta   122.72
_cell.angle_gamma   90.00
#
_symmetry.space_group_name_H-M   'C 1 2 1'
#
loop_
_entity.id
_entity.type
_entity.pdbx_description
1 polymer 'HEAT SHOCK COGNATE 71 KDA PROTEIN'
2 polymer 'BAG FAMILY MOLECULAR CHAPERONE REGULATOR 1'
3 non-polymer GLYCEROL
4 non-polymer 6-METHYLQUINAZOLIN-4-AMINE
5 non-polymer 2-AMINO-2-HYDROXYMETHYL-PROPANE-1,3-DIOL
6 non-polymer 'DIMETHYL SULFOXIDE'
7 non-polymer 'CHLORIDE ION'
8 water water
#
loop_
_entity_poly.entity_id
_entity_poly.type
_entity_poly.pdbx_seq_one_letter_code
_entity_poly.pdbx_strand_id
1 'polypeptide(L)'
;GPLGSMSKGPAVGIDLGTTYSCVGVFQHGKVEIIANDQGNRTTPSYVAFTDTERLIGDAAKNQVAMNPTNTVFDAKRLIG
RRFDDAVVQSDMKHWPFMVVNDAGRPKVQVEYKGETKSFYPEEVSSMVLTKMKEIAEAYLGKTVTNAVVTVPAYFNDSQR
QATKDAGTIAGLNVLRIINEPTAAAIAYGLDKKVGAERNVLIFDLGGGTFDVSILTIEDGIFEVKSTAGDTHLGGEDFDN
RMVNHFIAEFKRKHKKDISENKRAVRRLRTACERAKRTLSSSTQASIEIDSLYEGIDFYTSITRARFEELNADLFRGTLD
PVEKALRDAKLDKSQIHDIVLVGGSTRIPKIQKLLQDFFNGKELNKSINPDEAVAYGAAVQAAILS
;
A,C,E
2 'polypeptide(L)'
;GPLGSNSPQEEVELKKLKHLEKSVEKIADQLEELNKELTGIQQGFLPKDLQAEALCKLDRRVKATIEQFMKILEEIDTLI
LPENFKDSRLKRKGLVKKVQAFLAECDTVEQNICQETE
;
B,D,F
#
loop_
_chem_comp.id
_chem_comp.type
_chem_comp.name
_chem_comp.formula
CL non-polymer 'CHLORIDE ION' 'Cl -1'
CWS non-polymer 6-METHYLQUINAZOLIN-4-AMINE 'C9 H9 N3'
DMS non-polymer 'DIMETHYL SULFOXIDE' 'C2 H6 O S'
GOL non-polymer GLYCEROL 'C3 H8 O3'
TRS non-polymer 2-AMINO-2-HYDROXYMETHYL-PROPANE-1,3-DIOL 'C4 H12 N O3 1'
#
# COMPACT_ATOMS: atom_id res chain seq x y z
N MET A 6 -8.48 27.15 39.89
CA MET A 6 -9.93 27.36 39.89
C MET A 6 -10.52 27.30 41.30
N SER A 7 -11.49 28.20 41.57
CA SER A 7 -12.22 28.24 42.84
C SER A 7 -13.24 27.09 42.93
N LYS A 8 -13.79 26.85 44.13
CA LYS A 8 -14.75 25.77 44.35
C LYS A 8 -16.12 26.13 43.80
N GLY A 9 -16.68 25.23 43.00
CA GLY A 9 -17.99 25.42 42.37
C GLY A 9 -19.15 24.81 43.13
N PRO A 10 -20.36 24.88 42.57
CA PRO A 10 -21.52 24.30 43.26
C PRO A 10 -21.65 22.78 42.99
N ALA A 11 -22.67 22.17 43.61
CA ALA A 11 -22.98 20.75 43.44
C ALA A 11 -23.82 20.60 42.18
N VAL A 12 -23.64 19.48 41.47
CA VAL A 12 -24.31 19.21 40.20
C VAL A 12 -25.22 17.99 40.28
N GLY A 13 -26.13 17.89 39.34
CA GLY A 13 -27.01 16.75 39.19
C GLY A 13 -26.60 16.02 37.93
N ILE A 14 -26.32 14.73 38.04
CA ILE A 14 -25.93 13.95 36.89
C ILE A 14 -26.87 12.79 36.66
N ASP A 15 -27.41 12.71 35.44
CA ASP A 15 -28.28 11.62 35.08
C ASP A 15 -27.36 10.68 34.33
N LEU A 16 -27.01 9.56 34.95
CA LEU A 16 -26.12 8.61 34.30
C LEU A 16 -27.04 7.66 33.58
N GLY A 17 -27.12 7.85 32.27
CA GLY A 17 -28.00 7.05 31.43
C GLY A 17 -27.32 5.90 30.70
N THR A 18 -28.14 4.97 30.18
CA THR A 18 -27.67 3.78 29.45
C THR A 18 -26.92 4.18 28.17
N THR A 19 -27.56 5.05 27.35
CA THR A 19 -27.05 5.51 26.06
C THR A 19 -26.43 6.91 26.14
N TYR A 20 -27.02 7.80 26.96
CA TYR A 20 -26.57 9.20 27.13
C TYR A 20 -26.60 9.61 28.57
N SER A 21 -25.74 10.55 28.95
CA SER A 21 -25.69 11.13 30.28
C SER A 21 -25.93 12.62 30.16
N CYS A 22 -26.49 13.22 31.22
CA CYS A 22 -26.84 14.64 31.22
C CYS A 22 -26.43 15.22 32.57
N VAL A 23 -25.84 16.42 32.56
CA VAL A 23 -25.41 17.12 33.79
C VAL A 23 -26.07 18.53 33.86
N GLY A 24 -26.63 18.83 35.02
CA GLY A 24 -27.28 20.10 35.27
C GLY A 24 -26.79 20.78 36.54
N VAL A 25 -27.00 22.09 36.61
CA VAL A 25 -26.62 22.88 37.76
C VAL A 25 -27.70 23.89 38.10
N PHE A 26 -28.08 23.95 39.38
CA PHE A 26 -29.03 24.93 39.86
C PHE A 26 -28.24 26.17 40.28
N GLN A 27 -28.51 27.30 39.60
CA GLN A 27 -27.86 28.60 39.84
C GLN A 27 -28.79 29.72 39.43
N HIS A 28 -28.78 30.81 40.21
CA HIS A 28 -29.62 31.98 39.98
C HIS A 28 -31.12 31.65 39.96
N GLY A 29 -31.52 30.81 40.91
CA GLY A 29 -32.91 30.36 41.04
C GLY A 29 -33.45 29.48 39.92
N LYS A 30 -32.57 28.90 39.07
CA LYS A 30 -33.00 28.03 37.97
C LYS A 30 -31.97 26.95 37.63
N VAL A 31 -32.43 25.86 36.98
CA VAL A 31 -31.55 24.78 36.53
C VAL A 31 -31.02 25.12 35.12
N GLU A 32 -29.71 24.93 34.93
CA GLU A 32 -29.12 25.15 33.64
C GLU A 32 -28.58 23.79 33.21
N ILE A 33 -28.98 23.32 32.04
CA ILE A 33 -28.47 22.03 31.57
C ILE A 33 -27.20 22.38 30.84
N ILE A 34 -26.10 21.80 31.29
CA ILE A 34 -24.77 22.09 30.74
C ILE A 34 -24.36 21.36 29.47
N ALA A 35 -24.04 22.14 28.45
CA ALA A 35 -23.60 21.63 27.15
C ALA A 35 -22.18 21.15 27.21
N ASN A 36 -21.85 20.14 26.42
CA ASN A 36 -20.50 19.60 26.37
C ASN A 36 -19.62 20.39 25.40
N ASP A 37 -18.41 19.90 25.16
CA ASP A 37 -17.45 20.57 24.28
C ASP A 37 -17.97 20.67 22.85
N GLN A 38 -18.82 19.73 22.47
CA GLN A 38 -19.40 19.70 21.16
C GLN A 38 -20.70 20.48 21.10
N GLY A 39 -21.06 21.12 22.21
CA GLY A 39 -22.27 21.90 22.28
C GLY A 39 -23.55 21.11 22.51
N ASN A 40 -23.38 19.86 22.89
CA ASN A 40 -24.49 18.96 23.12
C ASN A 40 -24.89 18.87 24.57
N ARG A 41 -26.18 19.02 24.82
CA ARG A 41 -26.70 18.95 26.18
C ARG A 41 -26.73 17.56 26.80
N THR A 42 -26.56 16.54 25.96
CA THR A 42 -26.49 15.16 26.42
C THR A 42 -25.21 14.59 25.83
N THR A 43 -24.56 13.70 26.56
CA THR A 43 -23.30 13.09 26.14
C THR A 43 -23.46 11.55 26.04
N PRO A 44 -23.08 10.92 24.90
CA PRO A 44 -23.14 9.44 24.81
C PRO A 44 -22.35 8.76 25.93
N SER A 45 -22.95 7.75 26.58
CA SER A 45 -22.30 7.00 27.67
C SER A 45 -21.39 5.97 27.03
N TYR A 46 -20.43 6.47 26.27
CA TYR A 46 -19.51 5.66 25.48
C TYR A 46 -18.07 5.93 25.87
N VAL A 47 -17.28 4.87 25.93
CA VAL A 47 -15.86 4.97 26.22
C VAL A 47 -15.17 4.16 25.16
N ALA A 48 -14.20 4.76 24.44
CA ALA A 48 -13.44 4.09 23.38
C ALA A 48 -11.98 4.01 23.77
N PHE A 49 -11.36 2.88 23.46
CA PHE A 49 -9.96 2.64 23.74
C PHE A 49 -9.25 2.45 22.43
N THR A 50 -8.24 3.29 22.15
CA THR A 50 -7.51 3.20 20.89
C THR A 50 -6.04 2.85 21.15
N ASP A 51 -5.24 2.79 20.07
CA ASP A 51 -3.80 2.55 20.13
C ASP A 51 -3.07 3.71 20.80
N THR A 52 -3.71 4.91 20.87
CA THR A 52 -3.09 6.13 21.40
C THR A 52 -3.83 6.82 22.54
N GLU A 53 -5.16 6.63 22.64
CA GLU A 53 -5.94 7.35 23.65
C GLU A 53 -7.20 6.65 24.13
N ARG A 54 -7.86 7.30 25.09
CA ARG A 54 -9.14 6.95 25.67
C ARG A 54 -10.07 8.10 25.30
N LEU A 55 -11.19 7.77 24.68
CA LEU A 55 -12.16 8.76 24.25
C LEU A 55 -13.47 8.57 24.99
N ILE A 56 -14.05 9.66 25.45
CA ILE A 56 -15.31 9.61 26.17
C ILE A 56 -16.34 10.45 25.45
N GLY A 57 -17.60 10.05 25.56
CA GLY A 57 -18.71 10.74 24.94
C GLY A 57 -18.79 10.81 23.43
N ASP A 58 -19.08 12.01 22.91
CA ASP A 58 -19.23 12.21 21.47
C ASP A 58 -18.03 11.68 20.67
N ALA A 59 -16.80 11.91 21.15
CA ALA A 59 -15.59 11.46 20.46
C ALA A 59 -15.53 9.95 20.40
N ALA A 60 -16.02 9.25 21.45
CA ALA A 60 -16.07 7.78 21.50
C ALA A 60 -17.14 7.28 20.53
N LYS A 61 -18.37 7.86 20.58
CA LYS A 61 -19.44 7.45 19.69
C LYS A 61 -19.13 7.70 18.19
N ASN A 62 -18.47 8.84 17.89
CA ASN A 62 -18.12 9.22 16.51
C ASN A 62 -17.19 8.26 15.78
N GLN A 63 -16.39 7.52 16.53
CA GLN A 63 -15.45 6.56 15.98
C GLN A 63 -15.84 5.09 16.19
N VAL A 64 -17.09 4.85 16.57
CA VAL A 64 -17.55 3.49 16.83
C VAL A 64 -17.46 2.59 15.60
N ALA A 65 -17.79 3.12 14.43
CA ALA A 65 -17.72 2.33 13.21
C ALA A 65 -16.29 1.89 12.97
N MET A 66 -15.36 2.81 13.19
CA MET A 66 -13.93 2.56 13.03
C MET A 66 -13.35 1.55 14.02
N ASN A 67 -13.80 1.63 15.28
CA ASN A 67 -13.30 0.77 16.34
C ASN A 67 -14.46 0.17 17.13
N PRO A 68 -15.23 -0.74 16.51
CA PRO A 68 -16.39 -1.33 17.17
C PRO A 68 -16.15 -2.19 18.42
N THR A 69 -15.14 -3.04 18.39
CA THR A 69 -14.79 -3.93 19.51
C THR A 69 -14.26 -3.26 20.76
N ASN A 70 -13.54 -2.16 20.57
CA ASN A 70 -12.88 -1.43 21.66
C ASN A 70 -13.64 -0.19 22.10
N THR A 71 -14.89 -0.04 21.63
CA THR A 71 -15.80 1.05 22.00
C THR A 71 -16.90 0.44 22.90
N VAL A 72 -16.85 0.76 24.20
CA VAL A 72 -17.76 0.28 25.22
C VAL A 72 -18.91 1.27 25.39
N PHE A 73 -20.10 0.69 25.59
CA PHE A 73 -21.36 1.37 25.80
C PHE A 73 -22.26 0.39 26.56
N ASP A 74 -23.39 0.84 27.08
CA ASP A 74 -24.29 -0.03 27.84
C ASP A 74 -23.67 -0.58 29.13
N ALA A 75 -22.76 0.16 29.74
CA ALA A 75 -22.11 -0.27 30.97
C ALA A 75 -23.13 -0.35 32.10
N LYS A 76 -24.16 0.47 31.97
CA LYS A 76 -25.28 0.56 32.91
C LYS A 76 -26.07 -0.77 32.95
N ARG A 77 -26.10 -1.51 31.83
CA ARG A 77 -26.76 -2.82 31.74
C ARG A 77 -25.94 -3.89 32.47
N LEU A 78 -24.64 -3.61 32.77
CA LEU A 78 -23.72 -4.52 33.47
C LEU A 78 -23.45 -4.15 34.91
N ILE A 79 -23.49 -2.83 35.24
CA ILE A 79 -23.12 -2.28 36.54
C ILE A 79 -23.86 -2.95 37.71
N GLY A 80 -23.09 -3.41 38.69
CA GLY A 80 -23.58 -4.09 39.88
C GLY A 80 -24.15 -5.47 39.66
N ARG A 81 -24.04 -6.02 38.44
CA ARG A 81 -24.59 -7.37 38.18
C ARG A 81 -23.52 -8.43 38.24
N ARG A 82 -23.94 -9.67 38.50
CA ARG A 82 -23.08 -10.84 38.50
C ARG A 82 -22.95 -11.27 37.05
N PHE A 83 -21.84 -11.92 36.67
CA PHE A 83 -21.60 -12.37 35.30
C PHE A 83 -22.72 -13.26 34.76
N ASP A 84 -23.23 -14.18 35.60
CA ASP A 84 -24.25 -15.17 35.24
C ASP A 84 -25.69 -14.66 35.31
N ASP A 85 -25.87 -13.36 35.49
CA ASP A 85 -27.17 -12.75 35.49
C ASP A 85 -27.80 -12.95 34.09
N ALA A 86 -29.08 -13.27 34.05
CA ALA A 86 -29.83 -13.48 32.79
C ALA A 86 -29.67 -12.29 31.84
N VAL A 87 -29.70 -11.06 32.39
CA VAL A 87 -29.55 -9.79 31.66
C VAL A 87 -28.16 -9.72 31.01
N VAL A 88 -27.10 -10.00 31.77
CA VAL A 88 -25.72 -9.97 31.28
C VAL A 88 -25.51 -10.98 30.15
N GLN A 89 -26.02 -12.20 30.33
CA GLN A 89 -25.90 -13.31 29.36
C GLN A 89 -26.66 -13.06 28.06
N SER A 90 -27.81 -12.38 28.14
CA SER A 90 -28.65 -12.04 26.99
C SER A 90 -28.04 -10.91 26.16
N ASP A 91 -27.70 -9.76 26.82
CA ASP A 91 -27.11 -8.55 26.24
C ASP A 91 -25.77 -8.80 25.53
N MET A 92 -24.93 -9.69 26.11
CA MET A 92 -23.61 -10.07 25.59
C MET A 92 -23.61 -10.45 24.11
N LYS A 93 -24.64 -11.20 23.67
CA LYS A 93 -24.83 -11.69 22.29
C LYS A 93 -24.87 -10.55 21.26
N HIS A 94 -25.31 -9.37 21.70
CA HIS A 94 -25.43 -8.21 20.83
C HIS A 94 -24.36 -7.12 20.96
N TRP A 95 -23.38 -7.30 21.83
CA TRP A 95 -22.32 -6.30 21.99
C TRP A 95 -21.10 -6.66 21.16
N PRO A 96 -20.48 -5.67 20.46
CA PRO A 96 -19.27 -5.98 19.67
C PRO A 96 -18.02 -6.14 20.55
N PHE A 97 -18.07 -5.59 21.78
CA PHE A 97 -16.98 -5.68 22.76
C PHE A 97 -17.12 -6.96 23.59
N MET A 98 -16.00 -7.42 24.15
CA MET A 98 -15.94 -8.64 24.95
C MET A 98 -16.28 -8.42 26.41
N VAL A 99 -17.07 -9.33 26.97
CA VAL A 99 -17.41 -9.35 28.39
C VAL A 99 -16.86 -10.69 28.91
N VAL A 100 -15.94 -10.60 29.88
CA VAL A 100 -15.30 -11.76 30.50
C VAL A 100 -15.78 -11.92 31.94
N ASN A 101 -15.62 -13.12 32.49
CA ASN A 101 -15.97 -13.45 33.86
C ASN A 101 -14.71 -13.38 34.71
N ASP A 102 -14.71 -12.52 35.74
CA ASP A 102 -13.62 -12.42 36.70
C ASP A 102 -14.17 -12.77 38.08
N ALA A 103 -14.08 -14.06 38.45
CA ALA A 103 -14.55 -14.61 39.72
C ALA A 103 -16.04 -14.26 40.05
N GLY A 104 -16.91 -14.48 39.07
CA GLY A 104 -18.35 -14.21 39.17
C GLY A 104 -18.75 -12.81 38.72
N ARG A 105 -17.76 -11.93 38.52
CA ARG A 105 -18.00 -10.54 38.12
C ARG A 105 -17.77 -10.27 36.64
N PRO A 106 -18.65 -9.49 35.96
CA PRO A 106 -18.39 -9.17 34.55
C PRO A 106 -17.33 -8.08 34.42
N LYS A 107 -16.53 -8.16 33.37
CA LYS A 107 -15.50 -7.16 33.04
C LYS A 107 -15.50 -7.00 31.55
N VAL A 108 -15.33 -5.77 31.06
CA VAL A 108 -15.22 -5.50 29.63
C VAL A 108 -13.75 -5.66 29.25
N GLN A 109 -13.48 -6.45 28.22
CA GLN A 109 -12.10 -6.67 27.80
C GLN A 109 -11.87 -5.97 26.47
N VAL A 110 -10.90 -5.04 26.45
CA VAL A 110 -10.56 -4.21 25.29
C VAL A 110 -9.06 -4.21 25.01
N GLU A 111 -8.67 -3.72 23.81
CA GLU A 111 -7.29 -3.49 23.42
C GLU A 111 -7.12 -1.99 23.61
N TYR A 112 -6.16 -1.58 24.46
CA TYR A 112 -5.91 -0.18 24.80
C TYR A 112 -4.42 0.06 24.78
N LYS A 113 -3.97 0.96 23.87
CA LYS A 113 -2.55 1.30 23.63
C LYS A 113 -1.71 0.04 23.40
N GLY A 114 -2.26 -0.88 22.59
CA GLY A 114 -1.62 -2.15 22.22
C GLY A 114 -1.63 -3.26 23.25
N GLU A 115 -2.30 -3.03 24.39
CA GLU A 115 -2.37 -3.97 25.50
C GLU A 115 -3.80 -4.43 25.79
N THR A 116 -3.95 -5.71 26.19
CA THR A 116 -5.25 -6.26 26.57
C THR A 116 -5.53 -5.78 27.99
N LYS A 117 -6.62 -5.03 28.17
CA LYS A 117 -7.01 -4.48 29.46
C LYS A 117 -8.47 -4.74 29.77
N SER A 118 -8.77 -5.13 31.03
CA SER A 118 -10.14 -5.38 31.45
C SER A 118 -10.58 -4.34 32.45
N PHE A 119 -11.84 -3.94 32.33
CA PHE A 119 -12.41 -2.93 33.21
C PHE A 119 -13.72 -3.41 33.81
N TYR A 120 -13.93 -3.12 35.10
CA TYR A 120 -15.18 -3.44 35.77
C TYR A 120 -16.24 -2.43 35.25
N PRO A 121 -17.54 -2.78 35.18
CA PRO A 121 -18.54 -1.79 34.71
C PRO A 121 -18.50 -0.44 35.46
N GLU A 122 -18.16 -0.44 36.77
CA GLU A 122 -18.04 0.82 37.53
C GLU A 122 -16.81 1.64 37.13
N GLU A 123 -15.79 0.99 36.56
CA GLU A 123 -14.59 1.70 36.10
C GLU A 123 -14.92 2.42 34.80
N VAL A 124 -15.75 1.81 33.94
CA VAL A 124 -16.21 2.38 32.67
C VAL A 124 -17.16 3.53 32.97
N SER A 125 -18.10 3.31 33.89
CA SER A 125 -19.05 4.34 34.31
C SER A 125 -18.38 5.53 35.03
N SER A 126 -17.22 5.27 35.73
CA SER A 126 -16.44 6.34 36.35
C SER A 126 -15.86 7.26 35.25
N MET A 127 -15.46 6.67 34.08
CA MET A 127 -14.93 7.42 32.92
C MET A 127 -15.97 8.37 32.35
N VAL A 128 -17.23 7.90 32.24
CA VAL A 128 -18.37 8.71 31.79
C VAL A 128 -18.66 9.81 32.85
N LEU A 129 -18.57 9.48 34.17
CA LEU A 129 -18.80 10.44 35.25
C LEU A 129 -17.70 11.51 35.33
N THR A 130 -16.45 11.11 35.04
CA THR A 130 -15.30 12.00 34.94
C THR A 130 -15.59 13.03 33.84
N LYS A 131 -16.13 12.57 32.68
CA LYS A 131 -16.47 13.45 31.55
C LYS A 131 -17.56 14.47 31.93
N MET A 132 -18.63 14.00 32.62
CA MET A 132 -19.75 14.85 33.05
C MET A 132 -19.25 15.90 34.03
N LYS A 133 -18.33 15.51 34.94
CA LYS A 133 -17.68 16.37 35.92
C LYS A 133 -16.85 17.43 35.17
N GLU A 134 -16.12 17.01 34.11
CA GLU A 134 -15.29 17.93 33.32
C GLU A 134 -16.13 18.88 32.50
N ILE A 135 -17.30 18.43 32.01
CA ILE A 135 -18.28 19.22 31.24
C ILE A 135 -18.80 20.35 32.15
N ALA A 136 -19.16 20.00 33.40
CA ALA A 136 -19.63 20.96 34.40
C ALA A 136 -18.53 22.02 34.73
N GLU A 137 -17.26 21.56 34.96
CA GLU A 137 -16.12 22.42 35.26
C GLU A 137 -15.77 23.36 34.12
N ALA A 138 -15.84 22.87 32.86
CA ALA A 138 -15.53 23.66 31.67
C ALA A 138 -16.54 24.81 31.52
N TYR A 139 -17.82 24.57 31.90
CA TYR A 139 -18.85 25.58 31.80
C TYR A 139 -18.78 26.60 32.94
N LEU A 140 -18.65 26.10 34.17
CA LEU A 140 -18.64 26.95 35.36
C LEU A 140 -17.36 27.71 35.58
N GLY A 141 -16.22 27.14 35.14
CA GLY A 141 -14.90 27.71 35.36
C GLY A 141 -14.48 27.56 36.81
N LYS A 142 -15.07 26.57 37.49
CA LYS A 142 -14.83 26.26 38.89
C LYS A 142 -14.71 24.75 39.03
N THR A 143 -14.04 24.27 40.09
CA THR A 143 -13.88 22.85 40.39
C THR A 143 -15.25 22.28 40.82
N VAL A 144 -15.57 21.05 40.38
CA VAL A 144 -16.83 20.34 40.68
C VAL A 144 -16.49 19.03 41.40
N THR A 145 -17.00 18.84 42.62
CA THR A 145 -16.73 17.63 43.41
C THR A 145 -18.04 16.95 43.85
N ASN A 146 -19.03 17.75 44.29
CA ASN A 146 -20.28 17.24 44.81
C ASN A 146 -21.32 16.98 43.75
N ALA A 147 -21.94 15.82 43.78
CA ALA A 147 -22.97 15.51 42.80
C ALA A 147 -24.04 14.55 43.28
N VAL A 148 -25.20 14.64 42.63
CA VAL A 148 -26.30 13.74 42.90
C VAL A 148 -26.39 12.91 41.64
N VAL A 149 -26.27 11.61 41.77
CA VAL A 149 -26.33 10.70 40.64
C VAL A 149 -27.58 9.83 40.68
N THR A 150 -28.28 9.77 39.57
CA THR A 150 -29.54 9.02 39.49
C THR A 150 -29.33 7.57 39.03
N VAL A 151 -30.24 6.69 39.47
CA VAL A 151 -30.28 5.26 39.14
C VAL A 151 -31.76 4.85 38.89
N PRO A 152 -32.05 3.79 38.09
CA PRO A 152 -33.45 3.35 37.95
C PRO A 152 -34.01 2.86 39.28
N ALA A 153 -35.33 2.98 39.48
CA ALA A 153 -35.98 2.55 40.72
C ALA A 153 -35.85 1.05 41.01
N TYR A 154 -35.67 0.22 39.95
CA TYR A 154 -35.53 -1.25 40.07
C TYR A 154 -34.09 -1.71 40.41
N PHE A 155 -33.12 -0.78 40.43
CA PHE A 155 -31.73 -1.12 40.77
C PHE A 155 -31.66 -1.73 42.18
N ASN A 156 -30.95 -2.87 42.35
CA ASN A 156 -30.81 -3.50 43.66
C ASN A 156 -29.66 -2.83 44.47
N ASP A 157 -29.31 -3.36 45.66
CA ASP A 157 -28.25 -2.84 46.53
C ASP A 157 -26.86 -2.83 45.85
N SER A 158 -26.55 -3.90 45.10
CA SER A 158 -25.28 -4.08 44.39
C SER A 158 -25.14 -3.11 43.21
N GLN A 159 -26.23 -2.84 42.50
CA GLN A 159 -26.26 -1.93 41.36
C GLN A 159 -26.11 -0.48 41.82
N ARG A 160 -26.74 -0.15 42.95
CA ARG A 160 -26.68 1.16 43.60
C ARG A 160 -25.30 1.41 44.18
N GLN A 161 -24.70 0.40 44.85
CA GLN A 161 -23.35 0.54 45.43
C GLN A 161 -22.33 0.74 44.33
N ALA A 162 -22.40 -0.06 43.26
CA ALA A 162 -21.49 0.04 42.12
C ALA A 162 -21.56 1.40 41.41
N THR A 163 -22.77 2.02 41.31
CA THR A 163 -22.92 3.37 40.73
C THR A 163 -22.25 4.38 41.67
N LYS A 164 -22.43 4.20 43.01
CA LYS A 164 -21.79 5.07 44.00
C LYS A 164 -20.25 4.94 43.88
N ASP A 165 -19.77 3.69 43.71
CA ASP A 165 -18.34 3.39 43.52
C ASP A 165 -17.80 4.05 42.27
N ALA A 166 -18.60 4.08 41.16
CA ALA A 166 -18.22 4.76 39.91
C ALA A 166 -17.99 6.27 40.16
N GLY A 167 -18.82 6.88 41.01
CA GLY A 167 -18.70 8.27 41.39
C GLY A 167 -17.45 8.54 42.20
N THR A 168 -17.14 7.65 43.18
CA THR A 168 -15.94 7.72 44.03
C THR A 168 -14.64 7.63 43.19
N ILE A 169 -14.59 6.70 42.22
CA ILE A 169 -13.46 6.52 41.31
C ILE A 169 -13.24 7.79 40.46
N ALA A 170 -14.35 8.43 40.02
CA ALA A 170 -14.34 9.64 39.21
C ALA A 170 -13.98 10.91 40.02
N GLY A 171 -13.63 10.74 41.29
CA GLY A 171 -13.26 11.86 42.16
C GLY A 171 -14.45 12.67 42.64
N LEU A 172 -15.66 12.11 42.52
CA LEU A 172 -16.86 12.80 42.95
C LEU A 172 -17.25 12.41 44.37
N ASN A 173 -17.81 13.36 45.10
CA ASN A 173 -18.37 13.15 46.41
C ASN A 173 -19.87 13.00 46.12
N VAL A 174 -20.36 11.75 46.10
CA VAL A 174 -21.77 11.46 45.81
C VAL A 174 -22.63 11.83 47.01
N LEU A 175 -23.29 13.01 46.96
CA LEU A 175 -24.15 13.53 48.04
C LEU A 175 -25.30 12.57 48.31
N ARG A 176 -25.91 12.11 47.23
CA ARG A 176 -27.01 11.17 47.30
C ARG A 176 -27.22 10.47 45.95
N ILE A 177 -27.77 9.26 45.99
CA ILE A 177 -28.08 8.51 44.79
C ILE A 177 -29.60 8.56 44.84
N ILE A 178 -30.24 9.01 43.77
CA ILE A 178 -31.68 9.05 43.78
C ILE A 178 -32.30 8.37 42.59
N ASN A 179 -33.52 7.91 42.76
CA ASN A 179 -34.23 7.20 41.70
C ASN A 179 -34.55 8.16 40.57
N GLU A 180 -34.42 7.67 39.33
CA GLU A 180 -34.75 8.45 38.12
C GLU A 180 -36.20 8.94 38.16
N PRO A 181 -37.22 8.10 38.52
CA PRO A 181 -38.60 8.62 38.59
C PRO A 181 -38.79 9.67 39.70
N THR A 182 -38.04 9.54 40.83
CA THR A 182 -38.08 10.50 41.94
C THR A 182 -37.49 11.85 41.47
N ALA A 183 -36.36 11.79 40.71
CA ALA A 183 -35.70 12.97 40.14
C ALA A 183 -36.68 13.71 39.21
N ALA A 184 -37.41 12.97 38.36
CA ALA A 184 -38.39 13.55 37.46
C ALA A 184 -39.55 14.23 38.21
N ALA A 185 -40.03 13.63 39.33
CA ALA A 185 -41.10 14.20 40.14
C ALA A 185 -40.62 15.48 40.83
N ILE A 186 -39.35 15.47 41.31
CA ILE A 186 -38.67 16.63 41.92
C ILE A 186 -38.56 17.79 40.89
N ALA A 187 -38.21 17.48 39.61
CA ALA A 187 -38.07 18.47 38.52
C ALA A 187 -39.35 19.31 38.33
N TYR A 188 -40.52 18.64 38.38
CA TYR A 188 -41.86 19.23 38.24
C TYR A 188 -42.45 19.73 39.57
N GLY A 189 -41.68 19.64 40.66
CA GLY A 189 -42.03 20.09 42.01
C GLY A 189 -43.29 19.47 42.57
N LEU A 190 -43.53 18.19 42.22
CA LEU A 190 -44.71 17.43 42.66
C LEU A 190 -44.74 17.17 44.17
N ASP A 191 -43.56 17.25 44.82
CA ASP A 191 -43.35 17.06 46.27
C ASP A 191 -43.68 18.34 47.06
N LYS A 192 -43.93 19.46 46.36
CA LYS A 192 -44.22 20.77 46.96
C LYS A 192 -45.70 21.19 46.84
N LYS A 193 -46.50 20.39 46.11
CA LYS A 193 -47.93 20.64 45.92
C LYS A 193 -48.69 20.44 47.24
N VAL A 194 -49.58 21.38 47.56
CA VAL A 194 -50.38 21.32 48.79
C VAL A 194 -51.49 20.26 48.70
N GLY A 195 -51.78 19.64 49.83
CA GLY A 195 -52.80 18.60 49.95
C GLY A 195 -52.31 17.29 50.53
N ALA A 196 -53.12 16.23 50.38
CA ALA A 196 -52.83 14.89 50.88
C ALA A 196 -51.82 14.15 49.99
N GLU A 197 -51.64 12.82 50.23
CA GLU A 197 -50.72 12.00 49.45
C GLU A 197 -51.07 12.02 47.95
N ARG A 198 -50.04 12.09 47.09
CA ARG A 198 -50.33 12.06 45.67
C ARG A 198 -49.60 10.94 44.98
N ASN A 199 -50.34 10.27 44.09
CA ASN A 199 -49.88 9.14 43.29
C ASN A 199 -49.40 9.67 41.96
N VAL A 200 -48.16 9.34 41.64
CA VAL A 200 -47.48 9.86 40.48
C VAL A 200 -47.03 8.72 39.57
N LEU A 201 -47.41 8.81 38.29
CA LEU A 201 -46.98 7.86 37.28
C LEU A 201 -45.89 8.52 36.44
N ILE A 202 -44.72 7.89 36.39
CA ILE A 202 -43.60 8.35 35.55
C ILE A 202 -43.58 7.41 34.36
N PHE A 203 -43.76 7.99 33.17
CA PHE A 203 -43.77 7.29 31.90
C PHE A 203 -42.44 7.66 31.21
N ASP A 204 -41.44 6.78 31.39
CA ASP A 204 -40.09 6.99 30.87
C ASP A 204 -39.77 6.14 29.63
N LEU A 205 -39.89 6.77 28.45
CA LEU A 205 -39.59 6.13 27.17
C LEU A 205 -38.41 6.84 26.50
N GLY A 206 -37.20 6.39 26.83
CA GLY A 206 -35.96 6.97 26.31
C GLY A 206 -34.73 6.21 26.77
N GLY A 207 -33.62 6.43 26.06
CA GLY A 207 -32.35 5.76 26.32
C GLY A 207 -32.38 4.24 26.11
N GLY A 208 -33.10 3.81 25.09
CA GLY A 208 -33.23 2.38 24.72
C GLY A 208 -33.97 1.49 25.69
N THR A 209 -34.64 2.06 26.70
CA THR A 209 -35.42 1.32 27.70
C THR A 209 -36.78 2.02 27.89
N PHE A 210 -37.77 1.26 28.35
CA PHE A 210 -39.09 1.78 28.68
C PHE A 210 -39.37 1.45 30.13
N ASP A 211 -39.49 2.48 30.97
CA ASP A 211 -39.75 2.33 32.40
C ASP A 211 -41.01 3.06 32.82
N VAL A 212 -41.92 2.36 33.50
CA VAL A 212 -43.14 2.94 34.08
C VAL A 212 -43.01 2.77 35.59
N SER A 213 -43.09 3.88 36.33
CA SER A 213 -42.99 3.84 37.79
C SER A 213 -44.16 4.52 38.42
N ILE A 214 -44.62 3.97 39.53
CA ILE A 214 -45.70 4.57 40.27
C ILE A 214 -45.16 4.91 41.65
N LEU A 215 -45.19 6.19 41.96
CA LEU A 215 -44.73 6.70 43.25
C LEU A 215 -45.90 7.24 44.05
N THR A 216 -45.76 7.18 45.38
CA THR A 216 -46.70 7.74 46.35
C THR A 216 -45.88 8.80 47.08
N ILE A 217 -46.20 10.09 46.89
CA ILE A 217 -45.51 11.17 47.60
C ILE A 217 -46.41 11.68 48.76
N GLU A 218 -46.03 11.35 50.01
CA GLU A 218 -46.76 11.77 51.22
C GLU A 218 -45.83 12.60 52.10
N ASP A 219 -46.13 13.91 52.22
CA ASP A 219 -45.33 14.92 52.95
C ASP A 219 -43.89 14.85 52.43
N GLY A 220 -43.75 15.14 51.13
CA GLY A 220 -42.51 15.13 50.39
C GLY A 220 -41.69 13.84 50.34
N ILE A 221 -42.16 12.78 51.04
CA ILE A 221 -41.51 11.47 51.07
C ILE A 221 -41.97 10.66 49.87
N PHE A 222 -41.01 10.20 49.04
CA PHE A 222 -41.27 9.40 47.85
C PHE A 222 -41.27 7.92 48.17
N GLU A 223 -42.33 7.20 47.77
CA GLU A 223 -42.45 5.77 47.97
C GLU A 223 -42.67 5.10 46.63
N VAL A 224 -41.77 4.18 46.23
CA VAL A 224 -41.92 3.45 44.96
C VAL A 224 -42.94 2.34 45.23
N LYS A 225 -44.14 2.44 44.62
CA LYS A 225 -45.23 1.47 44.79
C LYS A 225 -45.11 0.31 43.80
N SER A 226 -44.71 0.61 42.54
CA SER A 226 -44.53 -0.39 41.49
C SER A 226 -43.66 0.14 40.35
N THR A 227 -42.97 -0.81 39.69
CA THR A 227 -42.12 -0.57 38.52
C THR A 227 -42.53 -1.62 37.48
N ALA A 228 -42.60 -1.20 36.22
CA ALA A 228 -42.97 -2.04 35.09
C ALA A 228 -42.30 -1.44 33.85
N GLY A 229 -42.33 -2.17 32.74
CA GLY A 229 -41.72 -1.70 31.52
C GLY A 229 -41.15 -2.78 30.63
N ASP A 230 -40.32 -2.35 29.67
CA ASP A 230 -39.65 -3.15 28.65
C ASP A 230 -38.21 -2.61 28.56
N THR A 231 -37.24 -3.41 28.99
CA THR A 231 -35.85 -3.01 29.00
C THR A 231 -35.20 -2.75 27.64
N HIS A 232 -35.79 -3.27 26.57
CA HIS A 232 -35.23 -3.07 25.25
C HIS A 232 -36.13 -2.33 24.25
N LEU A 233 -36.94 -1.40 24.74
CA LEU A 233 -37.82 -0.64 23.87
C LEU A 233 -37.41 0.82 23.82
N GLY A 234 -37.38 1.39 22.63
CA GLY A 234 -37.00 2.78 22.46
C GLY A 234 -37.24 3.28 21.06
N GLY A 235 -36.71 4.47 20.79
CA GLY A 235 -36.81 5.12 19.50
C GLY A 235 -36.23 4.31 18.35
N GLU A 236 -35.19 3.50 18.60
CA GLU A 236 -34.54 2.67 17.59
C GLU A 236 -35.52 1.67 16.97
N ASP A 237 -36.48 1.17 17.77
CA ASP A 237 -37.52 0.26 17.33
C ASP A 237 -38.48 0.95 16.37
N PHE A 238 -38.77 2.24 16.61
CA PHE A 238 -39.64 3.06 15.77
C PHE A 238 -38.94 3.41 14.44
N ASP A 239 -37.61 3.59 14.50
CA ASP A 239 -36.77 3.88 13.35
C ASP A 239 -36.71 2.67 12.42
N ASN A 240 -36.57 1.44 13.01
CA ASN A 240 -36.51 0.16 12.28
C ASN A 240 -37.76 -0.04 11.43
N ARG A 241 -38.94 0.30 11.98
CA ARG A 241 -40.24 0.21 11.29
C ARG A 241 -40.28 1.15 10.08
N MET A 242 -39.72 2.37 10.21
CA MET A 242 -39.63 3.32 9.12
C MET A 242 -38.64 2.85 8.06
N VAL A 243 -37.49 2.30 8.49
CA VAL A 243 -36.46 1.74 7.60
C VAL A 243 -37.09 0.59 6.77
N ASN A 244 -37.81 -0.33 7.44
CA ASN A 244 -38.49 -1.45 6.78
C ASN A 244 -39.51 -0.97 5.77
N HIS A 245 -40.27 0.08 6.12
CA HIS A 245 -41.24 0.71 5.22
C HIS A 245 -40.55 1.24 3.94
N PHE A 246 -39.41 1.93 4.10
CA PHE A 246 -38.71 2.50 2.96
C PHE A 246 -37.95 1.47 2.11
N ILE A 247 -37.46 0.37 2.74
CA ILE A 247 -36.82 -0.73 2.02
C ILE A 247 -37.87 -1.40 1.10
N ALA A 248 -39.09 -1.65 1.63
CA ALA A 248 -40.20 -2.24 0.88
C ALA A 248 -40.63 -1.31 -0.28
N GLU A 249 -40.71 0.00 -0.01
CA GLU A 249 -41.04 1.03 -0.99
C GLU A 249 -40.00 1.07 -2.12
N PHE A 250 -38.69 0.99 -1.81
CA PHE A 250 -37.64 0.97 -2.84
C PHE A 250 -37.77 -0.29 -3.70
N LYS A 251 -38.14 -1.43 -3.08
CA LYS A 251 -38.34 -2.69 -3.80
C LYS A 251 -39.53 -2.57 -4.75
N ARG A 252 -40.65 -2.00 -4.27
CA ARG A 252 -41.86 -1.80 -5.10
C ARG A 252 -41.59 -0.90 -6.31
N LYS A 253 -40.97 0.25 -6.07
CA LYS A 253 -40.60 1.18 -7.11
C LYS A 253 -39.48 0.78 -8.07
N HIS A 254 -38.40 0.23 -7.54
CA HIS A 254 -37.25 -0.13 -8.38
C HIS A 254 -36.88 -1.61 -8.51
N LYS A 255 -37.59 -2.49 -7.83
CA LYS A 255 -37.30 -3.91 -7.90
C LYS A 255 -35.85 -4.21 -7.53
N LYS A 256 -35.37 -3.51 -6.53
CA LYS A 256 -34.01 -3.64 -6.01
C LYS A 256 -34.02 -3.68 -4.50
N ASP A 257 -33.20 -4.55 -3.95
CA ASP A 257 -33.02 -4.80 -2.53
C ASP A 257 -31.76 -4.10 -2.03
N ILE A 258 -31.93 -3.02 -1.25
CA ILE A 258 -30.81 -2.24 -0.71
C ILE A 258 -30.28 -2.82 0.60
N SER A 259 -31.04 -3.77 1.24
CA SER A 259 -30.80 -4.32 2.58
C SER A 259 -29.44 -4.99 2.79
N GLU A 260 -28.77 -5.49 1.73
CA GLU A 260 -27.46 -6.08 1.97
C GLU A 260 -26.31 -5.07 1.77
N ASN A 261 -26.67 -3.81 1.42
CA ASN A 261 -25.69 -2.75 1.28
C ASN A 261 -25.76 -1.94 2.57
N LYS A 262 -24.78 -2.17 3.48
CA LYS A 262 -24.73 -1.53 4.80
C LYS A 262 -24.70 -0.02 4.74
N ARG A 263 -23.96 0.56 3.77
CA ARG A 263 -23.90 2.01 3.60
C ARG A 263 -25.22 2.61 3.17
N ALA A 264 -25.94 1.95 2.25
CA ALA A 264 -27.28 2.39 1.80
C ALA A 264 -28.30 2.34 2.96
N VAL A 265 -28.27 1.24 3.74
CA VAL A 265 -29.15 1.07 4.91
C VAL A 265 -28.84 2.14 5.98
N ARG A 266 -27.56 2.41 6.23
CA ARG A 266 -27.15 3.43 7.17
C ARG A 266 -27.63 4.83 6.72
N ARG A 267 -27.48 5.17 5.42
CA ARG A 267 -27.94 6.48 4.91
C ARG A 267 -29.47 6.60 5.12
N LEU A 268 -30.21 5.53 4.84
CA LEU A 268 -31.64 5.50 5.02
C LEU A 268 -32.04 5.59 6.51
N ARG A 269 -31.33 4.85 7.38
CA ARG A 269 -31.59 4.85 8.82
C ARG A 269 -31.41 6.24 9.45
N THR A 270 -30.30 6.93 9.11
CA THR A 270 -30.01 8.29 9.58
C THR A 270 -31.10 9.25 9.10
N ALA A 271 -31.55 9.10 7.85
CA ALA A 271 -32.60 9.93 7.29
C ALA A 271 -33.93 9.69 8.02
N CYS A 272 -34.21 8.43 8.41
CA CYS A 272 -35.42 8.04 9.16
C CYS A 272 -35.41 8.58 10.59
N GLU A 273 -34.24 8.56 11.27
CA GLU A 273 -34.08 9.11 12.63
C GLU A 273 -34.46 10.61 12.64
N ARG A 274 -33.99 11.34 11.62
CA ARG A 274 -34.26 12.76 11.43
C ARG A 274 -35.75 12.99 11.12
N ALA A 275 -36.31 12.20 10.16
CA ALA A 275 -37.71 12.23 9.72
C ALA A 275 -38.65 11.99 10.89
N LYS A 276 -38.30 11.02 11.78
CA LYS A 276 -39.09 10.72 12.98
C LYS A 276 -39.21 11.96 13.88
N ARG A 277 -38.08 12.64 14.13
CA ARG A 277 -38.01 13.85 14.95
C ARG A 277 -38.87 14.95 14.37
N THR A 278 -38.84 15.16 13.04
CA THR A 278 -39.64 16.14 12.28
C THR A 278 -41.15 15.86 12.48
N LEU A 279 -41.55 14.58 12.50
CA LEU A 279 -42.95 14.14 12.64
C LEU A 279 -43.53 14.35 14.05
N SER A 280 -42.70 14.81 15.00
CA SER A 280 -43.15 15.13 16.36
C SER A 280 -43.66 16.58 16.38
N SER A 281 -43.31 17.40 15.37
CA SER A 281 -43.72 18.80 15.26
C SER A 281 -44.42 19.14 13.93
N SER A 282 -44.24 18.31 12.89
CA SER A 282 -44.88 18.47 11.59
C SER A 282 -45.69 17.21 11.28
N THR A 283 -46.61 17.28 10.33
CA THR A 283 -47.46 16.14 9.97
C THR A 283 -46.89 15.38 8.77
N GLN A 284 -45.79 15.88 8.16
CA GLN A 284 -45.12 15.28 7.00
C GLN A 284 -43.60 15.54 7.07
N ALA A 285 -42.81 14.56 6.62
CA ALA A 285 -41.33 14.66 6.55
C ALA A 285 -40.88 14.17 5.20
N SER A 286 -40.04 14.96 4.53
CA SER A 286 -39.50 14.62 3.21
C SER A 286 -38.05 14.15 3.29
N ILE A 287 -37.70 13.17 2.48
CA ILE A 287 -36.34 12.62 2.41
C ILE A 287 -35.85 12.63 0.96
N GLU A 288 -34.63 13.16 0.74
CA GLU A 288 -33.97 13.16 -0.57
C GLU A 288 -32.56 12.57 -0.40
N ILE A 289 -32.37 11.37 -0.93
CA ILE A 289 -31.09 10.68 -0.88
C ILE A 289 -30.65 10.39 -2.31
N ASP A 290 -29.65 11.15 -2.78
CA ASP A 290 -29.09 10.94 -4.11
C ASP A 290 -28.28 9.68 -4.13
N SER A 291 -28.37 8.94 -5.27
CA SER A 291 -27.59 7.76 -5.54
C SER A 291 -27.54 6.80 -4.32
N LEU A 292 -28.72 6.51 -3.74
CA LEU A 292 -28.84 5.64 -2.57
C LEU A 292 -28.28 4.22 -2.84
N TYR A 293 -28.68 3.62 -3.97
CA TYR A 293 -28.27 2.27 -4.33
C TYR A 293 -28.31 2.15 -5.83
N GLU A 294 -27.20 1.64 -6.41
CA GLU A 294 -27.02 1.42 -7.84
C GLU A 294 -27.36 2.65 -8.68
N GLY A 295 -26.97 3.82 -8.15
CA GLY A 295 -27.19 5.12 -8.79
C GLY A 295 -28.59 5.69 -8.73
N ILE A 296 -29.53 4.98 -8.10
CA ILE A 296 -30.92 5.42 -7.98
C ILE A 296 -31.10 6.47 -6.87
N ASP A 297 -31.72 7.62 -7.22
CA ASP A 297 -32.03 8.67 -6.25
C ASP A 297 -33.30 8.28 -5.53
N PHE A 298 -33.33 8.43 -4.21
CA PHE A 298 -34.52 8.09 -3.44
C PHE A 298 -35.16 9.34 -2.81
N TYR A 299 -36.18 9.87 -3.49
CA TYR A 299 -36.90 11.06 -3.06
C TYR A 299 -38.27 10.59 -2.67
N THR A 300 -38.58 10.74 -1.39
CA THR A 300 -39.84 10.27 -0.83
C THR A 300 -40.28 11.13 0.35
N SER A 301 -41.42 10.78 0.93
CA SER A 301 -41.97 11.43 2.10
C SER A 301 -42.79 10.44 2.91
N ILE A 302 -43.06 10.79 4.17
CA ILE A 302 -43.84 10.00 5.13
C ILE A 302 -44.70 10.96 5.96
N THR A 303 -45.97 10.58 6.20
CA THR A 303 -46.89 11.37 7.01
C THR A 303 -46.82 10.89 8.45
N ARG A 304 -47.22 11.74 9.41
CA ARG A 304 -47.28 11.35 10.83
C ARG A 304 -48.23 10.15 10.98
N ALA A 305 -49.33 10.17 10.23
CA ALA A 305 -50.28 9.08 10.30
C ALA A 305 -49.67 7.75 9.90
N ARG A 306 -48.90 7.74 8.82
CA ARG A 306 -48.27 6.51 8.38
C ARG A 306 -47.25 6.01 9.39
N PHE A 307 -46.50 6.92 9.99
CA PHE A 307 -45.50 6.56 11.00
C PHE A 307 -46.23 5.93 12.19
N GLU A 308 -47.34 6.53 12.58
CA GLU A 308 -48.21 6.03 13.65
C GLU A 308 -48.78 4.64 13.25
N GLU A 309 -49.23 4.46 11.98
CA GLU A 309 -49.73 3.17 11.43
C GLU A 309 -48.64 2.08 11.49
N LEU A 310 -47.40 2.39 11.07
CA LEU A 310 -46.28 1.44 11.04
C LEU A 310 -45.87 0.98 12.45
N ASN A 311 -46.11 1.84 13.46
CA ASN A 311 -45.72 1.65 14.87
C ASN A 311 -46.91 1.52 15.83
N ALA A 312 -48.12 1.31 15.28
CA ALA A 312 -49.37 1.20 16.03
C ALA A 312 -49.33 0.23 17.21
N ASP A 313 -48.75 -0.98 17.02
CA ASP A 313 -48.65 -2.02 18.06
C ASP A 313 -47.67 -1.62 19.15
N LEU A 314 -46.54 -1.05 18.74
CA LEU A 314 -45.55 -0.60 19.69
C LEU A 314 -46.06 0.55 20.54
N PHE A 315 -46.74 1.51 19.93
CA PHE A 315 -47.26 2.63 20.70
C PHE A 315 -48.35 2.22 21.69
N ARG A 316 -49.30 1.40 21.22
CA ARG A 316 -50.38 0.92 22.06
C ARG A 316 -49.81 0.05 23.15
N GLY A 317 -48.87 -0.79 22.77
CA GLY A 317 -48.20 -1.68 23.71
C GLY A 317 -47.56 -1.00 24.92
N THR A 318 -47.30 0.35 24.85
CA THR A 318 -46.74 1.11 25.97
C THR A 318 -47.73 1.18 27.17
N LEU A 319 -49.06 0.99 26.90
CA LEU A 319 -50.11 1.01 27.91
C LEU A 319 -50.19 -0.27 28.73
N ASP A 320 -49.60 -1.38 28.24
CA ASP A 320 -49.60 -2.66 28.97
C ASP A 320 -48.74 -2.54 30.25
N PRO A 321 -47.46 -2.03 30.22
CA PRO A 321 -46.74 -1.83 31.50
C PRO A 321 -47.39 -0.79 32.44
N VAL A 322 -48.20 0.15 31.90
CA VAL A 322 -48.95 1.15 32.67
C VAL A 322 -50.03 0.44 33.50
N GLU A 323 -50.84 -0.43 32.83
CA GLU A 323 -51.89 -1.21 33.46
C GLU A 323 -51.29 -2.18 34.49
N LYS A 324 -50.13 -2.79 34.15
CA LYS A 324 -49.44 -3.70 35.06
C LYS A 324 -48.94 -2.95 36.29
N ALA A 325 -48.35 -1.74 36.11
CA ALA A 325 -47.87 -0.90 37.23
C ALA A 325 -49.04 -0.53 38.18
N LEU A 326 -50.19 -0.09 37.62
CA LEU A 326 -51.39 0.26 38.36
C LEU A 326 -51.90 -0.92 39.20
N ARG A 327 -51.91 -2.13 38.60
CA ARG A 327 -52.33 -3.39 39.24
C ARG A 327 -51.41 -3.72 40.42
N ASP A 328 -50.07 -3.65 40.22
CA ASP A 328 -49.08 -3.94 41.26
C ASP A 328 -49.08 -2.92 42.38
N ALA A 329 -49.41 -1.65 42.08
CA ALA A 329 -49.52 -0.57 43.05
C ALA A 329 -50.89 -0.62 43.78
N LYS A 330 -51.79 -1.55 43.34
CA LYS A 330 -53.16 -1.74 43.84
C LYS A 330 -53.94 -0.42 43.68
N LEU A 331 -53.81 0.17 42.48
CA LEU A 331 -54.39 1.46 42.17
C LEU A 331 -55.18 1.52 40.88
N ASP A 332 -56.30 2.26 40.90
CA ASP A 332 -57.12 2.48 39.70
C ASP A 332 -56.49 3.68 39.00
N LYS A 333 -56.61 3.76 37.67
CA LYS A 333 -56.04 4.88 36.87
C LYS A 333 -56.57 6.26 37.33
N SER A 334 -57.79 6.31 37.93
CA SER A 334 -58.43 7.53 38.45
C SER A 334 -57.74 8.05 39.73
N GLN A 335 -56.91 7.21 40.39
CA GLN A 335 -56.19 7.53 41.62
C GLN A 335 -54.82 8.19 41.34
N ILE A 336 -54.44 8.29 40.06
CA ILE A 336 -53.19 8.95 39.65
C ILE A 336 -53.44 10.46 39.58
N HIS A 337 -52.68 11.22 40.40
CA HIS A 337 -52.77 12.68 40.52
C HIS A 337 -51.91 13.39 39.50
N ASP A 338 -50.76 12.78 39.12
CA ASP A 338 -49.81 13.39 38.17
C ASP A 338 -49.16 12.37 37.27
N ILE A 339 -49.08 12.69 35.96
CA ILE A 339 -48.40 11.87 34.96
C ILE A 339 -47.23 12.69 34.42
N VAL A 340 -46.01 12.12 34.49
CA VAL A 340 -44.78 12.77 34.04
C VAL A 340 -44.18 12.01 32.84
N LEU A 341 -43.81 12.75 31.78
CA LEU A 341 -43.19 12.23 30.56
C LEU A 341 -41.67 12.46 30.60
N VAL A 342 -40.91 11.35 30.57
CA VAL A 342 -39.44 11.34 30.59
C VAL A 342 -38.97 10.52 29.36
N GLY A 343 -37.79 10.84 28.82
CA GLY A 343 -37.23 10.17 27.65
C GLY A 343 -37.67 10.86 26.38
N GLY A 344 -36.76 10.93 25.40
CA GLY A 344 -36.98 11.58 24.11
C GLY A 344 -38.18 11.11 23.30
N SER A 345 -38.51 9.80 23.37
CA SER A 345 -39.63 9.21 22.61
C SER A 345 -41.02 9.63 23.12
N THR A 346 -41.11 10.28 24.31
CA THR A 346 -42.38 10.78 24.85
C THR A 346 -42.82 12.05 24.11
N ARG A 347 -41.97 12.56 23.19
CA ARG A 347 -42.26 13.72 22.35
C ARG A 347 -43.22 13.35 21.23
N ILE A 348 -43.31 12.04 20.90
CA ILE A 348 -44.18 11.50 19.86
C ILE A 348 -45.64 11.83 20.20
N PRO A 349 -46.31 12.66 19.36
CA PRO A 349 -47.70 13.07 19.67
C PRO A 349 -48.68 11.93 19.90
N LYS A 350 -48.53 10.78 19.18
CA LYS A 350 -49.40 9.63 19.34
C LYS A 350 -49.29 9.01 20.72
N ILE A 351 -48.04 8.90 21.25
CA ILE A 351 -47.77 8.35 22.57
C ILE A 351 -48.44 9.21 23.66
N GLN A 352 -48.33 10.54 23.52
CA GLN A 352 -48.97 11.52 24.40
C GLN A 352 -50.49 11.38 24.34
N LYS A 353 -51.04 11.26 23.10
CA LYS A 353 -52.47 11.11 22.83
C LYS A 353 -53.02 9.84 23.47
N LEU A 354 -52.33 8.69 23.26
CA LEU A 354 -52.70 7.39 23.83
C LEU A 354 -52.74 7.44 25.36
N LEU A 355 -51.70 8.02 25.97
CA LEU A 355 -51.57 8.11 27.42
C LEU A 355 -52.61 9.04 28.05
N GLN A 356 -52.84 10.22 27.43
CA GLN A 356 -53.83 11.18 27.92
C GLN A 356 -55.25 10.58 27.84
N ASP A 357 -55.55 9.82 26.75
CA ASP A 357 -56.85 9.16 26.54
C ASP A 357 -57.05 8.06 27.56
N PHE A 358 -55.97 7.32 27.89
CA PHE A 358 -56.02 6.28 28.91
C PHE A 358 -56.39 6.89 30.26
N PHE A 359 -55.85 8.09 30.56
CA PHE A 359 -56.13 8.80 31.80
C PHE A 359 -57.30 9.79 31.67
N ASN A 360 -58.24 9.50 30.74
CA ASN A 360 -59.48 10.24 30.48
C ASN A 360 -59.28 11.78 30.34
N GLY A 361 -58.40 12.15 29.42
CA GLY A 361 -58.11 13.55 29.09
C GLY A 361 -57.30 14.34 30.09
N LYS A 362 -56.70 13.67 31.09
CA LYS A 362 -55.87 14.35 32.09
C LYS A 362 -54.59 14.92 31.46
N GLU A 363 -54.30 16.21 31.74
CA GLU A 363 -53.13 16.94 31.23
C GLU A 363 -51.83 16.30 31.72
N LEU A 364 -50.81 16.29 30.83
CA LEU A 364 -49.52 15.67 31.13
C LEU A 364 -48.43 16.66 31.50
N ASN A 365 -47.56 16.28 32.46
CA ASN A 365 -46.39 17.09 32.82
C ASN A 365 -45.32 16.81 31.75
N LYS A 366 -45.14 17.76 30.81
CA LYS A 366 -44.25 17.65 29.66
C LYS A 366 -43.43 18.93 29.34
N SER A 367 -43.59 20.03 30.11
CA SER A 367 -42.90 21.32 29.88
C SER A 367 -41.37 21.24 29.86
N ILE A 368 -40.78 20.41 30.76
CA ILE A 368 -39.34 20.23 30.86
C ILE A 368 -38.92 19.24 29.79
N ASN A 369 -37.86 19.59 29.02
CA ASN A 369 -37.26 18.77 27.98
C ASN A 369 -37.15 17.31 28.52
N PRO A 370 -37.86 16.31 27.92
CA PRO A 370 -37.86 14.94 28.48
C PRO A 370 -36.51 14.23 28.56
N ASP A 371 -35.53 14.66 27.76
CA ASP A 371 -34.16 14.12 27.78
C ASP A 371 -33.38 14.67 28.97
N GLU A 372 -33.82 15.83 29.51
CA GLU A 372 -33.12 16.57 30.55
C GLU A 372 -33.79 16.58 31.92
N ALA A 373 -35.08 16.14 32.00
CA ALA A 373 -35.90 16.14 33.21
C ALA A 373 -35.27 15.44 34.41
N VAL A 374 -34.57 14.31 34.20
CA VAL A 374 -33.97 13.54 35.27
C VAL A 374 -32.75 14.29 35.85
N ALA A 375 -31.83 14.80 34.98
CA ALA A 375 -30.67 15.60 35.41
C ALA A 375 -31.16 16.89 36.09
N TYR A 376 -32.28 17.46 35.60
CA TYR A 376 -32.93 18.66 36.14
C TYR A 376 -33.32 18.43 37.60
N GLY A 377 -34.01 17.32 37.88
CA GLY A 377 -34.45 16.97 39.23
C GLY A 377 -33.28 16.68 40.14
N ALA A 378 -32.23 16.03 39.61
CA ALA A 378 -31.02 15.72 40.34
C ALA A 378 -30.23 17.01 40.70
N ALA A 379 -30.23 18.03 39.81
CA ALA A 379 -29.58 19.34 40.01
C ALA A 379 -30.31 20.11 41.13
N VAL A 380 -31.66 20.00 41.18
CA VAL A 380 -32.50 20.60 42.24
C VAL A 380 -32.15 19.91 43.57
N GLN A 381 -32.03 18.58 43.56
CA GLN A 381 -31.66 17.85 44.76
C GLN A 381 -30.26 18.20 45.24
N ALA A 382 -29.32 18.30 44.30
CA ALA A 382 -27.93 18.67 44.57
C ALA A 382 -27.83 20.03 45.26
N ALA A 383 -28.60 21.04 44.79
CA ALA A 383 -28.64 22.37 45.37
C ALA A 383 -29.24 22.30 46.77
N ILE A 384 -30.34 21.52 46.93
CA ILE A 384 -31.02 21.31 48.23
C ILE A 384 -30.03 20.72 49.27
N LEU A 385 -29.17 19.78 48.83
CA LEU A 385 -28.20 19.10 49.70
C LEU A 385 -26.87 19.86 49.88
N SER A 386 -26.72 21.02 49.22
CA SER A 386 -25.54 21.89 49.33
C SER A 386 -25.65 22.83 50.51
N GLY B 4 -33.08 31.41 -15.47
CA GLY B 4 -32.91 32.86 -15.28
C GLY B 4 -33.80 33.43 -14.20
N SER B 5 -34.14 32.58 -13.20
CA SER B 5 -34.99 32.86 -12.05
C SER B 5 -34.23 32.42 -10.77
N ASN B 6 -32.91 32.66 -10.78
CA ASN B 6 -31.93 32.40 -9.71
C ASN B 6 -32.36 33.17 -8.47
N SER B 7 -32.59 32.46 -7.38
CA SER B 7 -33.12 33.05 -6.15
C SER B 7 -32.07 33.26 -5.07
N PRO B 8 -32.27 34.24 -4.16
CA PRO B 8 -31.30 34.41 -3.04
C PRO B 8 -31.31 33.18 -2.12
N GLN B 9 -32.48 32.51 -1.96
CA GLN B 9 -32.65 31.31 -1.15
C GLN B 9 -31.75 30.17 -1.62
N GLU B 10 -31.56 30.02 -2.95
CA GLU B 10 -30.67 29.00 -3.51
C GLU B 10 -29.18 29.30 -3.19
N GLU B 11 -28.83 30.57 -2.98
CA GLU B 11 -27.47 30.96 -2.58
C GLU B 11 -27.12 30.35 -1.22
N VAL B 12 -28.11 30.26 -0.32
CA VAL B 12 -28.00 29.66 1.01
C VAL B 12 -27.62 28.18 0.87
N GLU B 13 -28.31 27.47 -0.05
CA GLU B 13 -28.09 26.05 -0.32
C GLU B 13 -26.74 25.77 -0.94
N LEU B 14 -26.38 26.56 -1.95
CA LEU B 14 -25.12 26.43 -2.69
C LEU B 14 -23.92 26.66 -1.79
N LYS B 15 -24.05 27.54 -0.78
CA LYS B 15 -23.02 27.81 0.21
C LYS B 15 -22.76 26.59 1.13
N LYS B 16 -23.82 25.87 1.53
CA LYS B 16 -23.72 24.65 2.35
C LYS B 16 -22.98 23.56 1.53
N LEU B 17 -23.37 23.42 0.25
CA LEU B 17 -22.77 22.50 -0.72
C LEU B 17 -21.30 22.82 -0.96
N LYS B 18 -20.96 24.09 -1.11
CA LYS B 18 -19.58 24.49 -1.31
C LYS B 18 -18.75 24.09 -0.10
N HIS B 19 -19.31 24.27 1.09
CA HIS B 19 -18.60 23.90 2.31
C HIS B 19 -18.35 22.40 2.34
N LEU B 20 -19.35 21.63 1.93
CA LEU B 20 -19.23 20.18 1.88
C LEU B 20 -18.18 19.77 0.86
N GLU B 21 -18.16 20.45 -0.28
CA GLU B 21 -17.17 20.20 -1.34
C GLU B 21 -15.74 20.37 -0.80
N LYS B 22 -15.52 21.43 0.00
CA LYS B 22 -14.23 21.72 0.64
C LYS B 22 -13.87 20.62 1.63
N SER B 23 -14.84 20.16 2.44
CA SER B 23 -14.64 19.07 3.40
C SER B 23 -14.23 17.78 2.65
N VAL B 24 -14.87 17.50 1.50
CA VAL B 24 -14.59 16.37 0.64
C VAL B 24 -13.15 16.45 0.14
N GLU B 25 -12.69 17.67 -0.25
CA GLU B 25 -11.31 17.90 -0.71
C GLU B 25 -10.28 17.53 0.37
N LYS B 26 -10.52 17.91 1.65
CA LYS B 26 -9.62 17.57 2.75
C LYS B 26 -9.52 16.02 2.98
N ILE B 27 -10.69 15.33 2.95
CA ILE B 27 -10.73 13.86 3.13
C ILE B 27 -10.07 13.17 1.94
N ALA B 28 -10.32 13.66 0.71
CA ALA B 28 -9.72 13.14 -0.53
C ALA B 28 -8.18 13.24 -0.49
N ASP B 29 -7.63 14.28 0.18
CA ASP B 29 -6.19 14.46 0.37
C ASP B 29 -5.60 13.36 1.29
N GLN B 30 -6.37 12.98 2.32
CA GLN B 30 -6.00 11.92 3.25
C GLN B 30 -5.99 10.57 2.53
N LEU B 31 -6.99 10.35 1.66
CA LEU B 31 -7.13 9.14 0.86
C LEU B 31 -5.98 9.04 -0.13
N GLU B 32 -5.59 10.17 -0.75
CA GLU B 32 -4.47 10.19 -1.68
C GLU B 32 -3.17 9.79 -0.98
N GLU B 33 -2.93 10.29 0.26
CA GLU B 33 -1.76 9.96 1.08
C GLU B 33 -1.77 8.48 1.43
N LEU B 34 -2.97 7.94 1.77
CA LEU B 34 -3.15 6.53 2.08
C LEU B 34 -2.86 5.68 0.85
N ASN B 35 -3.30 6.14 -0.33
CA ASN B 35 -3.08 5.45 -1.60
C ASN B 35 -1.60 5.36 -1.90
N LYS B 36 -0.84 6.45 -1.63
CA LYS B 36 0.61 6.52 -1.85
C LYS B 36 1.37 5.57 -0.88
N GLU B 37 0.92 5.50 0.38
CA GLU B 37 1.50 4.62 1.40
C GLU B 37 1.24 3.14 1.12
N LEU B 38 0.01 2.82 0.67
CA LEU B 38 -0.41 1.47 0.30
C LEU B 38 0.47 0.97 -0.86
N THR B 39 0.70 1.85 -1.86
CA THR B 39 1.53 1.58 -3.04
C THR B 39 2.96 1.26 -2.62
N GLY B 40 3.51 2.07 -1.71
CA GLY B 40 4.87 1.90 -1.18
C GLY B 40 5.05 0.51 -0.59
N ILE B 41 4.17 0.12 0.33
CA ILE B 41 4.22 -1.20 0.95
C ILE B 41 4.11 -2.32 -0.10
N GLN B 42 3.29 -2.12 -1.12
CA GLN B 42 3.13 -3.13 -2.15
C GLN B 42 4.44 -3.43 -2.89
N GLN B 43 5.40 -2.51 -2.84
CA GLN B 43 6.71 -2.69 -3.53
C GLN B 43 7.45 -3.95 -2.99
N GLY B 44 7.33 -4.20 -1.68
CA GLY B 44 7.93 -5.36 -1.02
C GLY B 44 9.31 -5.18 -0.39
N PHE B 45 9.72 -3.92 -0.16
CA PHE B 45 11.00 -3.61 0.47
C PHE B 45 11.02 -3.90 1.96
N LEU B 46 9.84 -4.11 2.51
CA LEU B 46 9.70 -4.45 3.91
C LEU B 46 9.93 -5.95 4.04
N PRO B 47 10.45 -6.43 5.17
CA PRO B 47 10.64 -7.87 5.32
C PRO B 47 9.26 -8.48 5.17
N LYS B 48 9.12 -9.56 4.40
CA LYS B 48 7.80 -10.13 4.13
C LYS B 48 7.09 -10.51 5.41
N ASP B 49 7.82 -11.06 6.36
CA ASP B 49 7.21 -11.41 7.65
C ASP B 49 6.60 -10.20 8.37
N LEU B 50 6.87 -8.97 7.87
CA LEU B 50 6.35 -7.73 8.47
C LEU B 50 5.42 -6.93 7.53
N GLN B 51 5.27 -7.38 6.25
CA GLN B 51 4.41 -6.76 5.22
C GLN B 51 2.94 -6.74 5.68
N ALA B 52 2.43 -7.93 6.09
CA ALA B 52 1.07 -8.14 6.62
C ALA B 52 0.69 -7.16 7.77
N GLU B 53 1.62 -6.91 8.73
CA GLU B 53 1.38 -6.00 9.86
C GLU B 53 1.37 -4.50 9.47
N ALA B 54 2.21 -4.08 8.49
CA ALA B 54 2.28 -2.69 8.00
C ALA B 54 0.98 -2.35 7.25
N LEU B 55 0.53 -3.29 6.37
CA LEU B 55 -0.71 -3.21 5.63
C LEU B 55 -1.84 -3.10 6.61
N CYS B 56 -1.87 -3.98 7.64
CA CYS B 56 -2.93 -3.98 8.64
C CYS B 56 -2.88 -2.76 9.57
N LYS B 57 -1.73 -2.05 9.64
CA LYS B 57 -1.60 -0.83 10.42
C LYS B 57 -2.32 0.36 9.72
N LEU B 58 -2.57 0.27 8.38
CA LEU B 58 -3.29 1.29 7.58
C LEU B 58 -4.81 1.21 7.77
N ASP B 59 -5.26 0.15 8.43
CA ASP B 59 -6.68 -0.15 8.67
C ASP B 59 -7.44 0.96 9.38
N ARG B 60 -6.92 1.49 10.50
CA ARG B 60 -7.55 2.55 11.28
C ARG B 60 -7.74 3.81 10.44
N ARG B 61 -6.72 4.19 9.66
CA ARG B 61 -6.73 5.36 8.80
C ARG B 61 -7.75 5.26 7.64
N VAL B 62 -7.81 4.08 6.98
CA VAL B 62 -8.75 3.81 5.89
C VAL B 62 -10.19 3.91 6.42
N LYS B 63 -10.44 3.27 7.59
CA LYS B 63 -11.72 3.25 8.27
C LYS B 63 -12.16 4.66 8.69
N ALA B 64 -11.21 5.49 9.16
CA ALA B 64 -11.48 6.87 9.53
C ALA B 64 -11.87 7.67 8.28
N THR B 65 -11.22 7.39 7.14
CA THR B 65 -11.48 8.06 5.85
C THR B 65 -12.89 7.73 5.36
N ILE B 66 -13.25 6.42 5.38
CA ILE B 66 -14.56 5.88 5.03
C ILE B 66 -15.63 6.54 5.89
N GLU B 67 -15.42 6.58 7.21
CA GLU B 67 -16.33 7.19 8.17
C GLU B 67 -16.54 8.67 7.90
N GLN B 68 -15.47 9.40 7.57
CA GLN B 68 -15.57 10.83 7.28
C GLN B 68 -16.42 11.06 6.03
N PHE B 69 -16.24 10.24 4.99
CA PHE B 69 -17.04 10.31 3.76
C PHE B 69 -18.50 9.94 4.03
N MET B 70 -18.75 8.96 4.92
CA MET B 70 -20.11 8.55 5.30
C MET B 70 -20.83 9.68 6.01
N LYS B 71 -20.14 10.40 6.92
CA LYS B 71 -20.69 11.55 7.64
C LYS B 71 -21.01 12.71 6.69
N ILE B 72 -20.20 12.88 5.61
CA ILE B 72 -20.45 13.89 4.57
C ILE B 72 -21.77 13.54 3.85
N LEU B 73 -21.94 12.25 3.45
CA LEU B 73 -23.16 11.78 2.80
C LEU B 73 -24.38 11.99 3.67
N GLU B 74 -24.27 11.72 4.98
CA GLU B 74 -25.38 11.89 5.92
C GLU B 74 -25.75 13.37 6.04
N GLU B 75 -24.76 14.25 5.99
CA GLU B 75 -25.03 15.68 6.02
C GLU B 75 -25.73 16.15 4.74
N ILE B 76 -25.29 15.64 3.61
CA ILE B 76 -25.85 15.97 2.31
C ILE B 76 -27.30 15.53 2.22
N ASP B 77 -27.58 14.39 2.83
CA ASP B 77 -28.89 13.77 2.85
C ASP B 77 -29.95 14.58 3.62
N THR B 78 -29.51 15.55 4.41
CA THR B 78 -30.40 16.40 5.21
C THR B 78 -30.98 17.51 4.34
N LEU B 79 -30.44 17.69 3.15
CA LEU B 79 -30.89 18.72 2.23
C LEU B 79 -32.15 18.42 1.45
N ILE B 80 -33.00 19.42 1.35
CA ILE B 80 -34.22 19.32 0.57
C ILE B 80 -34.05 20.43 -0.42
N LEU B 81 -34.04 20.11 -1.70
CA LEU B 81 -33.89 21.15 -2.69
C LEU B 81 -35.05 21.06 -3.66
N PRO B 82 -35.82 22.13 -3.74
CA PRO B 82 -36.97 22.11 -4.66
C PRO B 82 -36.53 21.96 -6.12
N GLU B 83 -37.42 21.45 -6.98
CA GLU B 83 -37.16 21.20 -8.40
C GLU B 83 -36.57 22.43 -9.15
N ASN B 84 -36.98 23.66 -8.73
CA ASN B 84 -36.53 24.93 -9.31
C ASN B 84 -35.08 25.29 -8.93
N PHE B 85 -34.51 24.59 -7.92
CA PHE B 85 -33.12 24.78 -7.50
C PHE B 85 -32.25 23.83 -8.33
N LYS B 86 -32.28 24.01 -9.66
CA LYS B 86 -31.56 23.19 -10.63
C LYS B 86 -30.04 23.11 -10.35
N ASP B 87 -29.37 24.26 -10.13
CA ASP B 87 -27.93 24.33 -9.86
C ASP B 87 -27.51 23.64 -8.56
N SER B 88 -28.35 23.73 -7.52
CA SER B 88 -28.09 23.07 -6.23
C SER B 88 -28.24 21.57 -6.38
N ARG B 89 -29.25 21.13 -7.14
CA ARG B 89 -29.52 19.71 -7.38
C ARG B 89 -28.40 19.07 -8.17
N LEU B 90 -27.85 19.78 -9.16
CA LEU B 90 -26.72 19.31 -9.96
C LEU B 90 -25.42 19.24 -9.13
N LYS B 91 -25.18 20.26 -8.25
CA LYS B 91 -24.02 20.28 -7.36
C LYS B 91 -24.12 19.12 -6.29
N ARG B 92 -25.32 18.91 -5.73
CA ARG B 92 -25.53 17.83 -4.77
C ARG B 92 -25.23 16.46 -5.42
N LYS B 93 -25.80 16.23 -6.63
CA LYS B 93 -25.64 15.04 -7.43
C LYS B 93 -24.19 14.76 -7.76
N GLY B 94 -23.49 15.78 -8.24
CA GLY B 94 -22.07 15.66 -8.57
C GLY B 94 -21.24 15.30 -7.37
N LEU B 95 -21.53 15.94 -6.22
CA LEU B 95 -20.80 15.71 -4.97
C LEU B 95 -21.00 14.32 -4.41
N VAL B 96 -22.26 13.80 -4.41
CA VAL B 96 -22.58 12.44 -3.96
C VAL B 96 -21.77 11.41 -4.81
N LYS B 97 -21.81 11.57 -6.14
CA LYS B 97 -21.08 10.71 -7.09
C LYS B 97 -19.55 10.72 -6.82
N LYS B 98 -18.99 11.89 -6.55
CA LYS B 98 -17.57 12.07 -6.27
C LYS B 98 -17.20 11.34 -4.96
N VAL B 99 -18.00 11.52 -3.91
CA VAL B 99 -17.80 10.84 -2.62
C VAL B 99 -17.88 9.33 -2.80
N GLN B 100 -18.87 8.86 -3.55
CA GLN B 100 -19.07 7.44 -3.84
C GLN B 100 -17.92 6.81 -4.59
N ALA B 101 -17.30 7.55 -5.54
CA ALA B 101 -16.14 7.07 -6.30
C ALA B 101 -14.94 6.99 -5.34
N PHE B 102 -14.82 7.94 -4.37
CA PHE B 102 -13.78 7.91 -3.33
C PHE B 102 -14.01 6.74 -2.35
N LEU B 103 -15.27 6.46 -2.01
CA LEU B 103 -15.62 5.33 -1.16
C LEU B 103 -15.24 3.98 -1.80
N ALA B 104 -15.44 3.82 -3.11
CA ALA B 104 -15.09 2.62 -3.87
C ALA B 104 -13.54 2.45 -3.87
N GLU B 105 -12.78 3.56 -3.83
CA GLU B 105 -11.31 3.55 -3.75
C GLU B 105 -10.90 3.09 -2.37
N CYS B 106 -11.62 3.55 -1.30
CA CYS B 106 -11.40 3.13 0.09
C CYS B 106 -11.58 1.63 0.22
N ASP B 107 -12.65 1.10 -0.40
CA ASP B 107 -13.00 -0.33 -0.43
C ASP B 107 -11.87 -1.12 -1.01
N THR B 108 -11.22 -0.58 -2.07
CA THR B 108 -10.08 -1.19 -2.76
C THR B 108 -8.93 -1.35 -1.77
N VAL B 109 -8.67 -0.32 -0.95
CA VAL B 109 -7.65 -0.34 0.11
C VAL B 109 -7.99 -1.42 1.17
N GLU B 110 -9.25 -1.48 1.66
CA GLU B 110 -9.70 -2.49 2.63
C GLU B 110 -9.53 -3.95 2.16
N GLN B 111 -9.65 -4.20 0.85
CA GLN B 111 -9.48 -5.50 0.20
C GLN B 111 -7.97 -5.87 0.11
N ASN B 112 -7.08 -4.89 0.25
CA ASN B 112 -5.64 -5.09 0.13
C ASN B 112 -4.82 -5.03 1.42
N ILE B 113 -5.50 -4.89 2.54
CA ILE B 113 -4.89 -4.81 3.85
C ILE B 113 -5.64 -5.77 4.79
N CYS B 114 -4.94 -6.33 5.82
CA CYS B 114 -5.50 -7.26 6.82
C CYS B 114 -6.07 -8.58 6.21
N GLN B 115 -5.59 -8.98 5.02
CA GLN B 115 -6.05 -10.18 4.32
C GLN B 115 -5.13 -11.36 4.59
N MET C 6 54.28 23.23 32.00
CA MET C 6 52.84 23.47 32.07
C MET C 6 52.31 23.40 33.50
N SER C 7 51.37 24.31 33.84
CA SER C 7 50.70 24.34 35.15
C SER C 7 49.67 23.20 35.27
N LYS C 8 49.18 22.95 36.48
CA LYS C 8 48.21 21.89 36.75
C LYS C 8 46.82 22.27 36.27
N GLY C 9 46.21 21.40 35.50
CA GLY C 9 44.88 21.63 34.95
C GLY C 9 43.73 21.05 35.74
N PRO C 10 42.49 21.16 35.21
CA PRO C 10 41.35 20.59 35.94
C PRO C 10 41.19 19.07 35.67
N ALA C 11 40.20 18.47 36.30
CA ALA C 11 39.86 17.07 36.13
C ALA C 11 38.96 16.96 34.90
N VAL C 12 39.10 15.86 34.16
CA VAL C 12 38.37 15.60 32.93
C VAL C 12 37.47 14.39 33.06
N GLY C 13 36.50 14.32 32.15
CA GLY C 13 35.61 13.17 32.02
C GLY C 13 35.95 12.45 30.74
N ILE C 14 36.21 11.15 30.84
CA ILE C 14 36.55 10.37 29.66
C ILE C 14 35.59 9.22 29.46
N ASP C 15 35.00 9.15 28.27
CA ASP C 15 34.11 8.06 27.94
C ASP C 15 34.99 7.13 27.13
N LEU C 16 35.35 6.00 27.73
CA LEU C 16 36.20 5.04 27.06
C LEU C 16 35.22 4.11 26.37
N GLY C 17 35.06 4.32 25.08
CA GLY C 17 34.10 3.55 24.28
C GLY C 17 34.71 2.40 23.51
N THR C 18 33.82 1.50 23.04
CA THR C 18 34.20 0.31 22.28
C THR C 18 34.89 0.71 20.97
N THR C 19 34.23 1.61 20.18
CA THR C 19 34.67 2.05 18.86
C THR C 19 35.36 3.44 18.91
N TYR C 20 34.83 4.34 19.76
CA TYR C 20 35.37 5.69 19.92
CA TYR C 20 35.36 5.71 19.92
C TYR C 20 35.42 6.10 21.39
N SER C 21 36.33 7.02 21.73
CA SER C 21 36.44 7.58 23.06
C SER C 21 36.22 9.08 22.95
N CYS C 22 35.70 9.68 24.02
CA CYS C 22 35.36 11.09 24.04
C CYS C 22 35.83 11.67 25.37
N VAL C 23 36.49 12.86 25.34
CA VAL C 23 36.96 13.54 26.54
C VAL C 23 36.31 14.95 26.66
N GLY C 24 35.81 15.26 27.84
CA GLY C 24 35.20 16.56 28.14
C GLY C 24 35.77 17.21 29.39
N VAL C 25 35.56 18.51 29.49
CA VAL C 25 36.03 19.31 30.62
C VAL C 25 34.96 20.34 31.00
N PHE C 26 34.64 20.38 32.30
CA PHE C 26 33.72 21.37 32.83
C PHE C 26 34.56 22.61 33.20
N GLN C 27 34.27 23.74 32.55
CA GLN C 27 34.94 25.04 32.78
C GLN C 27 34.00 26.17 32.40
N HIS C 28 34.05 27.27 33.15
CA HIS C 28 33.21 28.44 32.88
C HIS C 28 31.72 28.11 32.92
N GLY C 29 31.33 27.32 33.90
CA GLY C 29 29.95 26.87 34.09
C GLY C 29 29.37 25.98 33.02
N LYS C 30 30.21 25.40 32.15
CA LYS C 30 29.73 24.53 31.07
C LYS C 30 30.74 23.44 30.69
N VAL C 31 30.25 22.41 30.01
CA VAL C 31 31.09 21.33 29.56
C VAL C 31 31.60 21.59 28.16
N GLU C 32 32.88 21.36 27.96
CA GLU C 32 33.48 21.50 26.66
C GLU C 32 33.92 20.12 26.20
N ILE C 33 33.41 19.64 25.08
CA ILE C 33 33.85 18.35 24.57
C ILE C 33 35.08 18.73 23.76
N ILE C 34 36.21 18.14 24.11
CA ILE C 34 37.48 18.45 23.51
C ILE C 34 37.83 17.75 22.21
N ALA C 35 38.06 18.56 21.19
CA ALA C 35 38.44 18.09 19.87
C ALA C 35 39.88 17.59 19.87
N ASN C 36 40.15 16.55 19.11
CA ASN C 36 41.50 16.01 19.01
C ASN C 36 42.35 16.77 17.99
N ASP C 37 43.56 16.29 17.73
CA ASP C 37 44.47 16.94 16.83
C ASP C 37 43.92 17.04 15.40
N GLN C 38 43.00 16.15 15.04
CA GLN C 38 42.37 16.13 13.74
C GLN C 38 41.06 16.91 13.73
N GLY C 39 40.77 17.59 14.83
CA GLY C 39 39.57 18.39 14.97
C GLY C 39 38.31 17.61 15.23
N ASN C 40 38.47 16.34 15.60
CA ASN C 40 37.35 15.46 15.87
C ASN C 40 37.00 15.36 17.34
N ARG C 41 35.72 15.50 17.64
CA ARG C 41 35.22 15.44 19.01
C ARG C 41 35.22 14.03 19.62
N THR C 42 35.39 13.02 18.78
CA THR C 42 35.49 11.63 19.22
C THR C 42 36.76 11.05 18.61
N THR C 43 37.41 10.13 19.30
CA THR C 43 38.65 9.52 18.82
C THR C 43 38.47 8.01 18.72
N PRO C 44 38.77 7.39 17.55
CA PRO C 44 38.67 5.91 17.45
C PRO C 44 39.49 5.20 18.51
N SER C 45 38.91 4.20 19.17
CA SER C 45 39.58 3.40 20.20
C SER C 45 40.45 2.35 19.50
N TYR C 46 41.37 2.84 18.69
CA TYR C 46 42.21 2.01 17.83
C TYR C 46 43.68 2.22 18.11
N VAL C 47 44.44 1.15 18.07
CA VAL C 47 45.89 1.19 18.25
C VAL C 47 46.47 0.34 17.12
N ALA C 48 47.41 0.89 16.35
CA ALA C 48 48.05 0.21 15.24
C ALA C 48 49.54 0.07 15.49
N PHE C 49 50.09 -1.08 15.09
CA PHE C 49 51.49 -1.41 15.26
C PHE C 49 52.09 -1.61 13.90
N THR C 50 53.10 -0.82 13.56
CA THR C 50 53.73 -0.91 12.23
C THR C 50 55.19 -1.33 12.35
N ASP C 51 55.90 -1.39 11.20
CA ASP C 51 57.32 -1.72 11.13
C ASP C 51 58.16 -0.60 11.78
N THR C 52 57.59 0.60 11.94
CA THR C 52 58.33 1.77 12.47
C THR C 52 57.71 2.45 13.70
N GLU C 53 56.40 2.34 13.89
CA GLU C 53 55.72 3.08 14.95
C GLU C 53 54.46 2.43 15.51
N ARG C 54 53.91 3.11 16.52
CA ARG C 54 52.67 2.81 17.20
C ARG C 54 51.75 4.02 16.92
N LEU C 55 50.56 3.75 16.41
CA LEU C 55 49.61 4.78 16.08
C LEU C 55 48.34 4.64 16.91
N ILE C 56 47.83 5.76 17.40
CA ILE C 56 46.63 5.78 18.21
C ILE C 56 45.55 6.71 17.64
N GLY C 57 44.30 6.34 17.81
CA GLY C 57 43.16 7.08 17.32
C GLY C 57 42.97 7.18 15.82
N ASP C 58 42.71 8.38 15.32
CA ASP C 58 42.47 8.61 13.89
C ASP C 58 43.58 8.06 13.00
N ALA C 59 44.86 8.22 13.42
CA ALA C 59 46.00 7.74 12.63
C ALA C 59 46.00 6.22 12.53
N ALA C 60 45.55 5.53 13.59
CA ALA C 60 45.45 4.07 13.62
C ALA C 60 44.29 3.63 12.73
N LYS C 61 43.10 4.24 12.89
CA LYS C 61 41.94 3.89 12.08
C LYS C 61 42.16 4.16 10.55
N ASN C 62 42.84 5.26 10.21
CA ASN C 62 43.10 5.66 8.82
C ASN C 62 43.92 4.65 8.02
N GLN C 63 44.74 3.86 8.70
CA GLN C 63 45.58 2.84 8.06
C GLN C 63 45.11 1.40 8.29
N VAL C 64 43.89 1.23 8.78
CA VAL C 64 43.38 -0.11 9.06
C VAL C 64 43.31 -1.02 7.83
N ALA C 65 42.89 -0.47 6.70
CA ALA C 65 42.80 -1.26 5.48
C ALA C 65 44.19 -1.76 5.08
N MET C 66 45.17 -0.87 5.23
CA MET C 66 46.56 -1.18 4.92
C MET C 66 47.21 -2.24 5.83
N ASN C 67 46.89 -2.18 7.12
CA ASN C 67 47.46 -3.10 8.10
C ASN C 67 46.37 -3.69 9.00
N PRO C 68 45.49 -4.50 8.44
CA PRO C 68 44.39 -5.09 9.21
C PRO C 68 44.74 -6.01 10.38
N THR C 69 45.71 -6.90 10.21
CA THR C 69 46.11 -7.84 11.26
C THR C 69 46.76 -7.17 12.48
N ASN C 70 47.53 -6.12 12.25
CA ASN C 70 48.24 -5.40 13.30
C ASN C 70 47.53 -4.17 13.89
N THR C 71 46.27 -3.96 13.51
CA THR C 71 45.50 -2.84 14.04
C THR C 71 44.46 -3.39 15.01
N VAL C 72 44.57 -2.97 16.27
CA VAL C 72 43.70 -3.42 17.36
C VAL C 72 42.61 -2.39 17.62
N PHE C 73 41.42 -2.93 17.88
CA PHE C 73 40.21 -2.21 18.20
C PHE C 73 39.36 -3.19 19.01
N ASP C 74 38.28 -2.72 19.62
CA ASP C 74 37.40 -3.58 20.42
C ASP C 74 38.04 -4.16 21.69
N ALA C 75 39.06 -3.49 22.22
CA ALA C 75 39.75 -3.93 23.41
C ALA C 75 38.80 -3.97 24.61
N LYS C 76 37.79 -3.12 24.55
CA LYS C 76 36.76 -2.99 25.56
C LYS C 76 35.92 -4.31 25.65
N ARG C 77 35.81 -5.04 24.52
CA ARG C 77 35.10 -6.33 24.47
C ARG C 77 35.92 -7.43 25.15
N LEU C 78 37.21 -7.17 25.34
CA LEU C 78 38.12 -8.10 25.98
C LEU C 78 38.55 -7.72 27.39
N ILE C 79 38.52 -6.45 27.71
CA ILE C 79 39.02 -5.99 28.99
C ILE C 79 38.33 -6.61 30.19
N GLY C 80 39.15 -7.10 31.11
CA GLY C 80 38.68 -7.72 32.32
C GLY C 80 38.07 -9.10 32.14
N ARG C 81 38.14 -9.67 30.94
CA ARG C 81 37.55 -11.00 30.72
C ARG C 81 38.60 -12.08 30.69
N ARG C 82 38.17 -13.32 30.98
CA ARG C 82 39.00 -14.51 30.91
C ARG C 82 39.03 -14.91 29.44
N PHE C 83 40.10 -15.56 28.99
CA PHE C 83 40.24 -16.01 27.60
C PHE C 83 39.07 -16.86 27.13
N ASP C 84 38.59 -17.75 27.99
CA ASP C 84 37.53 -18.71 27.66
C ASP C 84 36.10 -18.18 27.74
N ASP C 85 35.97 -16.89 28.01
CA ASP C 85 34.68 -16.23 28.10
C ASP C 85 34.02 -16.42 26.75
N ALA C 86 32.72 -16.68 26.74
CA ALA C 86 31.98 -16.92 25.51
C ALA C 86 32.07 -15.71 24.57
N VAL C 87 32.04 -14.53 25.15
CA VAL C 87 32.17 -13.22 24.44
C VAL C 87 33.54 -13.15 23.70
N VAL C 88 34.64 -13.52 24.35
CA VAL C 88 35.97 -13.54 23.75
C VAL C 88 36.02 -14.54 22.59
N GLN C 89 35.58 -15.76 22.83
CA GLN C 89 35.64 -16.79 21.80
C GLN C 89 34.82 -16.42 20.56
N SER C 90 33.59 -15.88 20.75
CA SER C 90 32.67 -15.48 19.68
C SER C 90 33.23 -14.28 18.87
N ASP C 91 33.65 -13.18 19.54
CA ASP C 91 34.21 -11.99 18.88
C ASP C 91 35.50 -12.31 18.12
N MET C 92 36.38 -13.18 18.69
CA MET C 92 37.64 -13.63 18.06
C MET C 92 37.54 -14.04 16.59
N LYS C 93 36.44 -14.73 16.21
CA LYS C 93 36.16 -15.17 14.84
C LYS C 93 36.06 -14.02 13.80
N HIS C 94 35.63 -12.85 14.26
CA HIS C 94 35.48 -11.66 13.42
C HIS C 94 36.58 -10.60 13.45
N TRP C 95 37.58 -10.76 14.31
CA TRP C 95 38.66 -9.79 14.39
C TRP C 95 39.78 -10.18 13.46
N PRO C 96 40.39 -9.20 12.72
CA PRO C 96 41.52 -9.57 11.85
C PRO C 96 42.81 -9.78 12.64
N PHE C 97 42.88 -9.24 13.89
CA PHE C 97 44.03 -9.39 14.78
C PHE C 97 43.91 -10.66 15.59
N MET C 98 45.05 -11.18 16.08
CA MET C 98 45.10 -12.41 16.87
C MET C 98 44.90 -12.18 18.36
N VAL C 99 44.13 -13.07 19.00
CA VAL C 99 43.93 -13.06 20.44
C VAL C 99 44.47 -14.40 20.94
N VAL C 100 45.48 -14.34 21.81
CA VAL C 100 46.12 -15.52 22.40
C VAL C 100 45.78 -15.66 23.87
N ASN C 101 45.95 -16.86 24.41
CA ASN C 101 45.71 -17.19 25.80
C ASN C 101 47.03 -17.16 26.57
N ASP C 102 47.12 -16.32 27.58
CA ASP C 102 48.30 -16.24 28.45
C ASP C 102 47.83 -16.56 29.88
N ALA C 103 47.92 -17.85 30.26
CA ALA C 103 47.53 -18.38 31.58
C ALA C 103 46.09 -18.00 31.99
N GLY C 104 45.14 -18.20 31.06
CA GLY C 104 43.72 -17.92 31.26
C GLY C 104 43.32 -16.52 30.85
N ARG C 105 44.30 -15.65 30.59
CA ARG C 105 44.06 -14.26 30.20
C ARG C 105 44.20 -14.00 28.70
N PRO C 106 43.28 -13.20 28.10
CA PRO C 106 43.45 -12.88 26.67
C PRO C 106 44.52 -11.81 26.47
N LYS C 107 45.23 -11.90 25.36
CA LYS C 107 46.24 -10.90 24.95
C LYS C 107 46.11 -10.76 23.45
N VAL C 108 46.21 -9.52 22.95
CA VAL C 108 46.21 -9.33 21.50
C VAL C 108 47.67 -9.56 21.07
N GLN C 109 47.88 -10.27 19.97
CA GLN C 109 49.21 -10.56 19.46
C GLN C 109 49.37 -9.88 18.12
N VAL C 110 50.39 -9.05 17.98
CA VAL C 110 50.68 -8.24 16.78
C VAL C 110 52.15 -8.32 16.38
N GLU C 111 52.44 -7.87 15.15
CA GLU C 111 53.80 -7.68 14.65
C GLU C 111 54.05 -6.18 14.83
N TYR C 112 55.11 -5.83 15.58
CA TYR C 112 55.46 -4.46 15.91
C TYR C 112 56.97 -4.30 15.76
N LYS C 113 57.37 -3.41 14.82
CA LYS C 113 58.77 -3.14 14.46
C LYS C 113 59.52 -4.46 14.09
N GLY C 114 58.83 -5.31 13.32
CA GLY C 114 59.34 -6.59 12.86
C GLY C 114 59.35 -7.73 13.86
N GLU C 115 58.85 -7.49 15.09
CA GLU C 115 58.84 -8.46 16.19
C GLU C 115 57.43 -8.82 16.63
N THR C 116 57.24 -10.08 17.05
CA THR C 116 55.96 -10.54 17.58
C THR C 116 55.85 -10.08 19.03
N LYS C 117 54.80 -9.31 19.34
CA LYS C 117 54.55 -8.75 20.67
C LYS C 117 53.09 -8.96 21.06
N SER C 118 52.84 -9.15 22.38
CA SER C 118 51.49 -9.32 22.94
C SER C 118 51.17 -8.28 23.99
N PHE C 119 49.89 -7.86 24.05
CA PHE C 119 49.45 -6.81 24.96
C PHE C 119 48.19 -7.21 25.66
N TYR C 120 48.10 -6.95 26.97
CA TYR C 120 46.88 -7.23 27.72
C TYR C 120 45.83 -6.21 27.27
N PRO C 121 44.50 -6.53 27.30
CA PRO C 121 43.51 -5.51 26.91
C PRO C 121 43.64 -4.16 27.65
N GLU C 122 44.08 -4.17 28.94
CA GLU C 122 44.26 -2.92 29.70
C GLU C 122 45.47 -2.11 29.24
N GLU C 123 46.44 -2.75 28.58
CA GLU C 123 47.60 -1.99 28.05
C GLU C 123 47.17 -1.25 26.79
N VAL C 124 46.35 -1.90 25.95
CA VAL C 124 45.77 -1.30 24.74
C VAL C 124 44.86 -0.13 25.15
N SER C 125 43.99 -0.34 26.15
CA SER C 125 43.10 0.71 26.64
C SER C 125 43.81 1.86 27.31
N SER C 126 45.00 1.61 27.91
CA SER C 126 45.83 2.64 28.53
C SER C 126 46.43 3.55 27.47
N MET C 127 46.73 3.01 26.27
CA MET C 127 47.28 3.77 25.13
C MET C 127 46.20 4.70 24.61
N VAL C 128 44.95 4.21 24.58
CA VAL C 128 43.80 5.01 24.17
C VAL C 128 43.55 6.10 25.25
N LEU C 129 43.63 5.75 26.56
CA LEU C 129 43.48 6.71 27.65
C LEU C 129 44.60 7.78 27.67
N THR C 130 45.86 7.38 27.31
CA THR C 130 47.01 8.30 27.18
C THR C 130 46.71 9.34 26.10
N LYS C 131 46.13 8.90 24.96
CA LYS C 131 45.74 9.80 23.86
C LYS C 131 44.61 10.76 24.30
N MET C 132 43.61 10.28 25.00
CA MET C 132 42.52 11.15 25.53
C MET C 132 43.07 12.20 26.48
N LYS C 133 44.03 11.80 27.35
CA LYS C 133 44.72 12.66 28.32
C LYS C 133 45.53 13.72 27.55
N GLU C 134 46.20 13.32 26.47
CA GLU C 134 47.00 14.24 25.66
C GLU C 134 46.15 15.21 24.90
N ILE C 135 44.95 14.78 24.43
CA ILE C 135 43.97 15.60 23.72
C ILE C 135 43.49 16.72 24.67
N ALA C 136 43.19 16.36 25.94
CA ALA C 136 42.78 17.32 26.97
C ALA C 136 43.91 18.34 27.27
N GLU C 137 45.17 17.86 27.44
CA GLU C 137 46.34 18.71 27.71
C GLU C 137 46.64 19.65 26.56
N ALA C 138 46.50 19.17 25.30
CA ALA C 138 46.77 20.00 24.10
C ALA C 138 45.77 21.15 24.00
N TYR C 139 44.54 20.92 24.44
CA TYR C 139 43.50 21.94 24.41
C TYR C 139 43.66 22.95 25.55
N LEU C 140 43.86 22.45 26.76
CA LEU C 140 43.93 23.28 27.95
C LEU C 140 45.23 24.03 28.13
N GLY C 141 46.33 23.45 27.62
CA GLY C 141 47.68 24.00 27.78
C GLY C 141 48.16 23.81 29.20
N LYS C 142 47.58 22.82 29.91
CA LYS C 142 47.87 22.48 31.29
C LYS C 142 47.98 20.97 31.40
N THR C 143 48.71 20.46 32.42
CA THR C 143 48.85 19.03 32.70
C THR C 143 47.50 18.47 33.18
N VAL C 144 47.13 17.27 32.73
CA VAL C 144 45.88 16.57 33.10
C VAL C 144 46.25 15.24 33.80
N THR C 145 45.79 15.06 35.04
CA THR C 145 46.04 13.84 35.81
C THR C 145 44.75 13.20 36.32
N ASN C 146 43.79 14.00 36.77
CA ASN C 146 42.56 13.52 37.36
C ASN C 146 41.46 13.29 36.33
N ALA C 147 40.84 12.11 36.36
CA ALA C 147 39.77 11.81 35.44
C ALA C 147 38.68 10.89 35.97
N VAL C 148 37.50 11.03 35.42
CA VAL C 148 36.40 10.15 35.75
C VAL C 148 36.29 9.32 34.49
N VAL C 149 36.36 8.01 34.63
CA VAL C 149 36.28 7.09 33.49
C VAL C 149 35.00 6.27 33.55
N THR C 150 34.28 6.22 32.44
CA THR C 150 33.02 5.48 32.42
C THR C 150 33.16 4.02 31.95
N VAL C 151 32.25 3.16 32.43
CA VAL C 151 32.18 1.74 32.09
C VAL C 151 30.68 1.37 31.93
N PRO C 152 30.31 0.32 31.12
CA PRO C 152 28.90 -0.10 31.07
C PRO C 152 28.43 -0.57 32.46
N ALA C 153 27.13 -0.43 32.73
CA ALA C 153 26.55 -0.85 34.03
C ALA C 153 26.67 -2.36 34.29
N TYR C 154 26.77 -3.19 33.23
CA TYR C 154 26.90 -4.66 33.34
C TYR C 154 28.33 -5.14 33.59
N PHE C 155 29.34 -4.22 33.55
CA PHE C 155 30.73 -4.60 33.79
C PHE C 155 30.88 -5.20 35.18
N ASN C 156 31.56 -6.35 35.31
CA ASN C 156 31.77 -7.02 36.61
C ASN C 156 32.99 -6.38 37.34
N ASP C 157 33.41 -6.93 38.48
CA ASP C 157 34.54 -6.43 39.29
C ASP C 157 35.85 -6.44 38.51
N SER C 158 36.09 -7.51 37.75
CA SER C 158 37.29 -7.73 36.95
C SER C 158 37.39 -6.75 35.78
N GLN C 159 36.25 -6.45 35.14
CA GLN C 159 36.19 -5.54 34.01
C GLN C 159 36.39 -4.09 34.46
N ARG C 160 35.83 -3.73 35.64
CA ARG C 160 35.96 -2.42 36.27
C ARG C 160 37.39 -2.23 36.78
N GLN C 161 38.00 -3.26 37.41
CA GLN C 161 39.38 -3.16 37.90
C GLN C 161 40.34 -2.96 36.77
N ALA C 162 40.19 -3.76 35.69
CA ALA C 162 41.05 -3.67 34.50
C ALA C 162 40.95 -2.28 33.80
N THR C 163 39.76 -1.65 33.79
CA THR C 163 39.58 -0.30 33.24
C THR C 163 40.31 0.70 34.16
N LYS C 164 40.21 0.52 35.49
CA LYS C 164 40.91 1.37 36.45
C LYS C 164 42.42 1.21 36.23
N ASP C 165 42.89 -0.05 36.04
CA ASP C 165 44.30 -0.36 35.75
C ASP C 165 44.78 0.30 34.47
N ALA C 166 43.93 0.36 33.41
CA ALA C 166 44.25 1.03 32.16
C ALA C 166 44.50 2.55 32.42
N GLY C 167 43.72 3.15 33.31
CA GLY C 167 43.87 4.55 33.73
C GLY C 167 45.17 4.78 34.49
N THR C 168 45.51 3.87 35.45
CA THR C 168 46.75 3.90 36.23
C THR C 168 48.01 3.81 35.33
N ILE C 169 47.99 2.90 34.32
CA ILE C 169 49.09 2.73 33.37
C ILE C 169 49.27 4.01 32.54
N ALA C 170 48.17 4.68 32.19
CA ALA C 170 48.15 5.90 31.39
C ALA C 170 48.58 7.14 32.23
N GLY C 171 48.97 6.96 33.48
CA GLY C 171 49.38 8.05 34.36
C GLY C 171 48.21 8.86 34.91
N LEU C 172 47.00 8.30 34.83
CA LEU C 172 45.82 9.01 35.33
C LEU C 172 45.48 8.62 36.77
N ASN C 173 44.98 9.59 37.53
CA ASN C 173 44.46 9.38 38.88
C ASN C 173 42.95 9.27 38.63
N VAL C 174 42.44 8.05 38.64
CA VAL C 174 41.02 7.76 38.39
C VAL C 174 40.21 8.13 39.64
N LEU C 175 39.56 9.31 39.62
CA LEU C 175 38.76 9.84 40.73
C LEU C 175 37.63 8.91 41.03
N ARG C 176 36.97 8.43 39.98
CA ARG C 176 35.88 7.50 40.07
C ARG C 176 35.63 6.79 38.73
N ILE C 177 35.09 5.60 38.81
CA ILE C 177 34.70 4.81 37.66
C ILE C 177 33.20 4.86 37.78
N ILE C 178 32.53 5.38 36.76
CA ILE C 178 31.09 5.49 36.84
C ILE C 178 30.41 4.81 35.67
N ASN C 179 29.18 4.42 35.90
CA ASN C 179 28.40 3.75 34.89
C ASN C 179 28.04 4.71 33.78
N GLU C 180 28.12 4.23 32.51
CA GLU C 180 27.75 5.02 31.34
C GLU C 180 26.29 5.55 31.46
N PRO C 181 25.28 4.73 31.86
CA PRO C 181 23.92 5.26 32.04
C PRO C 181 23.81 6.30 33.15
N THR C 182 24.60 6.16 34.23
CA THR C 182 24.66 7.13 35.33
C THR C 182 25.24 8.48 34.83
N ALA C 183 26.32 8.40 34.03
CA ALA C 183 26.97 9.56 33.41
C ALA C 183 25.95 10.31 32.52
N ALA C 184 25.18 9.58 31.69
CA ALA C 184 24.14 10.18 30.86
C ALA C 184 23.04 10.88 31.69
N ALA C 185 22.62 10.28 32.84
CA ALA C 185 21.61 10.87 33.73
C ALA C 185 22.16 12.15 34.37
N ILE C 186 23.45 12.12 34.76
CA ILE C 186 24.17 13.27 35.32
C ILE C 186 24.24 14.44 34.26
N ALA C 187 24.50 14.11 32.96
CA ALA C 187 24.57 15.09 31.87
C ALA C 187 23.30 15.95 31.77
N TYR C 188 22.12 15.29 31.93
CA TYR C 188 20.78 15.91 31.92
C TYR C 188 20.34 16.48 33.27
N GLY C 189 21.19 16.34 34.29
CA GLY C 189 20.91 16.83 35.63
C GLY C 189 19.71 16.18 36.29
N LEU C 190 19.42 14.91 35.94
CA LEU C 190 18.29 14.15 36.50
C LEU C 190 18.41 13.87 38.02
N ASP C 191 19.63 13.94 38.56
CA ASP C 191 19.96 13.77 39.99
C ASP C 191 19.72 15.07 40.79
N LYS C 192 19.36 16.17 40.11
CA LYS C 192 19.13 17.49 40.73
C LYS C 192 17.67 17.90 40.72
N LYS C 193 16.81 17.08 40.09
CA LYS C 193 15.37 17.31 40.04
C LYS C 193 14.75 17.10 41.44
N VAL C 194 13.91 18.05 41.86
CA VAL C 194 13.27 17.99 43.15
C VAL C 194 12.10 17.00 43.14
N GLY C 195 11.88 16.38 44.30
CA GLY C 195 10.82 15.40 44.49
C GLY C 195 11.28 14.06 45.02
N ALA C 196 10.42 13.04 44.85
CA ALA C 196 10.68 11.68 45.30
C ALA C 196 11.59 10.91 44.34
N GLU C 197 11.75 9.59 44.56
CA GLU C 197 12.63 8.79 43.72
C GLU C 197 12.19 8.80 42.26
N ARG C 198 13.17 8.75 41.36
CA ARG C 198 12.90 8.77 39.95
C ARG C 198 13.43 7.54 39.23
N ASN C 199 12.59 6.96 38.40
CA ASN C 199 12.97 5.85 37.56
C ASN C 199 13.37 6.39 36.21
N VAL C 200 14.59 6.08 35.81
CA VAL C 200 15.20 6.59 34.59
C VAL C 200 15.57 5.45 33.64
N LEU C 201 15.13 5.55 32.38
CA LEU C 201 15.49 4.58 31.34
C LEU C 201 16.52 5.23 30.44
N ILE C 202 17.68 4.58 30.31
CA ILE C 202 18.75 5.03 29.39
C ILE C 202 18.69 4.10 28.19
N PHE C 203 18.43 4.66 27.02
CA PHE C 203 18.34 3.98 25.74
C PHE C 203 19.64 4.36 24.96
N ASP C 204 20.64 3.48 25.06
CA ASP C 204 21.95 3.66 24.46
C ASP C 204 22.17 2.83 23.20
N LEU C 205 21.99 3.46 22.05
CA LEU C 205 22.19 2.79 20.75
C LEU C 205 23.33 3.48 19.98
N GLY C 206 24.54 3.02 20.23
CA GLY C 206 25.75 3.58 19.63
C GLY C 206 27.00 2.82 20.00
N GLY C 207 28.06 3.04 19.23
CA GLY C 207 29.34 2.36 19.45
C GLY C 207 29.30 0.86 19.26
N GLY C 208 28.50 0.41 18.27
CA GLY C 208 28.33 -0.99 17.90
C GLY C 208 27.64 -1.89 18.90
N THR C 209 27.04 -1.30 19.94
CA THR C 209 26.31 -2.04 20.99
C THR C 209 24.98 -1.34 21.26
N PHE C 210 24.01 -2.08 21.79
CA PHE C 210 22.73 -1.54 22.19
C PHE C 210 22.53 -1.87 23.66
N ASP C 211 22.48 -0.83 24.52
CA ASP C 211 22.30 -1.00 25.97
C ASP C 211 21.10 -0.25 26.47
N VAL C 212 20.23 -0.96 27.19
CA VAL C 212 19.06 -0.37 27.88
C VAL C 212 19.29 -0.55 29.38
N SER C 213 19.24 0.56 30.14
CA SER C 213 19.44 0.51 31.57
C SER C 213 18.32 1.21 32.28
N ILE C 214 17.91 0.68 33.42
CA ILE C 214 16.91 1.35 34.22
C ILE C 214 17.58 1.69 35.55
N LEU C 215 17.50 2.95 35.93
CA LEU C 215 18.10 3.42 37.15
C LEU C 215 17.11 4.15 38.01
N THR C 216 17.40 4.20 39.30
CA THR C 216 16.57 4.89 40.26
C THR C 216 17.45 5.92 40.94
N ILE C 217 16.95 7.14 41.07
CA ILE C 217 17.70 8.23 41.70
C ILE C 217 16.89 8.75 42.90
N GLU C 218 17.51 8.78 44.10
CA GLU C 218 16.90 9.28 45.34
C GLU C 218 17.94 10.12 46.11
N ASP C 219 17.68 11.43 46.21
CA ASP C 219 18.58 12.42 46.83
C ASP C 219 20.07 12.27 46.36
N GLY C 220 20.25 12.26 45.03
CA GLY C 220 21.54 12.14 44.38
C GLY C 220 22.14 10.75 44.37
N ILE C 221 21.43 9.77 44.93
CA ILE C 221 21.94 8.40 45.00
C ILE C 221 21.35 7.59 43.85
N PHE C 222 22.23 6.96 43.06
CA PHE C 222 21.87 6.10 41.95
C PHE C 222 21.93 4.62 42.32
N GLU C 223 20.99 3.84 41.77
CA GLU C 223 20.88 2.39 41.87
C GLU C 223 20.49 1.89 40.50
N VAL C 224 21.22 0.87 39.99
CA VAL C 224 20.95 0.20 38.72
C VAL C 224 19.96 -0.87 39.08
N LYS C 225 18.78 -0.82 38.46
CA LYS C 225 17.67 -1.77 38.70
C LYS C 225 17.71 -2.93 37.72
N SER C 226 18.04 -2.64 36.45
CA SER C 226 18.13 -3.64 35.39
C SER C 226 18.93 -3.15 34.19
N THR C 227 19.53 -4.11 33.48
CA THR C 227 20.29 -3.89 32.27
C THR C 227 19.84 -4.94 31.25
N ALA C 228 19.72 -4.52 29.98
CA ALA C 228 19.28 -5.35 28.87
C ALA C 228 19.86 -4.76 27.61
N GLY C 229 19.76 -5.48 26.50
CA GLY C 229 20.30 -5.00 25.23
C GLY C 229 20.77 -6.08 24.28
N ASP C 230 21.52 -5.65 23.27
CA ASP C 230 22.09 -6.47 22.20
C ASP C 230 23.53 -5.96 22.01
N THR C 231 24.48 -6.80 22.33
CA THR C 231 25.90 -6.47 22.26
C THR C 231 26.44 -6.16 20.87
N HIS C 232 25.81 -6.70 19.85
CA HIS C 232 26.27 -6.44 18.49
C HIS C 232 25.38 -5.63 17.53
N LEU C 233 24.49 -4.81 18.08
CA LEU C 233 23.60 -4.00 17.26
C LEU C 233 24.03 -2.54 17.22
N GLY C 234 24.10 -1.98 16.02
CA GLY C 234 24.48 -0.60 15.84
C GLY C 234 24.17 -0.10 14.46
N GLY C 235 24.70 1.09 14.16
CA GLY C 235 24.54 1.74 12.88
C GLY C 235 25.03 0.94 11.70
N GLU C 236 26.08 0.10 11.89
CA GLU C 236 26.64 -0.75 10.82
C GLU C 236 25.61 -1.72 10.27
N ASP C 237 24.69 -2.21 11.12
CA ASP C 237 23.59 -3.11 10.76
C ASP C 237 22.60 -2.40 9.85
N PHE C 238 22.33 -1.10 10.12
CA PHE C 238 21.43 -0.26 9.34
C PHE C 238 22.06 0.08 7.98
N ASP C 239 23.38 0.24 7.95
CA ASP C 239 24.16 0.51 6.73
C ASP C 239 24.15 -0.70 5.81
N ASN C 240 24.30 -1.93 6.38
CA ASN C 240 24.28 -3.22 5.66
C ASN C 240 22.98 -3.39 4.88
N ARG C 241 21.84 -3.01 5.51
CA ARG C 241 20.50 -3.08 4.89
C ARG C 241 20.39 -2.13 3.70
N MET C 242 20.97 -0.92 3.82
CA MET C 242 21.01 0.05 2.73
C MET C 242 21.92 -0.43 1.62
N VAL C 243 23.10 -1.01 1.96
CA VAL C 243 24.05 -1.58 0.99
C VAL C 243 23.37 -2.69 0.20
N ASN C 244 22.68 -3.61 0.89
CA ASN C 244 21.95 -4.71 0.24
C ASN C 244 20.86 -4.21 -0.67
N HIS C 245 20.13 -3.16 -0.24
CA HIS C 245 19.11 -2.52 -1.06
C HIS C 245 19.72 -1.96 -2.37
N PHE C 246 20.87 -1.28 -2.28
CA PHE C 246 21.49 -0.69 -3.46
C PHE C 246 22.18 -1.73 -4.38
N ILE C 247 22.71 -2.82 -3.83
CA ILE C 247 23.28 -3.93 -4.60
C ILE C 247 22.17 -4.55 -5.47
N ALA C 248 20.98 -4.82 -4.86
CA ALA C 248 19.79 -5.37 -5.54
C ALA C 248 19.30 -4.40 -6.63
N GLU C 249 19.24 -3.10 -6.30
CA GLU C 249 18.85 -2.04 -7.23
C GLU C 249 19.83 -1.97 -8.43
N PHE C 250 21.14 -2.09 -8.22
CA PHE C 250 22.12 -2.08 -9.34
C PHE C 250 21.90 -3.30 -10.22
N LYS C 251 21.55 -4.46 -9.61
CA LYS C 251 21.26 -5.69 -10.35
C LYS C 251 20.02 -5.50 -11.19
N ARG C 252 18.94 -4.92 -10.62
CA ARG C 252 17.68 -4.69 -11.35
C ARG C 252 17.88 -3.77 -12.53
N LYS C 253 18.54 -2.64 -12.30
CA LYS C 253 18.84 -1.67 -13.34
C LYS C 253 19.90 -2.06 -14.38
N HIS C 254 21.00 -2.64 -13.93
CA HIS C 254 22.09 -2.99 -14.84
C HIS C 254 22.44 -4.46 -15.06
N LYS C 255 21.75 -5.36 -14.39
CA LYS C 255 21.99 -6.78 -14.54
C LYS C 255 23.44 -7.12 -14.27
N LYS C 256 24.00 -6.46 -13.28
CA LYS C 256 25.40 -6.63 -12.86
C LYS C 256 25.50 -6.71 -11.37
N ASP C 257 26.35 -7.62 -10.90
CA ASP C 257 26.62 -7.90 -9.49
C ASP C 257 27.93 -7.22 -9.08
N ILE C 258 27.85 -6.17 -8.26
CA ILE C 258 29.03 -5.42 -7.78
C ILE C 258 29.67 -6.05 -6.55
N SER C 259 28.95 -7.00 -5.86
CA SER C 259 29.26 -7.57 -4.56
C SER C 259 30.64 -8.26 -4.46
N GLU C 260 31.23 -8.73 -5.56
CA GLU C 260 32.56 -9.35 -5.40
C GLU C 260 33.70 -8.35 -5.65
N ASN C 261 33.34 -7.10 -5.97
CA ASN C 261 34.31 -6.04 -6.16
C ASN C 261 34.36 -5.25 -4.85
N LYS C 262 35.39 -5.50 -4.02
CA LYS C 262 35.54 -4.88 -2.68
C LYS C 262 35.58 -3.36 -2.73
N ARG C 263 36.25 -2.79 -3.76
CA ARG C 263 36.32 -1.34 -3.89
C ARG C 263 34.98 -0.71 -4.22
N ALA C 264 34.16 -1.37 -5.07
CA ALA C 264 32.81 -0.90 -5.43
C ALA C 264 31.90 -0.96 -4.22
N VAL C 265 31.95 -2.07 -3.45
CA VAL C 265 31.15 -2.26 -2.23
C VAL C 265 31.57 -1.19 -1.17
N ARG C 266 32.87 -0.92 -1.03
CA ARG C 266 33.33 0.08 -0.08
C ARG C 266 32.84 1.48 -0.49
N ARG C 267 32.91 1.83 -1.80
CA ARG C 267 32.42 3.14 -2.24
C ARG C 267 30.92 3.28 -1.94
N LEU C 268 30.16 2.22 -2.18
CA LEU C 268 28.74 2.20 -1.91
C LEU C 268 28.45 2.29 -0.39
N ARG C 269 29.18 1.53 0.43
CA ARG C 269 29.03 1.51 1.89
C ARG C 269 29.27 2.90 2.50
N THR C 270 30.36 3.56 2.11
CA THR C 270 30.71 4.92 2.55
C THR C 270 29.59 5.91 2.17
N ALA C 271 29.06 5.79 0.96
CA ALA C 271 27.98 6.65 0.49
C ALA C 271 26.70 6.40 1.30
N CYS C 272 26.43 5.12 1.68
CA CYS C 272 25.26 4.73 2.48
C CYS C 272 25.36 5.27 3.91
N GLU C 273 26.57 5.23 4.52
CA GLU C 273 26.81 5.75 5.87
C GLU C 273 26.45 7.24 5.90
N ARG C 274 26.88 8.00 4.88
CA ARG C 274 26.60 9.43 4.74
C ARG C 274 25.11 9.69 4.49
N ALA C 275 24.48 8.93 3.55
CA ALA C 275 23.05 8.98 3.24
C ALA C 275 22.18 8.73 4.49
N LYS C 276 22.57 7.75 5.31
CA LYS C 276 21.87 7.44 6.56
C LYS C 276 21.84 8.68 7.48
N ARG C 277 23.01 9.35 7.65
CA ARG C 277 23.12 10.51 8.50
CA ARG C 277 23.21 10.58 8.45
C ARG C 277 22.24 11.66 7.97
N THR C 278 22.18 11.87 6.65
CA THR C 278 21.32 12.87 5.99
C THR C 278 19.82 12.61 6.27
N LEU C 279 19.41 11.33 6.29
CA LEU C 279 18.03 10.90 6.52
C LEU C 279 17.56 11.10 7.97
N SER C 280 18.44 11.54 8.86
CA SER C 280 18.07 11.85 10.24
C SER C 280 17.57 13.29 10.33
N SER C 281 17.88 14.12 9.32
CA SER C 281 17.47 15.54 9.26
C SER C 281 16.71 15.92 7.96
N SER C 282 16.80 15.09 6.92
CA SER C 282 16.09 15.27 5.65
C SER C 282 15.24 14.03 5.37
N THR C 283 14.24 14.15 4.49
CA THR C 283 13.35 13.01 4.18
C THR C 283 13.83 12.23 2.93
N GLN C 284 14.90 12.68 2.27
CA GLN C 284 15.49 12.00 1.11
C GLN C 284 16.99 12.28 1.12
N ALA C 285 17.78 11.38 0.52
CA ALA C 285 19.23 11.51 0.36
C ALA C 285 19.60 11.02 -1.02
N SER C 286 20.42 11.80 -1.74
CA SER C 286 20.89 11.46 -3.09
C SER C 286 22.33 10.99 -3.06
N ILE C 287 22.65 10.03 -3.94
CA ILE C 287 23.98 9.46 -4.07
C ILE C 287 24.39 9.47 -5.53
N GLU C 288 25.59 9.99 -5.81
CA GLU C 288 26.17 9.99 -7.15
C GLU C 288 27.56 9.38 -7.09
N ILE C 289 27.69 8.20 -7.66
CA ILE C 289 28.97 7.47 -7.72
C ILE C 289 29.31 7.20 -9.18
N ASP C 290 30.28 7.94 -9.71
CA ASP C 290 30.75 7.76 -11.06
C ASP C 290 31.55 6.50 -11.17
N SER C 291 31.38 5.79 -12.29
CA SER C 291 32.11 4.59 -12.64
C SER C 291 32.23 3.63 -11.44
N LEU C 292 31.09 3.32 -10.79
CA LEU C 292 31.05 2.43 -9.63
C LEU C 292 31.57 1.02 -9.97
N TYR C 293 31.08 0.44 -11.07
CA TYR C 293 31.40 -0.91 -11.48
C TYR C 293 31.23 -1.01 -12.96
N GLU C 294 32.25 -1.56 -13.63
CA GLU C 294 32.29 -1.75 -15.09
C GLU C 294 31.91 -0.49 -15.87
N GLY C 295 32.39 0.65 -15.36
CA GLY C 295 32.19 1.97 -15.95
C GLY C 295 30.81 2.59 -15.78
N ILE C 296 29.91 1.90 -15.07
CA ILE C 296 28.54 2.36 -14.84
C ILE C 296 28.47 3.40 -13.73
N ASP C 297 27.86 4.57 -14.03
CA ASP C 297 27.64 5.61 -13.03
C ASP C 297 26.39 5.21 -12.24
N PHE C 298 26.44 5.31 -10.90
CA PHE C 298 25.31 4.97 -10.05
C PHE C 298 24.75 6.22 -9.36
N TYR C 299 23.68 6.78 -9.97
CA TYR C 299 23.01 7.97 -9.47
C TYR C 299 21.68 7.51 -9.00
N THR C 300 21.45 7.66 -7.71
CA THR C 300 20.25 7.18 -7.09
C THR C 300 19.88 8.03 -5.89
N SER C 301 18.78 7.67 -5.25
CA SER C 301 18.31 8.32 -4.03
C SER C 301 17.58 7.32 -3.18
N ILE C 302 17.37 7.65 -1.89
CA ILE C 302 16.62 6.86 -0.92
C ILE C 302 15.83 7.83 -0.03
N THR C 303 14.55 7.55 0.21
CA THR C 303 13.73 8.38 1.10
C THR C 303 13.89 7.80 2.53
N ARG C 304 13.56 8.61 3.55
CA ARG C 304 13.58 8.18 4.94
C ARG C 304 12.60 6.97 5.14
N ALA C 305 11.44 7.01 4.49
CA ALA C 305 10.47 5.94 4.61
C ALA C 305 11.02 4.62 4.08
N ARG C 306 11.74 4.66 2.97
CA ARG C 306 12.34 3.47 2.42
C ARG C 306 13.43 2.93 3.36
N PHE C 307 14.20 3.83 3.95
CA PHE C 307 15.27 3.46 4.87
C PHE C 307 14.69 2.76 6.10
N GLU C 308 13.57 3.28 6.58
CA GLU C 308 12.83 2.76 7.74
C GLU C 308 12.28 1.38 7.47
N GLU C 309 11.75 1.15 6.24
CA GLU C 309 11.21 -0.13 5.76
C GLU C 309 12.29 -1.21 5.72
N LEU C 310 13.46 -0.91 5.11
CA LEU C 310 14.60 -1.84 4.99
C LEU C 310 15.12 -2.34 6.36
N ASN C 311 14.90 -1.54 7.42
CA ASN C 311 15.36 -1.76 8.81
C ASN C 311 14.24 -1.91 9.80
N ALA C 312 13.00 -2.08 9.31
CA ALA C 312 11.80 -2.19 10.14
C ALA C 312 11.90 -3.16 11.33
N ASP C 313 12.47 -4.36 11.11
CA ASP C 313 12.60 -5.39 12.15
C ASP C 313 13.63 -5.00 13.20
N LEU C 314 14.76 -4.47 12.75
CA LEU C 314 15.82 -4.02 13.63
C LEU C 314 15.39 -2.86 14.49
N PHE C 315 14.71 -1.88 13.91
CA PHE C 315 14.24 -0.74 14.68
C PHE C 315 13.18 -1.17 15.70
N ARG C 316 12.24 -2.00 15.28
CA ARG C 316 11.17 -2.50 16.16
C ARG C 316 11.75 -3.36 17.28
N GLY C 317 12.76 -4.15 16.92
CA GLY C 317 13.45 -5.03 17.84
C GLY C 317 14.12 -4.34 19.00
N THR C 318 14.36 -3.00 18.90
CA THR C 318 14.97 -2.20 19.99
C THR C 318 14.06 -2.15 21.24
N LEU C 319 12.73 -2.36 21.07
CA LEU C 319 11.75 -2.31 22.16
C LEU C 319 11.72 -3.58 23.00
N ASP C 320 12.26 -4.69 22.48
CA ASP C 320 12.33 -5.97 23.21
C ASP C 320 13.25 -5.84 24.44
N PRO C 321 14.52 -5.32 24.33
CA PRO C 321 15.33 -5.09 25.55
C PRO C 321 14.73 -4.06 26.53
N VAL C 322 13.89 -3.13 26.03
CA VAL C 322 13.21 -2.11 26.84
C VAL C 322 12.17 -2.83 27.74
N GLU C 323 11.33 -3.70 27.13
CA GLU C 323 10.31 -4.49 27.84
C GLU C 323 10.97 -5.44 28.83
N LYS C 324 12.10 -6.06 28.43
CA LYS C 324 12.86 -6.96 29.30
C LYS C 324 13.43 -6.18 30.50
N ALA C 325 14.00 -4.97 30.27
CA ALA C 325 14.54 -4.13 31.35
C ALA C 325 13.44 -3.75 32.37
N LEU C 326 12.26 -3.31 31.88
CA LEU C 326 11.09 -2.98 32.70
C LEU C 326 10.64 -4.14 33.56
N ARG C 327 10.61 -5.35 32.97
CA ARG C 327 10.24 -6.60 33.65
C ARG C 327 11.21 -6.91 34.78
N ASP C 328 12.53 -6.87 34.51
CA ASP C 328 13.58 -7.13 35.50
C ASP C 328 13.65 -6.10 36.62
N ALA C 329 13.28 -4.84 36.33
CA ALA C 329 13.24 -3.74 37.29
C ALA C 329 11.92 -3.76 38.07
N LYS C 330 11.00 -4.70 37.70
CA LYS C 330 9.66 -4.90 38.27
C LYS C 330 8.86 -3.59 38.14
N LEU C 331 8.98 -2.94 36.96
CA LEU C 331 8.33 -1.67 36.68
C LEU C 331 7.43 -1.70 35.46
N ASP C 332 6.31 -0.97 35.53
CA ASP C 332 5.45 -0.74 34.38
C ASP C 332 6.07 0.45 33.63
N LYS C 333 5.89 0.53 32.30
CA LYS C 333 6.41 1.64 31.48
C LYS C 333 5.93 3.03 31.96
N SER C 334 4.74 3.09 32.61
CA SER C 334 4.16 4.32 33.16
C SER C 334 4.92 4.84 34.42
N GLN C 335 5.74 3.97 34.98
CA GLN C 335 6.52 4.30 36.16
C GLN C 335 7.86 4.95 35.83
N ILE C 336 8.17 5.07 34.54
CA ILE C 336 9.42 5.70 34.14
C ILE C 336 9.27 7.21 34.05
N HIS C 337 9.97 7.90 34.93
CA HIS C 337 10.02 9.34 35.00
C HIS C 337 10.77 10.10 33.89
N ASP C 338 11.89 9.53 33.46
CA ASP C 338 12.78 10.13 32.47
C ASP C 338 13.37 9.11 31.50
N ILE C 339 13.36 9.42 30.20
CA ILE C 339 13.96 8.59 29.13
C ILE C 339 15.09 9.40 28.53
N VAL C 340 16.30 8.82 28.50
CA VAL C 340 17.49 9.45 27.96
C VAL C 340 18.00 8.69 26.73
N LEU C 341 18.24 9.42 25.60
CA LEU C 341 18.79 8.84 24.36
C LEU C 341 20.28 9.13 24.30
N VAL C 342 21.12 8.06 24.18
CA VAL C 342 22.61 8.05 24.11
C VAL C 342 22.99 7.19 22.87
N GLY C 343 24.14 7.48 22.26
CA GLY C 343 24.61 6.81 21.06
C GLY C 343 24.11 7.48 19.79
N GLY C 344 24.96 7.52 18.76
CA GLY C 344 24.66 8.18 17.50
C GLY C 344 23.42 7.72 16.78
N SER C 345 23.10 6.41 16.87
CA SER C 345 21.92 5.84 16.18
C SER C 345 20.56 6.28 16.77
N THR C 346 20.55 6.93 17.97
CA THR C 346 19.33 7.45 18.58
C THR C 346 18.86 8.71 17.87
N ARG C 347 19.66 9.20 16.90
CA ARG C 347 19.32 10.38 16.08
C ARG C 347 18.29 10.00 15.02
N ILE C 348 18.16 8.68 14.70
CA ILE C 348 17.23 8.15 13.72
C ILE C 348 15.80 8.47 14.14
N PRO C 349 15.07 9.33 13.36
CA PRO C 349 13.72 9.73 13.76
C PRO C 349 12.75 8.59 14.04
N LYS C 350 12.85 7.44 13.31
CA LYS C 350 11.98 6.29 13.52
C LYS C 350 12.20 5.66 14.90
N ILE C 351 13.47 5.56 15.32
CA ILE C 351 13.83 5.00 16.63
C ILE C 351 13.24 5.85 17.77
N GLN C 352 13.36 7.18 17.65
CA GLN C 352 12.78 8.15 18.58
C GLN C 352 11.27 8.03 18.61
N LYS C 353 10.64 7.90 17.41
CA LYS C 353 9.18 7.77 17.23
C LYS C 353 8.66 6.52 17.91
N LEU C 354 9.32 5.37 17.65
CA LEU C 354 8.98 4.07 18.24
C LEU C 354 9.04 4.12 19.77
N LEU C 355 10.13 4.70 20.31
CA LEU C 355 10.35 4.79 21.75
C LEU C 355 9.36 5.74 22.44
N GLN C 356 9.10 6.92 21.84
CA GLN C 356 8.14 7.89 22.38
C GLN C 356 6.71 7.29 22.40
N ASP C 357 6.34 6.55 21.32
CA ASP C 357 5.04 5.89 21.20
C ASP C 357 4.90 4.78 22.22
N PHE C 358 5.99 4.04 22.50
CA PHE C 358 6.00 2.99 23.52
C PHE C 358 5.70 3.61 24.87
N PHE C 359 6.26 4.81 25.15
CA PHE C 359 6.06 5.51 26.41
C PHE C 359 4.88 6.51 26.35
N ASN C 360 3.90 6.23 25.46
CA ASN C 360 2.64 6.97 25.27
C ASN C 360 2.82 8.50 25.12
N GLY C 361 3.66 8.88 24.15
CA GLY C 361 3.93 10.27 23.82
C GLY C 361 4.81 11.05 24.78
N LYS C 362 5.47 10.36 25.74
CA LYS C 362 6.34 11.05 26.69
C LYS C 362 7.58 11.63 25.99
N GLU C 363 7.88 12.91 26.27
CA GLU C 363 9.02 13.65 25.71
C GLU C 363 10.35 13.01 26.09
N LEU C 364 11.31 12.99 25.15
CA LEU C 364 12.62 12.37 25.36
C LEU C 364 13.71 13.33 25.65
N ASN C 365 14.64 12.96 26.57
CA ASN C 365 15.84 13.76 26.83
C ASN C 365 16.83 13.46 25.71
N LYS C 366 16.96 14.41 24.75
CA LYS C 366 17.81 14.22 23.56
C LYS C 366 18.67 15.45 23.13
N SER C 367 18.55 16.59 23.83
CA SER C 367 19.25 17.84 23.46
C SER C 367 20.78 17.76 23.49
N ILE C 368 21.36 16.88 24.33
CA ILE C 368 22.82 16.78 24.35
C ILE C 368 23.24 15.84 23.21
N ASN C 369 24.27 16.21 22.43
CA ASN C 369 24.80 15.39 21.35
C ASN C 369 24.93 13.93 21.87
N PRO C 370 24.18 12.93 21.29
CA PRO C 370 24.17 11.56 21.87
C PRO C 370 25.50 10.82 21.88
N ASP C 371 26.44 11.25 21.03
CA ASP C 371 27.80 10.68 20.95
C ASP C 371 28.66 11.21 22.09
N GLU C 372 28.30 12.38 22.65
CA GLU C 372 29.07 13.11 23.67
C GLU C 372 28.48 13.12 25.06
N ALA C 373 27.19 12.73 25.22
CA ALA C 373 26.43 12.72 26.47
C ALA C 373 27.11 12.02 27.63
N VAL C 374 27.78 10.88 27.38
CA VAL C 374 28.43 10.10 28.43
C VAL C 374 29.68 10.82 28.94
N ALA C 375 30.57 11.31 28.02
CA ALA C 375 31.76 12.07 28.42
C ALA C 375 31.33 13.37 29.10
N TYR C 376 30.21 13.97 28.65
CA TYR C 376 29.60 15.18 29.22
C TYR C 376 29.29 14.97 30.69
N GLY C 377 28.58 13.88 31.01
CA GLY C 377 28.21 13.55 32.38
C GLY C 377 29.42 13.22 33.24
N ALA C 378 30.42 12.56 32.65
CA ALA C 378 31.66 12.22 33.34
C ALA C 378 32.47 13.48 33.67
N ALA C 379 32.46 14.51 32.79
CA ALA C 379 33.13 15.81 32.95
C ALA C 379 32.46 16.60 34.11
N VAL C 380 31.13 16.53 34.19
CA VAL C 380 30.35 17.12 35.30
C VAL C 380 30.75 16.41 36.62
N GLN C 381 30.82 15.08 36.61
CA GLN C 381 31.20 14.33 37.81
C GLN C 381 32.64 14.66 38.23
N ALA C 382 33.53 14.74 37.26
CA ALA C 382 34.95 15.08 37.47
C ALA C 382 35.10 16.42 38.17
N ALA C 383 34.34 17.45 37.73
CA ALA C 383 34.35 18.79 38.33
C ALA C 383 33.79 18.71 39.74
N ILE C 384 32.70 17.96 39.94
CA ILE C 384 32.07 17.75 41.26
C ILE C 384 33.06 17.14 42.25
N LEU C 385 33.89 16.18 41.79
CA LEU C 385 34.86 15.47 42.62
C LEU C 385 36.20 16.21 42.78
N SER C 386 36.37 17.36 42.11
CA SER C 386 37.58 18.18 42.18
C SER C 386 37.53 19.16 43.34
N LEU D 3 24.63 26.40 -23.00
CA LEU D 3 25.81 27.27 -23.07
C LEU D 3 25.50 28.70 -22.59
N GLY D 4 26.53 29.34 -22.01
CA GLY D 4 26.47 30.70 -21.49
C GLY D 4 25.52 30.84 -20.32
N SER D 5 25.41 29.77 -19.50
CA SER D 5 24.56 29.64 -18.32
C SER D 5 25.41 29.32 -17.07
N ASN D 6 26.73 29.54 -17.14
CA ASN D 6 27.76 29.34 -16.12
C ASN D 6 27.39 30.07 -14.85
N SER D 7 27.28 29.34 -13.75
CA SER D 7 26.88 29.92 -12.48
C SER D 7 27.97 30.04 -11.41
N PRO D 8 27.78 30.98 -10.51
CA PRO D 8 28.75 31.19 -9.43
C PRO D 8 28.83 29.92 -8.58
N GLN D 9 27.68 29.28 -8.37
CA GLN D 9 27.61 28.07 -7.55
C GLN D 9 28.50 26.95 -8.12
N GLU D 10 28.53 26.80 -9.44
CA GLU D 10 29.36 25.78 -10.05
C GLU D 10 30.86 26.05 -9.78
N GLU D 11 31.25 27.31 -9.60
CA GLU D 11 32.62 27.67 -9.26
C GLU D 11 33.07 27.03 -7.96
N VAL D 12 32.14 26.87 -7.00
CA VAL D 12 32.40 26.24 -5.71
C VAL D 12 32.71 24.75 -5.92
N GLU D 13 31.94 24.05 -6.79
CA GLU D 13 32.14 22.62 -7.08
C GLU D 13 33.43 22.36 -7.87
N LEU D 14 33.73 23.25 -8.80
CA LEU D 14 34.96 23.18 -9.63
C LEU D 14 36.21 23.41 -8.79
N LYS D 15 36.14 24.30 -7.77
CA LYS D 15 37.26 24.54 -6.85
C LYS D 15 37.54 23.27 -6.01
N LYS D 16 36.46 22.60 -5.50
CA LYS D 16 36.54 21.32 -4.77
C LYS D 16 37.22 20.29 -5.66
N LEU D 17 36.77 20.18 -6.93
CA LEU D 17 37.33 19.24 -7.93
C LEU D 17 38.80 19.49 -8.21
N LYS D 18 39.21 20.79 -8.24
CA LYS D 18 40.57 21.21 -8.49
C LYS D 18 41.51 20.83 -7.33
N HIS D 19 41.02 20.90 -6.10
CA HIS D 19 41.78 20.50 -4.92
C HIS D 19 42.05 18.98 -4.99
N LEU D 20 41.01 18.22 -5.34
CA LEU D 20 41.10 16.76 -5.50
C LEU D 20 42.02 16.37 -6.65
N GLU D 21 42.00 17.13 -7.78
CA GLU D 21 42.91 16.89 -8.92
C GLU D 21 44.36 17.04 -8.45
N LYS D 22 44.65 18.09 -7.66
CA LYS D 22 45.98 18.37 -7.11
C LYS D 22 46.37 17.25 -6.15
N SER D 23 45.45 16.81 -5.26
CA SER D 23 45.70 15.70 -4.33
C SER D 23 46.05 14.43 -5.11
N VAL D 24 45.34 14.18 -6.24
CA VAL D 24 45.58 13.02 -7.13
C VAL D 24 46.99 13.09 -7.70
N GLU D 25 47.42 14.29 -8.11
CA GLU D 25 48.75 14.53 -8.64
C GLU D 25 49.84 14.17 -7.64
N LYS D 26 49.68 14.56 -6.34
CA LYS D 26 50.63 14.23 -5.27
C LYS D 26 50.73 12.71 -5.07
N ILE D 27 49.59 11.98 -5.04
CA ILE D 27 49.58 10.51 -4.88
C ILE D 27 50.22 9.84 -6.10
N ALA D 28 49.90 10.32 -7.32
CA ALA D 28 50.46 9.82 -8.58
C ALA D 28 52.02 9.97 -8.58
N ASP D 29 52.55 11.03 -7.94
CA ASP D 29 53.99 11.29 -7.79
C ASP D 29 54.63 10.24 -6.86
N GLN D 30 53.91 9.81 -5.81
CA GLN D 30 54.33 8.75 -4.88
C GLN D 30 54.40 7.42 -5.61
N LEU D 31 53.39 7.13 -6.46
CA LEU D 31 53.33 5.92 -7.27
C LEU D 31 54.52 5.90 -8.27
N GLU D 32 54.82 7.06 -8.89
CA GLU D 32 55.94 7.17 -9.81
C GLU D 32 57.26 6.90 -9.09
N GLU D 33 57.44 7.43 -7.85
CA GLU D 33 58.64 7.20 -7.01
C GLU D 33 58.73 5.73 -6.63
N LEU D 34 57.58 5.08 -6.33
CA LEU D 34 57.53 3.65 -6.04
C LEU D 34 57.95 2.85 -7.26
N ASN D 35 57.48 3.26 -8.45
CA ASN D 35 57.81 2.63 -9.71
C ASN D 35 59.33 2.73 -10.00
N LYS D 36 59.94 3.88 -9.68
CA LYS D 36 61.39 4.12 -9.85
C LYS D 36 62.21 3.27 -8.87
N GLU D 37 61.73 3.11 -7.61
CA GLU D 37 62.38 2.29 -6.59
C GLU D 37 62.30 0.81 -6.90
N LEU D 38 61.14 0.34 -7.40
CA LEU D 38 60.90 -1.04 -7.81
C LEU D 38 61.88 -1.40 -8.94
N THR D 39 62.03 -0.51 -9.93
CA THR D 39 62.92 -0.65 -11.09
C THR D 39 64.38 -0.70 -10.59
N GLY D 40 64.67 0.20 -9.63
CA GLY D 40 65.97 0.35 -8.99
C GLY D 40 66.45 -0.96 -8.40
N ILE D 41 65.59 -1.62 -7.61
CA ILE D 41 65.90 -2.93 -7.02
C ILE D 41 66.06 -4.06 -8.06
N GLN D 42 65.12 -4.16 -9.00
CA GLN D 42 65.22 -5.12 -10.11
C GLN D 42 66.46 -4.92 -11.01
N GLN D 43 66.93 -3.67 -11.19
CA GLN D 43 68.08 -3.41 -12.05
C GLN D 43 69.35 -2.98 -11.27
N GLY D 44 69.33 -3.17 -9.95
CA GLY D 44 70.39 -2.79 -9.01
C GLY D 44 71.45 -3.80 -8.68
N PHE D 45 72.15 -3.56 -7.57
CA PHE D 45 73.34 -4.29 -7.13
C PHE D 45 73.09 -5.42 -6.16
N LEU D 46 71.86 -5.58 -5.67
CA LEU D 46 71.52 -6.63 -4.75
C LEU D 46 71.41 -8.00 -5.47
N PRO D 47 71.86 -9.11 -4.84
CA PRO D 47 71.58 -10.44 -5.43
C PRO D 47 70.07 -10.77 -5.37
N LYS D 48 69.59 -11.67 -6.25
CA LYS D 48 68.17 -12.09 -6.38
C LYS D 48 67.41 -12.23 -5.06
N ASP D 49 67.97 -12.97 -4.07
CA ASP D 49 67.31 -13.18 -2.77
C ASP D 49 67.10 -11.86 -2.01
N LEU D 50 68.15 -10.98 -2.01
CA LEU D 50 68.08 -9.65 -1.37
C LEU D 50 67.09 -8.70 -2.08
N GLN D 51 66.86 -8.95 -3.39
CA GLN D 51 65.96 -8.17 -4.23
C GLN D 51 64.51 -8.43 -3.82
N ALA D 52 64.08 -9.71 -3.73
CA ALA D 52 62.71 -10.08 -3.31
C ALA D 52 62.33 -9.46 -1.94
N GLU D 53 63.27 -9.48 -0.98
CA GLU D 53 63.07 -8.92 0.37
C GLU D 53 62.97 -7.37 0.27
N ALA D 54 63.80 -6.72 -0.58
CA ALA D 54 63.75 -5.26 -0.76
C ALA D 54 62.47 -4.83 -1.49
N LEU D 55 62.01 -5.66 -2.45
CA LEU D 55 60.78 -5.43 -3.20
C LEU D 55 59.57 -5.52 -2.26
N CYS D 56 59.51 -6.59 -1.43
CA CYS D 56 58.41 -6.78 -0.48
C CYS D 56 58.37 -5.68 0.61
N LYS D 57 59.52 -5.01 0.89
CA LYS D 57 59.61 -3.90 1.87
C LYS D 57 58.86 -2.64 1.39
N LEU D 58 58.44 -2.61 0.09
CA LEU D 58 57.65 -1.56 -0.58
C LEU D 58 56.14 -1.82 -0.47
N ASP D 59 55.74 -3.00 0.04
CA ASP D 59 54.33 -3.38 0.18
C ASP D 59 53.50 -2.36 0.96
N ARG D 60 54.01 -1.87 2.10
CA ARG D 60 53.31 -0.89 2.94
C ARG D 60 53.06 0.41 2.16
N ARG D 61 54.04 0.85 1.38
CA ARG D 61 53.94 2.07 0.57
C ARG D 61 52.94 1.95 -0.59
N VAL D 62 52.91 0.79 -1.28
CA VAL D 62 51.96 0.53 -2.38
C VAL D 62 50.52 0.54 -1.81
N LYS D 63 50.31 -0.14 -0.66
CA LYS D 63 49.04 -0.21 0.06
C LYS D 63 48.58 1.18 0.55
N ALA D 64 49.52 2.02 1.02
CA ALA D 64 49.23 3.38 1.45
C ALA D 64 48.78 4.21 0.25
N THR D 65 49.40 3.99 -0.93
CA THR D 65 49.09 4.68 -2.19
C THR D 65 47.66 4.34 -2.64
N ILE D 66 47.33 3.03 -2.67
CA ILE D 66 46.01 2.49 -2.98
C ILE D 66 44.96 3.12 -2.05
N GLU D 67 45.23 3.13 -0.72
CA GLU D 67 44.33 3.67 0.28
C GLU D 67 44.08 5.17 0.07
N GLN D 68 45.13 5.91 -0.30
CA GLN D 68 44.99 7.34 -0.57
C GLN D 68 44.09 7.60 -1.78
N PHE D 69 44.22 6.79 -2.86
CA PHE D 69 43.36 6.86 -4.04
C PHE D 69 41.91 6.50 -3.67
N MET D 70 41.72 5.50 -2.76
CA MET D 70 40.37 5.11 -2.31
C MET D 70 39.69 6.24 -1.54
N LYS D 71 40.42 6.92 -0.68
CA LYS D 71 39.93 8.07 0.10
C LYS D 71 39.56 9.24 -0.80
N ILE D 72 40.31 9.46 -1.91
CA ILE D 72 39.99 10.48 -2.91
C ILE D 72 38.64 10.14 -3.56
N LEU D 73 38.44 8.87 -3.99
CA LEU D 73 37.16 8.41 -4.57
C LEU D 73 36.00 8.63 -3.63
N GLU D 74 36.18 8.36 -2.33
CA GLU D 74 35.13 8.52 -1.31
C GLU D 74 34.79 10.01 -1.16
N GLU D 75 35.79 10.87 -1.26
CA GLU D 75 35.56 12.29 -1.21
C GLU D 75 34.79 12.82 -2.43
N ILE D 76 35.13 12.31 -3.61
CA ILE D 76 34.48 12.67 -4.87
C ILE D 76 33.02 12.24 -4.84
N ASP D 77 32.79 11.08 -4.25
CA ASP D 77 31.49 10.46 -4.13
C ASP D 77 30.48 11.26 -3.27
N THR D 78 30.97 12.24 -2.50
CA THR D 78 30.12 13.08 -1.64
C THR D 78 29.48 14.20 -2.47
N LEU D 79 29.97 14.44 -3.72
CA LEU D 79 29.47 15.50 -4.58
C LEU D 79 28.13 15.19 -5.21
N ILE D 80 27.29 16.21 -5.29
CA ILE D 80 26.01 16.14 -5.97
C ILE D 80 26.13 17.26 -6.99
N LEU D 81 26.06 16.91 -8.27
CA LEU D 81 26.23 17.89 -9.32
C LEU D 81 25.00 17.88 -10.20
N PRO D 82 24.16 18.97 -10.19
CA PRO D 82 22.96 18.97 -11.06
C PRO D 82 23.33 18.84 -12.53
N GLU D 83 22.39 18.38 -13.36
CA GLU D 83 22.58 18.16 -14.79
C GLU D 83 23.15 19.38 -15.54
N ASN D 84 22.76 20.57 -15.08
CA ASN D 84 23.22 21.84 -15.63
C ASN D 84 24.71 22.13 -15.38
N PHE D 85 25.30 21.47 -14.39
CA PHE D 85 26.71 21.64 -14.09
C PHE D 85 27.50 20.67 -14.97
N LYS D 86 27.49 20.92 -16.27
CA LYS D 86 28.18 20.06 -17.22
C LYS D 86 29.68 20.00 -17.06
N ASP D 87 30.31 21.14 -16.80
CA ASP D 87 31.76 21.20 -16.62
C ASP D 87 32.26 20.43 -15.40
N SER D 88 31.53 20.53 -14.27
CA SER D 88 31.81 19.81 -13.02
C SER D 88 31.58 18.30 -13.20
N ARG D 89 30.53 17.92 -13.94
CA ARG D 89 30.24 16.51 -14.22
C ARG D 89 31.31 15.86 -15.09
N LEU D 90 31.81 16.59 -16.08
CA LEU D 90 32.90 16.12 -16.95
C LEU D 90 34.21 15.97 -16.18
N LYS D 91 34.56 16.99 -15.37
CA LYS D 91 35.75 16.99 -14.52
C LYS D 91 35.70 15.87 -13.50
N ARG D 92 34.53 15.66 -12.86
CA ARG D 92 34.35 14.56 -11.89
C ARG D 92 34.60 13.20 -12.55
N LYS D 93 33.96 12.98 -13.71
CA LYS D 93 34.09 11.79 -14.53
C LYS D 93 35.52 11.50 -14.94
N GLY D 94 36.19 12.51 -15.47
CA GLY D 94 37.57 12.39 -15.90
C GLY D 94 38.50 12.06 -14.74
N LEU D 95 38.27 12.68 -13.57
CA LEU D 95 39.08 12.45 -12.38
C LEU D 95 38.91 11.04 -11.81
N VAL D 96 37.67 10.54 -11.75
CA VAL D 96 37.38 9.18 -11.28
C VAL D 96 38.12 8.16 -12.17
N LYS D 97 38.01 8.32 -13.50
CA LYS D 97 38.67 7.46 -14.48
C LYS D 97 40.21 7.48 -14.33
N LYS D 98 40.78 8.66 -14.06
CA LYS D 98 42.23 8.81 -13.87
C LYS D 98 42.67 8.06 -12.58
N VAL D 99 41.93 8.21 -11.49
CA VAL D 99 42.22 7.53 -10.24
C VAL D 99 42.12 6.00 -10.45
N GLN D 100 41.08 5.55 -11.16
CA GLN D 100 40.86 4.14 -11.46
C GLN D 100 41.97 3.53 -12.31
N ALA D 101 42.54 4.31 -13.27
CA ALA D 101 43.64 3.85 -14.10
C ALA D 101 44.90 3.75 -13.23
N PHE D 102 45.10 4.68 -12.26
CA PHE D 102 46.22 4.64 -11.29
C PHE D 102 46.05 3.46 -10.32
N LEU D 103 44.81 3.16 -9.91
CA LEU D 103 44.52 1.99 -9.07
C LEU D 103 44.90 0.68 -9.77
N ALA D 104 44.64 0.57 -11.08
CA ALA D 104 45.00 -0.59 -11.91
C ALA D 104 46.51 -0.79 -11.93
N GLU D 105 47.29 0.33 -12.03
CA GLU D 105 48.76 0.35 -11.98
C GLU D 105 49.27 -0.13 -10.62
N CYS D 106 48.70 0.40 -9.53
CA CYS D 106 48.92 0.01 -8.15
C CYS D 106 48.77 -1.51 -7.99
N ASP D 107 47.70 -2.09 -8.58
CA ASP D 107 47.42 -3.55 -8.53
C ASP D 107 48.45 -4.38 -9.28
N THR D 108 48.97 -3.81 -10.36
CA THR D 108 50.05 -4.41 -11.15
C THR D 108 51.30 -4.42 -10.26
N VAL D 109 51.59 -3.30 -9.57
CA VAL D 109 52.74 -3.26 -8.66
C VAL D 109 52.60 -4.33 -7.56
N GLU D 110 51.44 -4.34 -6.88
CA GLU D 110 51.05 -5.21 -5.78
C GLU D 110 51.20 -6.71 -6.12
N GLN D 111 50.98 -7.13 -7.40
CA GLN D 111 51.14 -8.54 -7.83
C GLN D 111 52.52 -8.82 -8.53
N ASN D 112 53.52 -8.02 -8.25
CA ASN D 112 54.86 -8.16 -8.82
C ASN D 112 55.90 -8.05 -7.69
N ILE D 113 55.42 -7.94 -6.42
CA ILE D 113 56.21 -7.84 -5.17
C ILE D 113 55.57 -8.85 -4.21
N CYS D 114 56.31 -9.36 -3.21
CA CYS D 114 55.79 -10.36 -2.23
C CYS D 114 55.19 -11.65 -2.88
N GLN D 115 55.58 -11.97 -4.13
CA GLN D 115 55.06 -13.13 -4.87
C GLN D 115 55.99 -14.31 -4.73
N SER E 5 -15.97 3.64 -63.55
CA SER E 5 -15.13 4.67 -64.15
C SER E 5 -13.64 4.29 -64.12
N MET E 6 -13.20 3.58 -63.05
CA MET E 6 -11.82 3.08 -62.86
C MET E 6 -11.42 2.16 -64.00
N SER E 7 -10.14 2.22 -64.42
CA SER E 7 -9.60 1.35 -65.46
C SER E 7 -9.38 -0.08 -64.95
N LYS E 8 -9.14 -1.04 -65.85
CA LYS E 8 -8.94 -2.44 -65.49
C LYS E 8 -7.56 -2.66 -64.90
N GLY E 9 -7.52 -3.29 -63.73
CA GLY E 9 -6.28 -3.59 -63.02
C GLY E 9 -5.70 -4.96 -63.30
N PRO E 10 -4.59 -5.30 -62.62
CA PRO E 10 -3.97 -6.62 -62.84
C PRO E 10 -4.65 -7.74 -62.04
N ALA E 11 -4.15 -8.99 -62.22
CA ALA E 11 -4.65 -10.16 -61.49
C ALA E 11 -3.93 -10.19 -60.15
N VAL E 12 -4.66 -10.64 -59.10
CA VAL E 12 -4.16 -10.67 -57.73
C VAL E 12 -4.05 -12.09 -57.21
N GLY E 13 -3.28 -12.25 -56.15
CA GLY E 13 -3.15 -13.50 -55.42
C GLY E 13 -3.82 -13.32 -54.07
N ILE E 14 -4.74 -14.21 -53.74
CA ILE E 14 -5.45 -14.11 -52.48
C ILE E 14 -5.29 -15.37 -51.63
N ASP E 15 -4.85 -15.19 -50.40
CA ASP E 15 -4.71 -16.30 -49.48
C ASP E 15 -5.95 -16.22 -48.64
N LEU E 16 -6.86 -17.17 -48.81
CA LEU E 16 -8.08 -17.19 -48.03
C LEU E 16 -7.75 -18.04 -46.83
N GLY E 17 -7.47 -17.38 -45.73
CA GLY E 17 -7.09 -18.07 -44.50
C GLY E 17 -8.21 -18.30 -43.53
N THR E 18 -7.96 -19.17 -42.53
CA THR E 18 -8.92 -19.54 -41.49
C THR E 18 -9.27 -18.32 -40.63
N THR E 19 -8.26 -17.64 -40.08
CA THR E 19 -8.40 -16.49 -39.19
C THR E 19 -8.15 -15.16 -39.90
N TYR E 20 -7.22 -15.13 -40.87
CA TYR E 20 -6.84 -13.94 -41.63
C TYR E 20 -6.69 -14.26 -43.10
N SER E 21 -6.93 -13.28 -43.96
CA SER E 21 -6.73 -13.40 -45.40
C SER E 21 -5.71 -12.36 -45.80
N CYS E 22 -5.02 -12.61 -46.92
CA CYS E 22 -3.96 -11.74 -47.40
C CYS E 22 -4.07 -11.65 -48.92
N VAL E 23 -3.94 -10.43 -49.47
CA VAL E 23 -3.99 -10.18 -50.92
C VAL E 23 -2.69 -9.48 -51.39
N GLY E 24 -2.11 -10.04 -52.46
CA GLY E 24 -0.90 -9.50 -53.08
C GLY E 24 -1.03 -9.27 -54.56
N VAL E 25 -0.16 -8.41 -55.08
CA VAL E 25 -0.14 -8.07 -56.49
C VAL E 25 1.31 -8.02 -57.01
N PHE E 26 1.57 -8.70 -58.13
CA PHE E 26 2.86 -8.65 -58.79
C PHE E 26 2.85 -7.46 -59.74
N GLN E 27 3.67 -6.46 -59.44
CA GLN E 27 3.80 -5.25 -60.23
C GLN E 27 5.22 -4.73 -60.14
N HIS E 28 5.71 -4.17 -61.24
CA HIS E 28 7.06 -3.61 -61.29
C HIS E 28 8.16 -4.63 -60.95
N GLY E 29 7.97 -5.87 -61.39
CA GLY E 29 8.95 -6.91 -61.16
C GLY E 29 9.03 -7.45 -59.74
N LYS E 30 8.03 -7.14 -58.93
CA LYS E 30 8.01 -7.61 -57.53
C LYS E 30 6.57 -7.75 -57.00
N VAL E 31 6.42 -8.55 -55.91
CA VAL E 31 5.12 -8.69 -55.25
C VAL E 31 4.95 -7.59 -54.20
N GLU E 32 3.77 -6.99 -54.17
CA GLU E 32 3.48 -6.01 -53.14
C GLU E 32 2.30 -6.57 -52.37
N ILE E 33 2.45 -6.70 -51.06
CA ILE E 33 1.35 -7.20 -50.24
C ILE E 33 0.54 -5.96 -49.93
N ILE E 34 -0.75 -6.02 -50.24
CA ILE E 34 -1.62 -4.87 -50.05
C ILE E 34 -2.22 -4.68 -48.66
N ALA E 35 -2.03 -3.49 -48.12
CA ALA E 35 -2.56 -3.11 -46.81
C ALA E 35 -4.02 -2.78 -46.97
N ASN E 36 -4.82 -3.11 -45.94
CA ASN E 36 -6.25 -2.81 -45.90
C ASN E 36 -6.53 -1.37 -45.41
N ASP E 37 -7.81 -0.98 -45.41
CA ASP E 37 -8.20 0.37 -45.01
C ASP E 37 -7.63 0.81 -43.65
N GLN E 38 -7.26 -0.17 -42.78
CA GLN E 38 -6.69 0.06 -41.44
C GLN E 38 -5.16 -0.03 -41.45
N GLY E 39 -4.59 -0.18 -42.64
CA GLY E 39 -3.15 -0.26 -42.86
C GLY E 39 -2.55 -1.60 -42.52
N ASN E 40 -3.41 -2.61 -42.42
CA ASN E 40 -3.01 -3.95 -42.05
C ASN E 40 -2.81 -4.85 -43.26
N ARG E 41 -1.66 -5.49 -43.33
CA ARG E 41 -1.33 -6.38 -44.42
C ARG E 41 -2.13 -7.69 -44.47
N THR E 42 -2.77 -8.04 -43.37
CA THR E 42 -3.64 -9.22 -43.25
C THR E 42 -4.99 -8.73 -42.73
N THR E 43 -6.07 -9.34 -43.19
CA THR E 43 -7.42 -8.96 -42.81
C THR E 43 -8.13 -10.14 -42.11
N PRO E 44 -8.71 -9.93 -40.90
CA PRO E 44 -9.46 -11.01 -40.25
C PRO E 44 -10.56 -11.58 -41.16
N SER E 45 -10.65 -12.92 -41.25
CA SER E 45 -11.66 -13.61 -42.06
C SER E 45 -12.93 -13.63 -41.24
N TYR E 46 -13.41 -12.44 -40.89
CA TYR E 46 -14.56 -12.25 -40.01
C TYR E 46 -15.67 -11.49 -40.73
N VAL E 47 -16.91 -11.91 -40.49
CA VAL E 47 -18.10 -11.25 -41.03
C VAL E 47 -19.05 -11.08 -39.85
N ALA E 48 -19.49 -9.85 -39.58
CA ALA E 48 -20.42 -9.54 -38.49
C ALA E 48 -21.75 -9.04 -39.04
N PHE E 49 -22.84 -9.46 -38.41
CA PHE E 49 -24.20 -9.07 -38.79
C PHE E 49 -24.80 -8.31 -37.64
N THR E 50 -25.20 -7.06 -37.88
CA THR E 50 -25.79 -6.24 -36.83
C THR E 50 -27.25 -5.87 -37.16
N ASP E 51 -27.89 -5.08 -36.27
CA ASP E 51 -29.25 -4.58 -36.46
C ASP E 51 -29.33 -3.61 -37.66
N THR E 52 -28.17 -3.06 -38.10
CA THR E 52 -28.12 -2.05 -39.17
C THR E 52 -27.22 -2.38 -40.34
N GLU E 53 -26.18 -3.20 -40.16
CA GLU E 53 -25.21 -3.48 -41.22
C GLU E 53 -24.52 -4.84 -41.17
N ARG E 54 -23.69 -5.06 -42.18
CA ARG E 54 -22.82 -6.20 -42.36
C ARG E 54 -21.40 -5.64 -42.33
N LEU E 55 -20.54 -6.17 -41.43
CA LEU E 55 -19.16 -5.73 -41.26
C LEU E 55 -18.22 -6.86 -41.67
N ILE E 56 -17.13 -6.53 -42.36
CA ILE E 56 -16.15 -7.51 -42.81
C ILE E 56 -14.73 -7.08 -42.43
N GLY E 57 -13.89 -8.04 -42.09
CA GLY E 57 -12.50 -7.77 -41.72
C GLY E 57 -12.28 -7.22 -40.33
N ASP E 58 -11.38 -6.22 -40.23
CA ASP E 58 -11.06 -5.53 -38.97
C ASP E 58 -12.30 -4.96 -38.28
N ALA E 59 -13.25 -4.37 -39.04
CA ALA E 59 -14.49 -3.80 -38.46
C ALA E 59 -15.34 -4.89 -37.80
N ALA E 60 -15.35 -6.11 -38.39
CA ALA E 60 -16.09 -7.24 -37.85
C ALA E 60 -15.39 -7.74 -36.57
N LYS E 61 -14.05 -7.95 -36.63
CA LYS E 61 -13.29 -8.42 -35.48
C LYS E 61 -13.32 -7.42 -34.28
N ASN E 62 -13.26 -6.10 -34.55
CA ASN E 62 -13.28 -5.05 -33.54
C ASN E 62 -14.52 -5.02 -32.66
N GLN E 63 -15.64 -5.53 -33.16
CA GLN E 63 -16.90 -5.57 -32.43
C GLN E 63 -17.31 -6.98 -31.98
N VAL E 64 -16.37 -7.92 -32.02
CA VAL E 64 -16.69 -9.30 -31.65
C VAL E 64 -17.16 -9.42 -30.20
N ALA E 65 -16.53 -8.68 -29.29
CA ALA E 65 -16.93 -8.74 -27.89
C ALA E 65 -18.37 -8.24 -27.74
N MET E 66 -18.70 -7.18 -28.46
CA MET E 66 -20.03 -6.60 -28.44
C MET E 66 -21.12 -7.47 -29.05
N ASN E 67 -20.79 -8.15 -30.14
CA ASN E 67 -21.75 -9.00 -30.85
C ASN E 67 -21.14 -10.36 -31.13
N PRO E 68 -20.86 -11.14 -30.10
CA PRO E 68 -20.23 -12.46 -30.28
C PRO E 68 -21.03 -13.50 -31.07
N THR E 69 -22.34 -13.57 -30.84
CA THR E 69 -23.21 -14.54 -31.51
C THR E 69 -23.38 -14.33 -33.02
N ASN E 70 -23.41 -13.08 -33.45
CA ASN E 70 -23.60 -12.75 -34.86
C ASN E 70 -22.32 -12.46 -35.66
N THR E 71 -21.16 -12.69 -35.05
CA THR E 71 -19.86 -12.47 -35.67
C THR E 71 -19.29 -13.83 -36.08
N VAL E 72 -19.29 -14.11 -37.38
CA VAL E 72 -18.82 -15.35 -37.99
C VAL E 72 -17.34 -15.25 -38.33
N PHE E 73 -16.66 -16.35 -38.10
CA PHE E 73 -15.25 -16.54 -38.39
C PHE E 73 -15.07 -18.05 -38.56
N ASP E 74 -13.90 -18.49 -39.03
CA ASP E 74 -13.66 -19.92 -39.22
C ASP E 74 -14.52 -20.60 -40.27
N ALA E 75 -15.02 -19.87 -41.25
CA ALA E 75 -15.86 -20.45 -42.28
C ALA E 75 -15.10 -21.49 -43.09
N LYS E 76 -13.79 -21.31 -43.16
CA LYS E 76 -12.86 -22.20 -43.85
C LYS E 76 -12.91 -23.63 -43.24
N ARG E 77 -13.21 -23.72 -41.92
CA ARG E 77 -13.30 -25.01 -41.22
C ARG E 77 -14.61 -25.73 -41.64
N LEU E 78 -15.56 -24.97 -42.16
CA LEU E 78 -16.83 -25.47 -42.62
C LEU E 78 -17.02 -25.59 -44.12
N ILE E 79 -16.27 -24.80 -44.88
CA ILE E 79 -16.44 -24.79 -46.32
C ILE E 79 -16.20 -26.12 -47.01
N GLY E 80 -17.15 -26.50 -47.84
CA GLY E 80 -17.12 -27.73 -48.59
C GLY E 80 -17.40 -28.99 -47.80
N ARG E 81 -17.75 -28.85 -46.53
CA ARG E 81 -17.98 -30.02 -45.69
C ARG E 81 -19.46 -30.33 -45.54
N ARG E 82 -19.77 -31.60 -45.24
CA ARG E 82 -21.12 -32.03 -44.92
C ARG E 82 -21.35 -31.69 -43.46
N PHE E 83 -22.60 -31.46 -43.05
CA PHE E 83 -22.95 -31.14 -41.65
C PHE E 83 -22.44 -32.16 -40.66
N ASP E 84 -22.51 -33.43 -41.03
CA ASP E 84 -22.13 -34.54 -40.18
C ASP E 84 -20.65 -34.88 -40.13
N ASP E 85 -19.83 -34.10 -40.82
CA ASP E 85 -18.39 -34.28 -40.84
C ASP E 85 -17.93 -34.18 -39.40
N ALA E 86 -16.99 -35.02 -38.99
CA ALA E 86 -16.50 -35.03 -37.62
C ALA E 86 -15.94 -33.69 -37.23
N VAL E 87 -15.25 -33.06 -38.17
CA VAL E 87 -14.65 -31.73 -38.01
C VAL E 87 -15.74 -30.68 -37.67
N VAL E 88 -16.86 -30.65 -38.41
CA VAL E 88 -17.97 -29.71 -38.16
C VAL E 88 -18.56 -29.93 -36.77
N GLN E 89 -18.82 -31.18 -36.38
CA GLN E 89 -19.39 -31.51 -35.09
C GLN E 89 -18.47 -31.14 -33.91
N SER E 90 -17.15 -31.29 -34.09
CA SER E 90 -16.15 -30.97 -33.07
C SER E 90 -15.98 -29.44 -32.89
N ASP E 91 -15.75 -28.71 -33.98
CA ASP E 91 -15.54 -27.25 -34.02
C ASP E 91 -16.71 -26.41 -33.52
N MET E 92 -17.95 -26.85 -33.81
CA MET E 92 -19.24 -26.25 -33.44
C MET E 92 -19.31 -25.89 -31.95
N LYS E 93 -18.81 -26.80 -31.12
CA LYS E 93 -18.86 -26.64 -29.69
C LYS E 93 -18.16 -25.37 -29.28
N HIS E 94 -17.11 -25.03 -30.00
CA HIS E 94 -16.32 -23.85 -29.68
C HIS E 94 -16.68 -22.53 -30.36
N TRP E 95 -17.76 -22.49 -31.12
CA TRP E 95 -18.15 -21.28 -31.80
C TRP E 95 -19.33 -20.58 -31.18
N PRO E 96 -19.21 -19.28 -30.96
CA PRO E 96 -20.29 -18.48 -30.37
C PRO E 96 -21.52 -18.46 -31.27
N PHE E 97 -21.31 -18.50 -32.57
CA PHE E 97 -22.38 -18.51 -33.57
C PHE E 97 -23.02 -19.88 -33.78
N MET E 98 -24.23 -19.91 -34.31
CA MET E 98 -24.96 -21.16 -34.55
C MET E 98 -24.67 -21.77 -35.91
N VAL E 99 -24.54 -23.10 -35.94
CA VAL E 99 -24.37 -23.87 -37.16
C VAL E 99 -25.58 -24.81 -37.23
N VAL E 100 -26.37 -24.69 -38.30
CA VAL E 100 -27.57 -25.50 -38.53
C VAL E 100 -27.35 -26.44 -39.70
N ASN E 101 -28.16 -27.50 -39.76
CA ASN E 101 -28.14 -28.48 -40.83
C ASN E 101 -29.24 -28.14 -41.83
N ASP E 102 -28.86 -27.91 -43.10
CA ASP E 102 -29.81 -27.66 -44.17
C ASP E 102 -29.63 -28.77 -45.21
N ALA E 103 -30.43 -29.85 -45.07
CA ALA E 103 -30.41 -31.03 -45.95
C ALA E 103 -29.00 -31.65 -46.16
N GLY E 104 -28.30 -31.87 -45.05
CA GLY E 104 -26.96 -32.45 -45.01
C GLY E 104 -25.85 -31.43 -45.07
N ARG E 105 -26.19 -30.16 -45.35
CA ARG E 105 -25.22 -29.07 -45.50
C ARG E 105 -25.16 -28.14 -44.29
N PRO E 106 -23.96 -27.72 -43.83
CA PRO E 106 -23.91 -26.75 -42.73
C PRO E 106 -24.22 -25.34 -43.20
N LYS E 107 -24.83 -24.55 -42.33
CA LYS E 107 -25.13 -23.14 -42.58
C LYS E 107 -24.95 -22.41 -41.26
N VAL E 108 -24.30 -21.23 -41.28
CA VAL E 108 -24.18 -20.40 -40.08
C VAL E 108 -25.50 -19.65 -39.97
N GLN E 109 -26.12 -19.61 -38.77
CA GLN E 109 -27.38 -18.91 -38.54
C GLN E 109 -27.12 -17.71 -37.64
N VAL E 110 -27.52 -16.52 -38.10
CA VAL E 110 -27.31 -15.23 -37.40
C VAL E 110 -28.58 -14.38 -37.35
N GLU E 111 -28.57 -13.33 -36.52
CA GLU E 111 -29.61 -12.30 -36.47
C GLU E 111 -28.99 -11.14 -37.27
N TYR E 112 -29.67 -10.71 -38.34
CA TYR E 112 -29.21 -9.65 -39.25
C TYR E 112 -30.36 -8.72 -39.56
N LYS E 113 -30.21 -7.43 -39.18
CA LYS E 113 -31.23 -6.39 -39.31
C LYS E 113 -32.59 -6.83 -38.70
N GLY E 114 -32.51 -7.44 -37.51
CA GLY E 114 -33.66 -7.92 -36.74
C GLY E 114 -34.27 -9.24 -37.19
N GLU E 115 -33.72 -9.85 -38.26
CA GLU E 115 -34.23 -11.08 -38.86
C GLU E 115 -33.27 -12.26 -38.75
N THR E 116 -33.80 -13.49 -38.58
CA THR E 116 -33.01 -14.70 -38.55
C THR E 116 -32.63 -15.06 -39.99
N LYS E 117 -31.32 -15.12 -40.29
CA LYS E 117 -30.78 -15.47 -41.62
C LYS E 117 -29.75 -16.59 -41.49
N SER E 118 -29.62 -17.40 -42.56
CA SER E 118 -28.62 -18.46 -42.64
C SER E 118 -27.76 -18.30 -43.89
N PHE E 119 -26.47 -18.63 -43.77
CA PHE E 119 -25.56 -18.50 -44.89
C PHE E 119 -24.74 -19.75 -45.07
N TYR E 120 -24.53 -20.14 -46.32
CA TYR E 120 -23.66 -21.27 -46.61
C TYR E 120 -22.22 -20.83 -46.36
N PRO E 121 -21.28 -21.73 -45.97
CA PRO E 121 -19.89 -21.28 -45.75
C PRO E 121 -19.26 -20.54 -46.94
N GLU E 122 -19.64 -20.90 -48.18
CA GLU E 122 -19.11 -20.21 -49.38
C GLU E 122 -19.68 -18.79 -49.54
N GLU E 123 -20.86 -18.50 -48.93
CA GLU E 123 -21.41 -17.15 -48.97
C GLU E 123 -20.57 -16.28 -48.00
N VAL E 124 -20.22 -16.81 -46.81
CA VAL E 124 -19.40 -16.13 -45.80
C VAL E 124 -17.99 -15.89 -46.38
N SER E 125 -17.44 -16.88 -47.11
CA SER E 125 -16.13 -16.74 -47.72
C SER E 125 -16.13 -15.79 -48.91
N SER E 126 -17.28 -15.72 -49.62
CA SER E 126 -17.50 -14.77 -50.74
C SER E 126 -17.50 -13.33 -50.18
N MET E 127 -17.93 -13.15 -48.92
CA MET E 127 -17.92 -11.83 -48.28
C MET E 127 -16.46 -11.38 -47.89
N VAL E 128 -15.58 -12.33 -47.47
CA VAL E 128 -14.19 -12.06 -47.11
C VAL E 128 -13.44 -11.76 -48.42
N LEU E 129 -13.70 -12.58 -49.46
CA LEU E 129 -13.10 -12.40 -50.78
C LEU E 129 -13.49 -11.06 -51.42
N THR E 130 -14.76 -10.63 -51.26
CA THR E 130 -15.26 -9.33 -51.73
C THR E 130 -14.41 -8.24 -51.08
N LYS E 131 -14.18 -8.34 -49.76
CA LYS E 131 -13.36 -7.41 -49.00
C LYS E 131 -11.91 -7.40 -49.51
N MET E 132 -11.33 -8.58 -49.78
CA MET E 132 -9.96 -8.71 -50.31
C MET E 132 -9.82 -8.08 -51.70
N LYS E 133 -10.86 -8.22 -52.52
CA LYS E 133 -10.97 -7.63 -53.84
C LYS E 133 -11.06 -6.09 -53.69
N GLU E 134 -11.82 -5.61 -52.69
CA GLU E 134 -11.98 -4.18 -52.46
C GLU E 134 -10.71 -3.53 -51.92
N ILE E 135 -9.95 -4.30 -51.12
CA ILE E 135 -8.65 -3.89 -50.55
C ILE E 135 -7.67 -3.64 -51.69
N ALA E 136 -7.62 -4.59 -52.67
CA ALA E 136 -6.79 -4.52 -53.86
C ALA E 136 -7.17 -3.28 -54.72
N GLU E 137 -8.47 -3.07 -54.98
CA GLU E 137 -8.99 -1.95 -55.76
C GLU E 137 -8.71 -0.59 -55.10
N ALA E 138 -8.85 -0.50 -53.77
CA ALA E 138 -8.57 0.74 -53.03
C ALA E 138 -7.10 1.14 -53.14
N TYR E 139 -6.19 0.15 -53.19
CA TYR E 139 -4.76 0.41 -53.30
C TYR E 139 -4.35 0.76 -54.73
N LEU E 140 -4.81 -0.04 -55.69
CA LEU E 140 -4.43 0.14 -57.10
C LEU E 140 -5.10 1.28 -57.80
N GLY E 141 -6.32 1.62 -57.38
CA GLY E 141 -7.14 2.65 -58.02
C GLY E 141 -7.68 2.16 -59.35
N LYS E 142 -7.76 0.83 -59.50
CA LYS E 142 -8.22 0.13 -60.70
C LYS E 142 -9.14 -1.01 -60.27
N THR E 143 -10.04 -1.44 -61.18
CA THR E 143 -10.97 -2.57 -60.95
C THR E 143 -10.17 -3.88 -60.89
N VAL E 144 -10.53 -4.80 -59.98
CA VAL E 144 -9.87 -6.11 -59.79
C VAL E 144 -10.93 -7.21 -60.00
N THR E 145 -10.69 -8.13 -60.94
CA THR E 145 -11.62 -9.22 -61.22
C THR E 145 -10.91 -10.59 -61.19
N ASN E 146 -9.69 -10.66 -61.73
CA ASN E 146 -8.93 -11.92 -61.84
C ASN E 146 -8.11 -12.23 -60.60
N ALA E 147 -8.23 -13.44 -60.10
CA ALA E 147 -7.46 -13.84 -58.91
C ALA E 147 -7.10 -15.30 -58.86
N VAL E 148 -6.04 -15.58 -58.11
CA VAL E 148 -5.60 -16.92 -57.86
C VAL E 148 -5.90 -17.07 -56.38
N VAL E 149 -6.67 -18.09 -56.02
CA VAL E 149 -7.04 -18.32 -54.63
C VAL E 149 -6.41 -19.62 -54.15
N THR E 150 -5.84 -19.58 -52.96
CA THR E 150 -5.18 -20.75 -52.38
C THR E 150 -6.08 -21.55 -51.46
N VAL E 151 -5.80 -22.86 -51.37
CA VAL E 151 -6.53 -23.82 -50.49
C VAL E 151 -5.49 -24.75 -49.85
N PRO E 152 -5.77 -25.38 -48.67
CA PRO E 152 -4.82 -26.35 -48.12
C PRO E 152 -4.69 -27.55 -49.03
N ALA E 153 -3.52 -28.22 -49.01
CA ALA E 153 -3.25 -29.39 -49.85
C ALA E 153 -4.18 -30.58 -49.53
N TYR E 154 -4.72 -30.66 -48.28
CA TYR E 154 -5.63 -31.72 -47.83
C TYR E 154 -7.12 -31.49 -48.22
N PHE E 155 -7.45 -30.31 -48.78
CA PHE E 155 -8.83 -30.01 -49.21
C PHE E 155 -9.28 -31.03 -50.26
N ASN E 156 -10.50 -31.59 -50.11
CA ASN E 156 -11.05 -32.56 -51.10
C ASN E 156 -11.73 -31.80 -52.26
N ASP E 157 -12.39 -32.53 -53.20
CA ASP E 157 -13.07 -31.93 -54.35
C ASP E 157 -14.17 -30.95 -53.97
N SER E 158 -14.96 -31.31 -52.94
CA SER E 158 -16.08 -30.51 -52.45
C SER E 158 -15.62 -29.21 -51.77
N GLN E 159 -14.49 -29.26 -51.03
CA GLN E 159 -13.92 -28.11 -50.36
C GLN E 159 -13.30 -27.14 -51.36
N ARG E 160 -12.66 -27.68 -52.41
CA ARG E 160 -12.04 -26.92 -53.51
C ARG E 160 -13.11 -26.27 -54.37
N GLN E 161 -14.20 -27.02 -54.70
CA GLN E 161 -15.29 -26.46 -55.50
C GLN E 161 -15.97 -25.32 -54.78
N ALA E 162 -16.27 -25.51 -53.48
CA ALA E 162 -16.92 -24.50 -52.65
C ALA E 162 -16.08 -23.21 -52.51
N THR E 163 -14.72 -23.33 -52.46
CA THR E 163 -13.82 -22.16 -52.44
C THR E 163 -13.90 -21.44 -53.80
N LYS E 164 -13.93 -22.21 -54.89
CA LYS E 164 -14.06 -21.63 -56.25
C LYS E 164 -15.41 -20.92 -56.34
N ASP E 165 -16.48 -21.54 -55.80
CA ASP E 165 -17.83 -20.96 -55.76
C ASP E 165 -17.86 -19.67 -54.95
N ALA E 166 -17.10 -19.60 -53.84
CA ALA E 166 -16.99 -18.37 -53.02
C ALA E 166 -16.40 -17.22 -53.86
N GLY E 167 -15.43 -17.53 -54.72
CA GLY E 167 -14.80 -16.59 -55.65
C GLY E 167 -15.79 -16.08 -56.68
N THR E 168 -16.56 -16.99 -57.28
CA THR E 168 -17.60 -16.68 -58.27
C THR E 168 -18.70 -15.74 -57.69
N ILE E 169 -19.18 -16.03 -56.46
CA ILE E 169 -20.20 -15.24 -55.77
C ILE E 169 -19.65 -13.82 -55.48
N ALA E 170 -18.34 -13.71 -55.16
CA ALA E 170 -17.64 -12.46 -54.86
C ALA E 170 -17.33 -11.63 -56.13
N GLY E 171 -17.80 -12.10 -57.29
CA GLY E 171 -17.57 -11.41 -58.56
C GLY E 171 -16.15 -11.57 -59.09
N LEU E 172 -15.44 -12.58 -58.58
CA LEU E 172 -14.07 -12.85 -59.03
C LEU E 172 -14.03 -13.88 -60.14
N ASN E 173 -13.10 -13.72 -61.05
CA ASN E 173 -12.82 -14.68 -62.09
C ASN E 173 -11.62 -15.44 -61.55
N VAL E 174 -11.86 -16.66 -61.01
CA VAL E 174 -10.82 -17.48 -60.39
C VAL E 174 -9.98 -18.12 -61.49
N LEU E 175 -8.79 -17.54 -61.77
CA LEU E 175 -7.85 -18.01 -62.80
C LEU E 175 -7.42 -19.44 -62.49
N ARG E 176 -7.10 -19.71 -61.24
CA ARG E 176 -6.70 -21.01 -60.77
C ARG E 176 -6.75 -21.13 -59.27
N ILE E 177 -6.90 -22.36 -58.79
CA ILE E 177 -6.90 -22.64 -57.38
C ILE E 177 -5.60 -23.41 -57.17
N ILE E 178 -4.76 -22.96 -56.26
CA ILE E 178 -3.52 -23.66 -56.01
C ILE E 178 -3.34 -23.94 -54.53
N ASN E 179 -2.58 -24.98 -54.22
CA ASN E 179 -2.30 -25.43 -52.85
C ASN E 179 -1.46 -24.40 -52.13
N GLU E 180 -1.77 -24.18 -50.83
CA GLU E 180 -1.02 -23.25 -49.96
C GLU E 180 0.47 -23.63 -49.90
N PRO E 181 0.86 -24.92 -49.69
CA PRO E 181 2.31 -25.26 -49.70
C PRO E 181 2.96 -25.03 -51.07
N THR E 182 2.22 -25.25 -52.18
CA THR E 182 2.71 -25.01 -53.56
C THR E 182 2.94 -23.49 -53.76
N ALA E 183 2.00 -22.65 -53.27
CA ALA E 183 2.10 -21.18 -53.34
C ALA E 183 3.35 -20.72 -52.60
N ALA E 184 3.63 -21.30 -51.40
CA ALA E 184 4.82 -20.97 -50.62
C ALA E 184 6.12 -21.35 -51.35
N ALA E 185 6.13 -22.51 -52.00
CA ALA E 185 7.29 -22.96 -52.75
C ALA E 185 7.55 -22.01 -53.92
N ILE E 186 6.47 -21.61 -54.56
CA ILE E 186 6.51 -20.70 -55.70
C ILE E 186 7.08 -19.34 -55.31
N ALA E 187 6.72 -18.86 -54.12
CA ALA E 187 7.19 -17.56 -53.64
C ALA E 187 8.71 -17.52 -53.56
N TYR E 188 9.29 -18.62 -53.09
CA TYR E 188 10.74 -18.77 -52.98
C TYR E 188 11.42 -19.24 -54.29
N GLY E 189 10.63 -19.42 -55.34
CA GLY E 189 11.10 -19.86 -56.66
C GLY E 189 11.82 -21.18 -56.61
N LEU E 190 11.39 -22.10 -55.71
CA LEU E 190 11.98 -23.43 -55.53
C LEU E 190 11.83 -24.36 -56.76
N ASP E 191 10.85 -24.05 -57.63
CA ASP E 191 10.54 -24.73 -58.88
C ASP E 191 11.46 -24.29 -60.03
N LYS E 192 12.28 -23.24 -59.81
CA LYS E 192 13.19 -22.67 -60.81
C LYS E 192 14.67 -22.97 -60.54
N LYS E 193 14.96 -23.61 -59.41
CA LYS E 193 16.31 -24.00 -59.01
C LYS E 193 16.85 -25.08 -59.94
N VAL E 194 18.12 -24.93 -60.36
CA VAL E 194 18.74 -25.88 -61.27
C VAL E 194 19.15 -27.17 -60.54
N GLY E 195 19.04 -28.29 -61.25
CA GLY E 195 19.35 -29.62 -60.73
C GLY E 195 18.22 -30.63 -60.89
N ALA E 196 18.29 -31.71 -60.14
CA ALA E 196 17.27 -32.76 -60.20
C ALA E 196 16.06 -32.46 -59.33
N GLU E 197 15.19 -33.45 -59.16
CA GLU E 197 13.98 -33.30 -58.40
C GLU E 197 14.31 -32.86 -56.99
N ARG E 198 13.49 -31.99 -56.43
CA ARG E 198 13.73 -31.55 -55.08
C ARG E 198 12.56 -31.77 -54.14
N ASN E 199 12.91 -32.14 -52.93
CA ASN E 199 11.97 -32.42 -51.84
C ASN E 199 11.89 -31.21 -50.96
N VAL E 200 10.69 -30.73 -50.78
CA VAL E 200 10.43 -29.49 -50.07
C VAL E 200 9.50 -29.74 -48.89
N LEU E 201 9.91 -29.29 -47.71
CA LEU E 201 9.09 -29.35 -46.53
C LEU E 201 8.54 -27.95 -46.24
N ILE E 202 7.21 -27.83 -46.18
CA ILE E 202 6.53 -26.58 -45.81
C ILE E 202 6.07 -26.75 -44.38
N PHE E 203 6.60 -25.90 -43.49
CA PHE E 203 6.32 -25.88 -42.07
C PHE E 203 5.41 -24.66 -41.83
N ASP E 204 4.10 -24.90 -41.82
CA ASP E 204 3.10 -23.86 -41.68
C ASP E 204 2.47 -23.80 -40.29
N LEU E 205 2.97 -22.87 -39.44
CA LEU E 205 2.46 -22.67 -38.08
C LEU E 205 1.88 -21.25 -37.98
N GLY E 206 0.60 -21.13 -38.33
CA GLY E 206 -0.11 -19.86 -38.33
C GLY E 206 -1.58 -20.01 -38.67
N GLY E 207 -2.36 -19.01 -38.29
CA GLY E 207 -3.80 -18.99 -38.51
C GLY E 207 -4.54 -20.06 -37.73
N GLY E 208 -4.12 -20.30 -36.48
CA GLY E 208 -4.69 -21.26 -35.53
C GLY E 208 -4.60 -22.74 -35.90
N THR E 209 -3.82 -23.05 -36.96
CA THR E 209 -3.60 -24.43 -37.44
C THR E 209 -2.11 -24.67 -37.63
N PHE E 210 -1.69 -25.93 -37.57
CA PHE E 210 -0.33 -26.33 -37.84
C PHE E 210 -0.36 -27.36 -38.96
N ASP E 211 0.22 -26.99 -40.11
CA ASP E 211 0.27 -27.86 -41.29
C ASP E 211 1.69 -28.10 -41.74
N VAL E 212 2.07 -29.38 -41.89
CA VAL E 212 3.35 -29.80 -42.43
C VAL E 212 3.08 -30.49 -43.78
N SER E 213 3.72 -30.01 -44.83
CA SER E 213 3.53 -30.58 -46.15
C SER E 213 4.85 -30.94 -46.77
N ILE E 214 4.92 -32.07 -47.44
CA ILE E 214 6.13 -32.43 -48.12
C ILE E 214 5.83 -32.53 -49.61
N LEU E 215 6.59 -31.82 -50.42
CA LEU E 215 6.37 -31.82 -51.84
C LEU E 215 7.61 -32.19 -52.62
N THR E 216 7.40 -32.76 -53.80
CA THR E 216 8.50 -33.09 -54.67
C THR E 216 8.29 -32.25 -55.93
N ILE E 217 9.28 -31.44 -56.28
CA ILE E 217 9.26 -30.61 -57.48
C ILE E 217 10.19 -31.27 -58.47
N GLU E 218 9.62 -31.72 -59.59
CA GLU E 218 10.37 -32.37 -60.64
C GLU E 218 9.89 -31.78 -61.95
N ASP E 219 10.81 -31.12 -62.68
CA ASP E 219 10.54 -30.48 -63.97
C ASP E 219 9.39 -29.49 -63.86
N GLY E 220 9.37 -28.76 -62.74
CA GLY E 220 8.37 -27.74 -62.45
C GLY E 220 7.00 -28.21 -62.00
N ILE E 221 6.82 -29.53 -61.95
CA ILE E 221 5.57 -30.12 -61.51
C ILE E 221 5.65 -30.34 -60.00
N PHE E 222 4.65 -29.88 -59.28
CA PHE E 222 4.56 -30.00 -57.84
C PHE E 222 3.74 -31.24 -57.55
N GLU E 223 4.26 -32.10 -56.67
CA GLU E 223 3.58 -33.31 -56.23
C GLU E 223 3.53 -33.30 -54.72
N VAL E 224 2.30 -33.39 -54.17
CA VAL E 224 2.11 -33.46 -52.71
C VAL E 224 2.38 -34.91 -52.31
N LYS E 225 3.48 -35.16 -51.56
CA LYS E 225 3.87 -36.52 -51.13
C LYS E 225 3.19 -36.91 -49.82
N SER E 226 3.04 -35.93 -48.89
CA SER E 226 2.41 -36.16 -47.57
C SER E 226 2.01 -34.84 -46.92
N THR E 227 0.97 -34.92 -46.07
CA THR E 227 0.44 -33.83 -45.27
C THR E 227 0.28 -34.38 -43.85
N ALA E 228 0.62 -33.58 -42.85
CA ALA E 228 0.53 -33.89 -41.42
C ALA E 228 0.36 -32.58 -40.67
N GLY E 229 0.06 -32.67 -39.39
CA GLY E 229 -0.12 -31.48 -38.56
C GLY E 229 -1.08 -31.63 -37.41
N ASP E 230 -1.50 -30.48 -36.86
CA ASP E 230 -2.42 -30.33 -35.74
C ASP E 230 -3.35 -29.16 -36.12
N THR E 231 -4.61 -29.45 -36.37
CA THR E 231 -5.59 -28.45 -36.81
C THR E 231 -5.89 -27.31 -35.83
N HIS E 232 -5.62 -27.51 -34.56
CA HIS E 232 -5.90 -26.47 -33.58
C HIS E 232 -4.70 -25.89 -32.81
N LEU E 233 -3.50 -25.97 -33.38
CA LEU E 233 -2.32 -25.44 -32.72
C LEU E 233 -1.88 -24.13 -33.36
N GLY E 234 -1.59 -23.14 -32.53
CA GLY E 234 -1.17 -21.84 -33.02
C GLY E 234 -0.61 -20.97 -31.92
N GLY E 235 -0.45 -19.69 -32.24
CA GLY E 235 0.05 -18.67 -31.34
C GLY E 235 -0.78 -18.48 -30.09
N GLU E 236 -2.11 -18.70 -30.18
CA GLU E 236 -3.03 -18.55 -29.05
C GLU E 236 -2.69 -19.53 -27.93
N ASP E 237 -2.17 -20.73 -28.28
CA ASP E 237 -1.73 -21.74 -27.31
C ASP E 237 -0.51 -21.25 -26.55
N PHE E 238 0.39 -20.53 -27.22
CA PHE E 238 1.62 -19.97 -26.64
C PHE E 238 1.29 -18.77 -25.74
N ASP E 239 0.25 -18.00 -26.10
CA ASP E 239 -0.26 -16.87 -25.34
C ASP E 239 -0.90 -17.35 -24.04
N ASN E 240 -1.67 -18.48 -24.11
CA ASN E 240 -2.36 -19.09 -22.96
C ASN E 240 -1.35 -19.47 -21.89
N ARG E 241 -0.19 -20.04 -22.28
CA ARG E 241 0.90 -20.44 -21.39
C ARG E 241 1.49 -19.21 -20.68
N MET E 242 1.65 -18.08 -21.40
CA MET E 242 2.13 -16.82 -20.83
C MET E 242 1.10 -16.23 -19.88
N VAL E 243 -0.20 -16.26 -20.26
CA VAL E 243 -1.32 -15.79 -19.40
C VAL E 243 -1.34 -16.61 -18.11
N ASN E 244 -1.29 -17.93 -18.22
CA ASN E 244 -1.28 -18.79 -17.05
C ASN E 244 -0.08 -18.52 -16.17
N HIS E 245 1.06 -18.26 -16.78
CA HIS E 245 2.26 -17.94 -16.02
C HIS E 245 2.06 -16.67 -15.21
N PHE E 246 1.50 -15.64 -15.84
CA PHE E 246 1.24 -14.37 -15.16
C PHE E 246 0.17 -14.46 -14.07
N ILE E 247 -0.88 -15.24 -14.33
CA ILE E 247 -1.96 -15.44 -13.37
C ILE E 247 -1.38 -16.08 -12.08
N ALA E 248 -0.50 -17.11 -12.24
CA ALA E 248 0.17 -17.81 -11.13
C ALA E 248 1.09 -16.84 -10.39
N GLU E 249 1.86 -16.03 -11.14
CA GLU E 249 2.75 -14.99 -10.60
C GLU E 249 1.97 -13.95 -9.78
N PHE E 250 0.80 -13.50 -10.26
CA PHE E 250 -0.01 -12.53 -9.50
C PHE E 250 -0.54 -13.18 -8.19
N LYS E 251 -0.84 -14.50 -8.24
CA LYS E 251 -1.31 -15.24 -7.07
C LYS E 251 -0.17 -15.35 -6.06
N ARG E 252 1.06 -15.69 -6.52
CA ARG E 252 2.23 -15.82 -5.63
C ARG E 252 2.56 -14.48 -4.95
N LYS E 253 2.58 -13.40 -5.73
CA LYS E 253 2.83 -12.06 -5.21
C LYS E 253 1.75 -11.43 -4.35
N HIS E 254 0.50 -11.52 -4.79
CA HIS E 254 -0.60 -10.88 -4.09
C HIS E 254 -1.68 -11.77 -3.49
N LYS E 255 -1.57 -13.06 -3.65
CA LYS E 255 -2.55 -13.97 -3.10
C LYS E 255 -3.95 -13.59 -3.55
N LYS E 256 -4.07 -13.20 -4.81
CA LYS E 256 -5.32 -12.81 -5.45
C LYS E 256 -5.42 -13.46 -6.79
N ASP E 257 -6.64 -13.92 -7.10
CA ASP E 257 -7.01 -14.62 -8.32
C ASP E 257 -7.72 -13.68 -9.28
N ILE E 258 -7.04 -13.29 -10.37
CA ILE E 258 -7.60 -12.36 -11.36
C ILE E 258 -8.46 -13.08 -12.41
N SER E 259 -8.36 -14.44 -12.49
CA SER E 259 -8.97 -15.28 -13.52
C SER E 259 -10.51 -15.17 -13.67
N GLU E 260 -11.24 -14.77 -12.64
CA GLU E 260 -12.69 -14.65 -12.83
C GLU E 260 -13.10 -13.24 -13.23
N ASN E 261 -12.12 -12.32 -13.35
CA ASN E 261 -12.37 -10.96 -13.81
C ASN E 261 -11.97 -10.95 -15.29
N LYS E 262 -12.97 -11.03 -16.20
CA LYS E 262 -12.78 -11.07 -17.66
C LYS E 262 -11.99 -9.88 -18.19
N ARG E 263 -12.23 -8.67 -17.67
CA ARG E 263 -11.51 -7.47 -18.09
C ARG E 263 -10.03 -7.50 -17.71
N ALA E 264 -9.70 -8.00 -16.50
CA ALA E 264 -8.31 -8.15 -16.02
C ALA E 264 -7.58 -9.17 -16.88
N VAL E 265 -8.23 -10.32 -17.16
CA VAL E 265 -7.65 -11.40 -18.01
C VAL E 265 -7.43 -10.88 -19.44
N ARG E 266 -8.39 -10.10 -19.98
CA ARG E 266 -8.25 -9.55 -21.32
C ARG E 266 -7.07 -8.56 -21.36
N ARG E 267 -6.92 -7.69 -20.34
CA ARG E 267 -5.81 -6.73 -20.31
C ARG E 267 -4.46 -7.49 -20.29
N LEU E 268 -4.39 -8.55 -19.50
CA LEU E 268 -3.21 -9.39 -19.39
C LEU E 268 -2.94 -10.13 -20.71
N ARG E 269 -3.99 -10.72 -21.33
CA ARG E 269 -3.87 -11.47 -22.59
C ARG E 269 -3.33 -10.60 -23.73
N THR E 270 -3.88 -9.39 -23.89
CA THR E 270 -3.45 -8.42 -24.89
C THR E 270 -1.98 -8.05 -24.66
N ALA E 271 -1.59 -7.84 -23.40
CA ALA E 271 -0.23 -7.51 -23.04
C ALA E 271 0.72 -8.70 -23.36
N CYS E 272 0.25 -9.94 -23.18
CA CYS E 272 1.02 -11.18 -23.47
C CYS E 272 1.20 -11.37 -24.96
N GLU E 273 0.16 -11.10 -25.77
CA GLU E 273 0.23 -11.21 -27.26
C GLU E 273 1.33 -10.28 -27.78
N ARG E 274 1.38 -9.03 -27.24
CA ARG E 274 2.37 -8.02 -27.59
C ARG E 274 3.78 -8.45 -27.12
N ALA E 275 3.89 -8.92 -25.84
CA ALA E 275 5.13 -9.38 -25.24
C ALA E 275 5.72 -10.53 -26.03
N LYS E 276 4.88 -11.48 -26.50
CA LYS E 276 5.29 -12.63 -27.31
C LYS E 276 5.99 -12.15 -28.60
N ARG E 277 5.37 -11.18 -29.30
N ARG E 277 5.37 -11.18 -29.30
CA ARG E 277 5.87 -10.59 -30.54
CA ARG E 277 5.89 -10.60 -30.55
C ARG E 277 7.24 -9.94 -30.32
C ARG E 277 7.24 -9.90 -30.34
N THR E 278 7.40 -9.19 -29.21
CA THR E 278 8.66 -8.53 -28.80
C THR E 278 9.77 -9.57 -28.57
N LEU E 279 9.44 -10.74 -27.99
CA LEU E 279 10.38 -11.80 -27.68
C LEU E 279 10.88 -12.57 -28.91
N SER E 280 10.36 -12.25 -30.11
CA SER E 280 10.84 -12.85 -31.36
C SER E 280 12.04 -12.03 -31.87
N SER E 281 12.21 -10.78 -31.37
CA SER E 281 13.32 -9.90 -31.77
C SER E 281 14.18 -9.42 -30.58
N SER E 282 13.65 -9.50 -29.35
CA SER E 282 14.37 -9.12 -28.12
C SER E 282 14.42 -10.34 -27.19
N THR E 283 15.30 -10.32 -26.19
CA THR E 283 15.43 -11.43 -25.26
C THR E 283 14.62 -11.17 -23.98
N GLN E 284 13.98 -9.99 -23.90
CA GLN E 284 13.16 -9.60 -22.76
C GLN E 284 12.01 -8.67 -23.17
N ALA E 285 10.86 -8.78 -22.49
CA ALA E 285 9.70 -7.92 -22.72
C ALA E 285 9.16 -7.48 -21.36
N SER E 286 8.89 -6.18 -21.20
CA SER E 286 8.36 -5.61 -19.97
C SER E 286 6.88 -5.28 -20.13
N ILE E 287 6.12 -5.51 -19.07
CA ILE E 287 4.69 -5.21 -19.03
C ILE E 287 4.39 -4.35 -17.79
N GLU E 288 3.66 -3.27 -17.99
CA GLU E 288 3.19 -2.38 -16.93
C GLU E 288 1.68 -2.18 -17.10
N ILE E 289 0.92 -2.75 -16.18
CA ILE E 289 -0.54 -2.66 -16.18
C ILE E 289 -0.96 -2.07 -14.84
N ASP E 290 -1.38 -0.80 -14.86
CA ASP E 290 -1.87 -0.12 -13.68
C ASP E 290 -3.22 -0.64 -13.32
N SER E 291 -3.45 -0.79 -12.01
CA SER E 291 -4.72 -1.19 -11.42
C SER E 291 -5.35 -2.39 -12.18
N LEU E 292 -4.55 -3.44 -12.39
CA LEU E 292 -4.99 -4.65 -13.10
C LEU E 292 -6.20 -5.32 -12.40
N TYR E 293 -6.09 -5.50 -11.07
CA TYR E 293 -7.11 -6.17 -10.29
C TYR E 293 -7.03 -5.68 -8.88
N GLU E 294 -8.20 -5.25 -8.34
CA GLU E 294 -8.35 -4.73 -6.98
C GLU E 294 -7.34 -3.63 -6.66
N GLY E 295 -7.11 -2.77 -7.65
CA GLY E 295 -6.21 -1.61 -7.54
C GLY E 295 -4.74 -1.91 -7.58
N ILE E 296 -4.35 -3.18 -7.72
CA ILE E 296 -2.95 -3.61 -7.76
C ILE E 296 -2.31 -3.37 -9.15
N ASP E 297 -1.18 -2.67 -9.16
CA ASP E 297 -0.42 -2.42 -10.38
C ASP E 297 0.41 -3.67 -10.65
N PHE E 298 0.44 -4.11 -11.91
CA PHE E 298 1.20 -5.30 -12.30
C PHE E 298 2.36 -4.93 -13.23
N TYR E 299 3.55 -4.76 -12.64
CA TYR E 299 4.76 -4.39 -13.36
C TYR E 299 5.63 -5.60 -13.29
N THR E 300 5.91 -6.17 -14.46
CA THR E 300 6.65 -7.40 -14.57
C THR E 300 7.40 -7.45 -15.88
N SER E 301 8.14 -8.53 -16.07
CA SER E 301 8.85 -8.79 -17.31
C SER E 301 8.95 -10.30 -17.50
N ILE E 302 9.27 -10.70 -18.73
CA ILE E 302 9.45 -12.09 -19.13
C ILE E 302 10.61 -12.14 -20.13
N THR E 303 11.52 -13.08 -19.95
CA THR E 303 12.64 -13.28 -20.88
C THR E 303 12.20 -14.29 -21.95
N ARG E 304 12.91 -14.30 -23.06
CA ARG E 304 12.67 -15.27 -24.11
C ARG E 304 12.84 -16.70 -23.56
N ALA E 305 13.86 -16.89 -22.69
CA ALA E 305 14.15 -18.17 -22.06
C ALA E 305 12.97 -18.71 -21.24
N ARG E 306 12.31 -17.87 -20.42
CA ARG E 306 11.14 -18.26 -19.64
C ARG E 306 9.99 -18.58 -20.58
N PHE E 307 9.74 -17.72 -21.62
CA PHE E 307 8.68 -17.94 -22.61
C PHE E 307 8.87 -19.33 -23.31
N GLU E 308 10.13 -19.68 -23.60
CA GLU E 308 10.52 -20.94 -24.21
C GLU E 308 10.30 -22.10 -23.27
N GLU E 309 10.73 -21.97 -21.99
CA GLU E 309 10.51 -23.01 -20.97
C GLU E 309 9.00 -23.26 -20.84
N LEU E 310 8.21 -22.18 -20.75
CA LEU E 310 6.74 -22.23 -20.60
C LEU E 310 6.03 -23.01 -21.71
N ASN E 311 6.58 -22.94 -22.91
CA ASN E 311 6.06 -23.56 -24.13
C ASN E 311 6.88 -24.74 -24.67
N ALA E 312 7.82 -25.29 -23.85
CA ALA E 312 8.80 -26.30 -24.27
C ALA E 312 8.20 -27.53 -24.94
N ASP E 313 7.10 -28.09 -24.40
CA ASP E 313 6.45 -29.30 -24.93
C ASP E 313 5.75 -29.00 -26.26
N LEU E 314 5.11 -27.85 -26.32
CA LEU E 314 4.42 -27.41 -27.53
C LEU E 314 5.41 -27.18 -28.66
N PHE E 315 6.53 -26.52 -28.37
CA PHE E 315 7.54 -26.25 -29.38
C PHE E 315 8.19 -27.55 -29.90
N ARG E 316 8.53 -28.46 -28.99
CA ARG E 316 9.12 -29.74 -29.32
C ARG E 316 8.14 -30.56 -30.11
N GLY E 317 6.90 -30.51 -29.68
CA GLY E 317 5.83 -31.26 -30.32
C GLY E 317 5.60 -30.96 -31.80
N THR E 318 6.08 -29.79 -32.29
CA THR E 318 5.96 -29.41 -33.71
C THR E 318 6.77 -30.37 -34.64
N LEU E 319 7.79 -31.05 -34.10
CA LEU E 319 8.64 -31.99 -34.84
C LEU E 319 8.00 -33.35 -35.06
N ASP E 320 6.94 -33.69 -34.29
CA ASP E 320 6.24 -34.97 -34.44
C ASP E 320 5.50 -35.01 -35.79
N PRO E 321 4.67 -33.98 -36.21
CA PRO E 321 4.08 -34.02 -37.57
C PRO E 321 5.12 -33.96 -38.70
N VAL E 322 6.34 -33.43 -38.44
CA VAL E 322 7.45 -33.36 -39.39
C VAL E 322 7.94 -34.80 -39.64
N GLU E 323 8.21 -35.57 -38.54
CA GLU E 323 8.66 -36.96 -38.63
C GLU E 323 7.58 -37.83 -39.27
N LYS E 324 6.29 -37.58 -38.93
CA LYS E 324 5.17 -38.31 -39.52
C LYS E 324 5.08 -38.02 -41.03
N ALA E 325 5.20 -36.73 -41.45
CA ALA E 325 5.19 -36.35 -42.87
C ALA E 325 6.32 -37.05 -43.65
N LEU E 326 7.56 -37.05 -43.10
CA LEU E 326 8.74 -37.71 -43.69
C LEU E 326 8.50 -39.21 -43.88
N ARG E 327 7.91 -39.87 -42.89
CA ARG E 327 7.56 -41.29 -42.89
C ARG E 327 6.56 -41.59 -44.01
N ASP E 328 5.46 -40.80 -44.09
CA ASP E 328 4.42 -40.97 -45.11
C ASP E 328 4.90 -40.70 -46.53
N ALA E 329 5.87 -39.75 -46.69
CA ALA E 329 6.49 -39.40 -47.96
C ALA E 329 7.61 -40.40 -48.32
N LYS E 330 7.89 -41.38 -47.41
CA LYS E 330 8.95 -42.38 -47.52
C LYS E 330 10.31 -41.66 -47.77
N LEU E 331 10.54 -40.55 -47.05
CA LEU E 331 11.79 -39.79 -47.15
C LEU E 331 12.50 -39.70 -45.80
N ASP E 332 13.84 -39.70 -45.84
CA ASP E 332 14.67 -39.45 -44.67
C ASP E 332 14.82 -37.93 -44.61
N LYS E 333 15.02 -37.34 -43.42
CA LYS E 333 15.17 -35.88 -43.26
C LYS E 333 16.34 -35.31 -44.09
N SER E 334 17.37 -36.14 -44.38
CA SER E 334 18.53 -35.76 -45.17
C SER E 334 18.20 -35.57 -46.68
N GLN E 335 17.02 -36.06 -47.11
CA GLN E 335 16.54 -36.01 -48.50
C GLN E 335 15.74 -34.71 -48.78
N ILE E 336 15.58 -33.89 -47.75
CA ILE E 336 14.88 -32.63 -47.89
C ILE E 336 15.82 -31.50 -48.34
N HIS E 337 15.59 -31.04 -49.56
CA HIS E 337 16.34 -29.95 -50.17
C HIS E 337 16.09 -28.55 -49.62
N ASP E 338 14.82 -28.24 -49.39
CA ASP E 338 14.40 -26.93 -48.89
C ASP E 338 13.33 -27.01 -47.81
N ILE E 339 13.44 -26.13 -46.84
CA ILE E 339 12.48 -26.00 -45.74
C ILE E 339 11.93 -24.58 -45.80
N VAL E 340 10.60 -24.46 -45.87
CA VAL E 340 9.92 -23.17 -45.96
C VAL E 340 9.09 -22.93 -44.71
N LEU E 341 9.24 -21.73 -44.12
CA LEU E 341 8.50 -21.23 -42.96
C LEU E 341 7.29 -20.42 -43.38
N VAL E 342 6.11 -20.87 -42.96
CA VAL E 342 4.85 -20.18 -43.26
C VAL E 342 4.10 -20.01 -41.92
N GLY E 343 3.31 -18.95 -41.78
CA GLY E 343 2.57 -18.67 -40.56
C GLY E 343 3.37 -17.81 -39.60
N GLY E 344 2.70 -16.89 -38.92
CA GLY E 344 3.30 -15.95 -37.99
C GLY E 344 4.11 -16.52 -36.85
N SER E 345 3.70 -17.70 -36.33
CA SER E 345 4.39 -18.35 -35.20
C SER E 345 5.76 -18.94 -35.56
N THR E 346 6.10 -19.02 -36.87
CA THR E 346 7.42 -19.49 -37.33
C THR E 346 8.50 -18.42 -37.10
N ARG E 347 8.09 -17.21 -36.65
CA ARG E 347 8.98 -16.10 -36.29
C ARG E 347 9.65 -16.37 -34.95
N ILE E 348 9.07 -17.26 -34.12
CA ILE E 348 9.58 -17.63 -32.80
C ILE E 348 10.97 -18.26 -32.97
N PRO E 349 12.02 -17.61 -32.42
CA PRO E 349 13.40 -18.14 -32.60
C PRO E 349 13.61 -19.57 -32.15
N LYS E 350 12.91 -20.04 -31.08
CA LYS E 350 13.06 -21.42 -30.61
C LYS E 350 12.54 -22.42 -31.63
N ILE E 351 11.40 -22.11 -32.29
CA ILE E 351 10.80 -22.98 -33.32
C ILE E 351 11.76 -23.12 -34.51
N GLN E 352 12.38 -22.00 -34.94
CA GLN E 352 13.38 -21.97 -36.00
C GLN E 352 14.59 -22.79 -35.60
N LYS E 353 15.08 -22.63 -34.34
CA LYS E 353 16.23 -23.33 -33.77
C LYS E 353 15.99 -24.85 -33.76
N LEU E 354 14.82 -25.28 -33.27
CA LEU E 354 14.42 -26.68 -33.19
C LEU E 354 14.39 -27.32 -34.58
N LEU E 355 13.77 -26.63 -35.55
CA LEU E 355 13.61 -27.11 -36.91
C LEU E 355 14.94 -27.18 -37.65
N GLN E 356 15.80 -26.13 -37.52
CA GLN E 356 17.13 -26.11 -38.14
C GLN E 356 18.01 -27.23 -37.58
N ASP E 357 17.95 -27.49 -36.25
CA ASP E 357 18.71 -28.52 -35.57
C ASP E 357 18.26 -29.91 -36.01
N PHE E 358 16.92 -30.07 -36.22
CA PHE E 358 16.37 -31.32 -36.71
C PHE E 358 16.94 -31.62 -38.10
N PHE E 359 17.08 -30.58 -38.94
CA PHE E 359 17.62 -30.70 -40.28
C PHE E 359 19.13 -30.45 -40.35
N ASN E 360 19.84 -30.74 -39.23
CA ASN E 360 21.30 -30.68 -39.09
C ASN E 360 21.93 -29.37 -39.58
N GLY E 361 21.44 -28.26 -39.03
CA GLY E 361 21.93 -26.91 -39.33
C GLY E 361 21.61 -26.33 -40.68
N LYS E 362 20.70 -26.97 -41.43
CA LYS E 362 20.29 -26.48 -42.76
C LYS E 362 19.53 -25.15 -42.66
N GLU E 363 19.96 -24.17 -43.48
CA GLU E 363 19.37 -22.83 -43.51
C GLU E 363 17.90 -22.88 -43.95
N LEU E 364 17.06 -22.03 -43.35
CA LEU E 364 15.63 -22.00 -43.62
C LEU E 364 15.21 -20.89 -44.55
N ASN E 365 14.15 -21.13 -45.34
CA ASN E 365 13.55 -20.14 -46.22
C ASN E 365 12.58 -19.32 -45.36
N LYS E 366 13.06 -18.17 -44.88
CA LYS E 366 12.32 -17.29 -43.95
C LYS E 366 12.33 -15.80 -44.32
N SER E 367 13.05 -15.39 -45.41
CA SER E 367 13.13 -13.98 -45.80
C SER E 367 11.77 -13.34 -46.14
N ILE E 368 10.83 -14.13 -46.70
CA ILE E 368 9.49 -13.60 -46.98
C ILE E 368 8.68 -13.64 -45.68
N ASN E 369 8.01 -12.54 -45.37
CA ASN E 369 7.15 -12.41 -44.19
C ASN E 369 6.26 -13.68 -44.14
N PRO E 370 6.36 -14.52 -43.08
CA PRO E 370 5.63 -15.80 -43.06
C PRO E 370 4.10 -15.71 -43.12
N ASP E 371 3.53 -14.57 -42.74
CA ASP E 371 2.08 -14.32 -42.82
C ASP E 371 1.66 -14.06 -44.26
N GLU E 372 2.63 -13.66 -45.12
CA GLU E 372 2.38 -13.19 -46.48
C GLU E 372 2.88 -14.10 -47.58
N ALA E 373 3.74 -15.09 -47.25
CA ALA E 373 4.36 -16.02 -48.19
C ALA E 373 3.39 -16.73 -49.14
N VAL E 374 2.21 -17.13 -48.63
CA VAL E 374 1.21 -17.86 -49.44
C VAL E 374 0.56 -16.91 -50.47
N ALA E 375 0.09 -15.71 -50.04
CA ALA E 375 -0.48 -14.71 -50.94
C ALA E 375 0.59 -14.26 -51.95
N TYR E 376 1.86 -14.20 -51.51
CA TYR E 376 3.03 -13.84 -52.34
C TYR E 376 3.15 -14.81 -53.53
N GLY E 377 3.13 -16.11 -53.25
CA GLY E 377 3.23 -17.14 -54.27
C GLY E 377 2.03 -17.16 -55.19
N ALA E 378 0.84 -16.88 -54.65
CA ALA E 378 -0.41 -16.81 -55.40
C ALA E 378 -0.40 -15.59 -56.36
N ALA E 379 0.19 -14.45 -55.93
CA ALA E 379 0.34 -13.22 -56.73
C ALA E 379 1.31 -13.47 -57.92
N VAL E 380 2.38 -14.29 -57.68
CA VAL E 380 3.34 -14.71 -58.72
C VAL E 380 2.58 -15.60 -59.73
N GLN E 381 1.77 -16.53 -59.23
CA GLN E 381 0.98 -17.40 -60.11
C GLN E 381 -0.03 -16.62 -60.92
N ALA E 382 -0.69 -15.66 -60.27
CA ALA E 382 -1.68 -14.77 -60.92
C ALA E 382 -1.07 -14.00 -62.07
N ALA E 383 0.16 -13.45 -61.89
CA ALA E 383 0.88 -12.70 -62.93
C ALA E 383 1.27 -13.66 -64.05
N ILE E 384 1.74 -14.87 -63.72
CA ILE E 384 2.10 -15.91 -64.70
C ILE E 384 0.90 -16.27 -65.60
N LEU E 385 -0.32 -16.34 -65.00
CA LEU E 385 -1.55 -16.70 -65.70
C LEU E 385 -2.26 -15.50 -66.38
N SER E 386 -1.71 -14.28 -66.25
CA SER E 386 -2.24 -13.06 -66.86
C SER E 386 -1.68 -12.87 -68.27
N SER F 5 14.70 17.38 -12.43
CA SER F 5 15.22 16.27 -13.23
C SER F 5 14.34 15.99 -14.47
N ASN F 6 13.43 16.93 -14.79
CA ASN F 6 12.47 16.92 -15.91
C ASN F 6 13.19 16.74 -17.23
N SER F 7 12.86 15.69 -17.95
CA SER F 7 13.52 15.33 -19.19
C SER F 7 12.64 15.59 -20.42
N PRO F 8 13.24 15.89 -21.59
CA PRO F 8 12.41 16.05 -22.81
C PRO F 8 11.71 14.73 -23.19
N GLN F 9 12.33 13.56 -22.88
CA GLN F 9 11.77 12.23 -23.14
C GLN F 9 10.42 12.03 -22.43
N GLU F 10 10.30 12.54 -21.19
CA GLU F 10 9.05 12.47 -20.44
C GLU F 10 7.95 13.33 -21.08
N GLU F 11 8.31 14.42 -21.79
CA GLU F 11 7.34 15.24 -22.54
C GLU F 11 6.63 14.42 -23.62
N VAL F 12 7.39 13.53 -24.29
CA VAL F 12 6.83 12.58 -25.27
C VAL F 12 5.73 11.67 -24.60
N GLU F 13 6.01 11.11 -23.41
CA GLU F 13 5.03 10.23 -22.74
C GLU F 13 3.80 10.97 -22.23
N LEU F 14 3.99 12.17 -21.72
CA LEU F 14 2.92 13.05 -21.23
C LEU F 14 1.98 13.45 -22.35
N LYS F 15 2.53 13.72 -23.55
CA LYS F 15 1.75 14.06 -24.74
C LYS F 15 0.87 12.89 -25.17
N LYS F 16 1.40 11.66 -25.15
CA LYS F 16 0.66 10.43 -25.44
C LYS F 16 -0.54 10.30 -24.48
N LEU F 17 -0.29 10.48 -23.16
CA LEU F 17 -1.30 10.44 -22.09
C LEU F 17 -2.37 11.51 -22.27
N LYS F 18 -1.98 12.70 -22.77
CA LYS F 18 -2.90 13.79 -23.05
C LYS F 18 -3.85 13.46 -24.21
N HIS F 19 -3.35 12.81 -25.26
CA HIS F 19 -4.20 12.42 -26.36
C HIS F 19 -5.21 11.39 -25.86
N LEU F 20 -4.74 10.49 -25.00
CA LEU F 20 -5.56 9.46 -24.39
C LEU F 20 -6.64 10.05 -23.48
N GLU F 21 -6.29 11.07 -22.72
CA GLU F 21 -7.24 11.73 -21.83
C GLU F 21 -8.37 12.33 -22.66
N LYS F 22 -8.00 12.91 -23.78
CA LYS F 22 -8.97 13.51 -24.71
C LYS F 22 -9.90 12.46 -25.26
N SER F 23 -9.38 11.30 -25.66
CA SER F 23 -10.18 10.17 -26.15
C SER F 23 -11.17 9.70 -25.08
N VAL F 24 -10.72 9.67 -23.82
CA VAL F 24 -11.53 9.29 -22.66
C VAL F 24 -12.69 10.27 -22.50
N GLU F 25 -12.41 11.59 -22.68
CA GLU F 25 -13.40 12.65 -22.60
C GLU F 25 -14.51 12.45 -23.63
N LYS F 26 -14.16 12.08 -24.89
CA LYS F 26 -15.15 11.82 -25.95
C LYS F 26 -16.07 10.62 -25.60
N ILE F 27 -15.51 9.54 -25.08
CA ILE F 27 -16.27 8.34 -24.67
C ILE F 27 -17.16 8.66 -23.46
N ALA F 28 -16.62 9.42 -22.48
CA ALA F 28 -17.35 9.88 -21.28
C ALA F 28 -18.57 10.74 -21.68
N ASP F 29 -18.47 11.52 -22.81
CA ASP F 29 -19.57 12.33 -23.36
C ASP F 29 -20.68 11.43 -23.92
N GLN F 30 -20.30 10.28 -24.53
CA GLN F 30 -21.24 9.29 -25.04
C GLN F 30 -22.01 8.63 -23.90
N LEU F 31 -21.29 8.33 -22.79
CA LEU F 31 -21.86 7.76 -21.58
C LEU F 31 -22.85 8.75 -20.94
N GLU F 32 -22.48 10.06 -20.90
CA GLU F 32 -23.35 11.10 -20.36
C GLU F 32 -24.65 11.21 -21.18
N GLU F 33 -24.55 11.11 -22.53
CA GLU F 33 -25.71 11.14 -23.45
C GLU F 33 -26.58 9.90 -23.22
N LEU F 34 -25.95 8.73 -22.98
CA LEU F 34 -26.65 7.49 -22.68
C LEU F 34 -27.39 7.63 -21.35
N ASN F 35 -26.74 8.26 -20.36
CA ASN F 35 -27.32 8.51 -19.04
C ASN F 35 -28.55 9.41 -19.14
N LYS F 36 -28.50 10.43 -20.02
CA LYS F 36 -29.61 11.37 -20.26
C LYS F 36 -30.79 10.67 -20.98
N GLU F 37 -30.48 9.77 -21.93
CA GLU F 37 -31.49 8.99 -22.66
C GLU F 37 -32.16 7.96 -21.78
N LEU F 38 -31.38 7.28 -20.90
CA LEU F 38 -31.87 6.30 -19.92
C LEU F 38 -32.89 6.98 -18.98
N THR F 39 -32.54 8.20 -18.49
CA THR F 39 -33.38 9.02 -17.61
C THR F 39 -34.67 9.39 -18.34
N GLY F 40 -34.53 9.82 -19.60
CA GLY F 40 -35.62 10.18 -20.51
C GLY F 40 -36.70 9.12 -20.61
N ILE F 41 -36.30 7.84 -20.80
CA ILE F 41 -37.20 6.69 -20.88
C ILE F 41 -37.79 6.40 -19.48
N GLN F 42 -36.93 6.35 -18.44
CA GLN F 42 -37.28 6.08 -17.04
C GLN F 42 -38.42 7.00 -16.54
N GLN F 43 -38.39 8.28 -16.95
CA GLN F 43 -39.37 9.32 -16.63
C GLN F 43 -40.15 9.70 -17.91
N GLY F 44 -40.63 8.68 -18.64
CA GLY F 44 -41.39 8.85 -19.86
C GLY F 44 -42.87 8.54 -19.71
N PHE F 45 -43.64 8.67 -20.81
CA PHE F 45 -45.08 8.42 -20.84
C PHE F 45 -45.48 7.00 -21.24
N LEU F 46 -44.49 6.16 -21.53
CA LEU F 46 -44.77 4.78 -21.90
C LEU F 46 -45.13 3.94 -20.67
N PRO F 47 -46.08 2.98 -20.80
CA PRO F 47 -46.36 2.08 -19.66
C PRO F 47 -45.20 1.12 -19.39
N LYS F 48 -45.16 0.50 -18.18
CA LYS F 48 -44.14 -0.43 -17.69
C LYS F 48 -43.51 -1.36 -18.75
N ASP F 49 -44.35 -2.05 -19.56
CA ASP F 49 -43.87 -2.98 -20.60
C ASP F 49 -43.14 -2.27 -21.76
N LEU F 50 -43.78 -1.25 -22.37
CA LEU F 50 -43.24 -0.49 -23.51
C LEU F 50 -41.96 0.30 -23.15
N GLN F 51 -41.82 0.66 -21.85
CA GLN F 51 -40.68 1.38 -21.26
C GLN F 51 -39.46 0.45 -21.22
N ALA F 52 -39.68 -0.85 -20.91
CA ALA F 52 -38.62 -1.86 -20.82
C ALA F 52 -37.94 -2.16 -22.16
N GLU F 53 -38.72 -2.16 -23.25
CA GLU F 53 -38.27 -2.42 -24.62
C GLU F 53 -37.30 -1.35 -25.15
N ALA F 54 -37.60 -0.06 -24.86
CA ALA F 54 -36.81 1.11 -25.25
C ALA F 54 -35.44 1.14 -24.56
N LEU F 55 -35.38 0.62 -23.31
CA LEU F 55 -34.16 0.53 -22.49
C LEU F 55 -33.23 -0.54 -23.03
N CYS F 56 -33.79 -1.66 -23.48
CA CYS F 56 -33.00 -2.72 -24.07
C CYS F 56 -32.51 -2.32 -25.45
N LYS F 57 -33.09 -1.25 -26.00
CA LYS F 57 -32.68 -0.70 -27.29
C LYS F 57 -31.36 0.10 -27.16
N LEU F 58 -30.96 0.45 -25.90
CA LEU F 58 -29.74 1.19 -25.52
C LEU F 58 -28.57 0.27 -25.19
N ASP F 59 -28.79 -1.08 -25.22
CA ASP F 59 -27.82 -2.11 -24.89
C ASP F 59 -26.60 -2.08 -25.80
N ARG F 60 -26.82 -1.95 -27.13
CA ARG F 60 -25.74 -1.92 -28.11
C ARG F 60 -24.79 -0.73 -27.86
N ARG F 61 -25.36 0.43 -27.54
CA ARG F 61 -24.62 1.64 -27.26
C ARG F 61 -23.80 1.57 -25.97
N VAL F 62 -24.36 0.99 -24.90
CA VAL F 62 -23.67 0.82 -23.61
C VAL F 62 -22.45 -0.12 -23.82
N LYS F 63 -22.68 -1.24 -24.53
CA LYS F 63 -21.66 -2.23 -24.88
C LYS F 63 -20.53 -1.64 -25.74
N ALA F 64 -20.89 -0.78 -26.71
CA ALA F 64 -19.92 -0.07 -27.56
C ALA F 64 -19.07 0.89 -26.71
N THR F 65 -19.71 1.55 -25.70
CA THR F 65 -19.04 2.48 -24.78
C THR F 65 -17.99 1.75 -23.93
N ILE F 66 -18.40 0.60 -23.35
CA ILE F 66 -17.58 -0.29 -22.54
C ILE F 66 -16.37 -0.74 -23.36
N GLU F 67 -16.62 -1.20 -24.60
CA GLU F 67 -15.56 -1.65 -25.52
C GLU F 67 -14.56 -0.54 -25.83
N GLN F 68 -15.04 0.68 -26.04
CA GLN F 68 -14.15 1.81 -26.33
C GLN F 68 -13.22 2.11 -25.14
N PHE F 69 -13.75 2.07 -23.89
CA PHE F 69 -12.94 2.26 -22.68
C PHE F 69 -11.91 1.12 -22.56
N MET F 70 -12.34 -0.15 -22.86
CA MET F 70 -11.43 -1.30 -22.83
C MET F 70 -10.24 -1.14 -23.77
N LYS F 71 -10.49 -0.65 -25.00
CA LYS F 71 -9.47 -0.38 -25.99
C LYS F 71 -8.52 0.74 -25.53
N ILE F 72 -9.04 1.74 -24.77
CA ILE F 72 -8.22 2.81 -24.19
C ILE F 72 -7.25 2.19 -23.17
N LEU F 73 -7.77 1.34 -22.26
CA LEU F 73 -6.93 0.64 -21.25
C LEU F 73 -5.84 -0.18 -21.90
N GLU F 74 -6.15 -0.89 -23.00
CA GLU F 74 -5.17 -1.72 -23.74
C GLU F 74 -4.08 -0.84 -24.34
N GLU F 75 -4.44 0.39 -24.74
CA GLU F 75 -3.48 1.33 -25.29
C GLU F 75 -2.58 1.90 -24.21
N ILE F 76 -3.15 2.25 -23.03
CA ILE F 76 -2.38 2.75 -21.87
C ILE F 76 -1.39 1.64 -21.39
N ASP F 77 -1.84 0.37 -21.42
CA ASP F 77 -1.03 -0.80 -21.03
C ASP F 77 0.22 -1.03 -21.90
N THR F 78 0.35 -0.34 -23.07
CA THR F 78 1.52 -0.47 -23.95
C THR F 78 2.66 0.48 -23.48
N LEU F 79 2.35 1.41 -22.54
CA LEU F 79 3.33 2.36 -22.03
C LEU F 79 4.28 1.75 -21.02
N ILE F 80 5.57 2.14 -21.11
CA ILE F 80 6.61 1.76 -20.19
C ILE F 80 7.14 3.07 -19.68
N LEU F 81 6.94 3.32 -18.39
CA LEU F 81 7.36 4.58 -17.81
C LEU F 81 8.37 4.31 -16.73
N PRO F 82 9.66 4.71 -16.90
CA PRO F 82 10.65 4.47 -15.84
C PRO F 82 10.26 5.15 -14.52
N GLU F 83 10.77 4.62 -13.39
CA GLU F 83 10.50 5.11 -12.04
C GLU F 83 10.69 6.63 -11.89
N ASN F 84 11.71 7.20 -12.61
CA ASN F 84 12.04 8.65 -12.62
C ASN F 84 11.00 9.51 -13.36
N PHE F 85 10.09 8.88 -14.14
CA PHE F 85 9.03 9.59 -14.84
C PHE F 85 7.83 9.66 -13.90
N LYS F 86 8.02 10.31 -12.75
CA LYS F 86 7.03 10.46 -11.69
C LYS F 86 5.71 11.09 -12.18
N ASP F 87 5.78 12.20 -12.94
CA ASP F 87 4.60 12.91 -13.45
C ASP F 87 3.75 12.07 -14.45
N SER F 88 4.40 11.31 -15.33
CA SER F 88 3.71 10.41 -16.30
C SER F 88 3.06 9.25 -15.55
N ARG F 89 3.76 8.64 -14.56
CA ARG F 89 3.22 7.52 -13.78
C ARG F 89 1.99 7.99 -13.01
N LEU F 90 2.05 9.25 -12.51
CA LEU F 90 0.94 9.88 -11.79
C LEU F 90 -0.26 10.10 -12.72
N LYS F 91 -0.03 10.62 -13.94
CA LYS F 91 -1.07 10.84 -14.95
C LYS F 91 -1.64 9.53 -15.52
N ARG F 92 -0.77 8.53 -15.76
CA ARG F 92 -1.21 7.21 -16.25
C ARG F 92 -2.17 6.56 -15.21
N LYS F 93 -1.73 6.54 -13.95
CA LYS F 93 -2.47 5.98 -12.83
C LYS F 93 -3.82 6.68 -12.66
N GLY F 94 -3.83 8.01 -12.70
CA GLY F 94 -5.05 8.79 -12.60
C GLY F 94 -6.02 8.50 -13.73
N LEU F 95 -5.50 8.35 -14.97
CA LEU F 95 -6.31 8.06 -16.16
C LEU F 95 -6.94 6.66 -16.12
N VAL F 96 -6.15 5.65 -15.72
CA VAL F 96 -6.67 4.26 -15.58
C VAL F 96 -7.84 4.26 -14.53
N LYS F 97 -7.64 4.90 -13.37
CA LYS F 97 -8.66 5.01 -12.33
C LYS F 97 -9.94 5.73 -12.84
N LYS F 98 -9.77 6.79 -13.64
CA LYS F 98 -10.90 7.53 -14.22
C LYS F 98 -11.70 6.61 -15.19
N VAL F 99 -11.00 5.90 -16.06
CA VAL F 99 -11.62 4.96 -17.00
C VAL F 99 -12.37 3.86 -16.24
N GLN F 100 -11.74 3.31 -15.18
CA GLN F 100 -12.32 2.27 -14.33
C GLN F 100 -13.57 2.73 -13.62
N ALA F 101 -13.62 4.01 -13.16
CA ALA F 101 -14.81 4.59 -12.53
C ALA F 101 -15.92 4.74 -13.58
N PHE F 102 -15.58 5.10 -14.84
CA PHE F 102 -16.53 5.18 -15.96
C PHE F 102 -17.04 3.77 -16.34
N LEU F 103 -16.16 2.75 -16.27
CA LEU F 103 -16.55 1.37 -16.54
C LEU F 103 -17.56 0.86 -15.47
N ALA F 104 -17.41 1.28 -14.20
CA ALA F 104 -18.36 0.89 -13.14
C ALA F 104 -19.73 1.56 -13.38
N GLU F 105 -19.72 2.80 -13.92
CA GLU F 105 -20.95 3.53 -14.30
C GLU F 105 -21.64 2.77 -15.42
N CYS F 106 -20.88 2.34 -16.44
CA CYS F 106 -21.37 1.54 -17.56
C CYS F 106 -22.01 0.24 -17.06
N ASP F 107 -21.35 -0.47 -16.12
CA ASP F 107 -21.84 -1.73 -15.53
C ASP F 107 -23.17 -1.57 -14.85
N THR F 108 -23.35 -0.43 -14.13
CA THR F 108 -24.59 -0.02 -13.45
C THR F 108 -25.72 0.13 -14.49
N VAL F 109 -25.42 0.74 -15.67
CA VAL F 109 -26.38 0.91 -16.76
C VAL F 109 -26.79 -0.44 -17.37
N GLU F 110 -25.78 -1.23 -17.78
CA GLU F 110 -25.92 -2.52 -18.45
C GLU F 110 -26.74 -3.56 -17.71
N GLN F 111 -26.70 -3.52 -16.36
CA GLN F 111 -27.40 -4.45 -15.51
C GLN F 111 -28.86 -4.09 -15.35
N ASN F 112 -29.15 -2.76 -15.26
CA ASN F 112 -30.51 -2.21 -15.11
C ASN F 112 -31.38 -2.41 -16.36
N ILE F 113 -30.78 -2.35 -17.54
CA ILE F 113 -31.47 -2.57 -18.82
C ILE F 113 -31.40 -4.06 -19.18
N CYS F 114 -32.40 -4.56 -19.95
CA CYS F 114 -32.54 -5.96 -20.41
C CYS F 114 -32.59 -7.00 -19.24
N GLN F 115 -33.06 -6.57 -18.04
CA GLN F 115 -33.17 -7.43 -16.85
C GLN F 115 -34.57 -8.02 -16.74
C1 GOL G . -24.22 3.04 -1.79
O1 GOL G . -23.61 1.82 -1.43
C2 GOL G . -24.37 3.92 -0.57
O2 GOL G . -25.39 4.90 -0.80
C3 GOL G . -23.07 4.59 -0.18
O3 GOL G . -22.36 5.11 -1.28
C1 GOL H . -20.49 1.56 8.83
O1 GOL H . -21.45 1.89 9.83
C2 GOL H . -20.96 2.01 7.46
O2 GOL H . -22.23 1.43 7.18
C3 GOL H . -19.97 1.57 6.40
O3 GOL H . -19.02 2.59 6.11
N1 CWS I . -39.19 12.79 18.31
C2 CWS I . -39.15 11.51 18.65
N3 CWS I . -38.24 10.88 19.38
C4 CWS I . -37.22 11.60 19.85
C5 CWS I . -36.07 13.86 20.01
C6 CWS I . -36.06 15.19 19.68
C7 CWS I . -37.09 15.70 18.91
C8 CWS I . -38.11 14.91 18.46
C4A CWS I . -37.11 13.01 19.57
C8A CWS I . -38.15 13.54 18.78
C11 CWS I . -34.95 16.10 20.16
NA4 CWS I . -36.29 10.96 20.59
C TRS J . -33.48 8.64 31.30
C1 TRS J . -32.17 8.20 31.96
C2 TRS J . -33.98 7.57 30.31
C3 TRS J . -33.33 9.99 30.61
N TRS J . -34.51 8.78 32.39
O1 TRS J . -31.11 8.07 31.03
O2 TRS J . -34.97 8.10 29.44
O3 TRS J . -33.40 11.06 31.54
S DMS K . -30.87 -2.25 32.88
O DMS K . -30.03 -3.38 32.45
C1 DMS K . -31.91 -1.88 31.49
C2 DMS K . -29.83 -0.82 32.81
CL CL L . -24.45 25.28 28.61
C1 GOL M . -32.20 28.87 -13.15
O1 GOL M . -33.46 29.47 -13.45
C2 GOL M . -32.31 27.92 -11.98
O2 GOL M . -33.12 28.52 -10.97
C3 GOL M . -30.93 27.64 -11.44
O3 GOL M . -30.99 26.87 -10.25
C1 GOL N . -13.09 1.45 -7.54
O1 GOL N . -12.34 2.62 -7.84
C2 GOL N . -13.69 0.84 -8.78
O2 GOL N . -14.46 1.82 -9.49
C3 GOL N . -14.59 -0.31 -8.37
O3 GOL N . -15.07 -1.00 -9.52
C1 GOL O . -11.56 9.88 -9.95
O1 GOL O . -11.76 9.86 -11.37
C2 GOL O . -12.17 8.64 -9.31
O2 GOL O . -12.22 8.83 -7.88
C3 GOL O . -11.36 7.41 -9.64
O3 GOL O . -11.90 6.28 -8.98
C1 GOL P . -0.10 -6.76 -0.87
O1 GOL P . 0.57 -7.57 -1.82
C2 GOL P . -1.46 -6.34 -1.39
O2 GOL P . -1.86 -5.14 -0.71
C3 GOL P . -2.51 -7.40 -1.19
O3 GOL P . -2.40 -8.43 -2.15
C1 GOL Q . 37.24 1.26 -8.55
O1 GOL Q . 37.52 2.38 -7.76
C2 GOL Q . 36.05 0.53 -7.97
O2 GOL Q . 34.88 1.36 -8.02
C3 GOL Q . 35.84 -0.77 -8.71
O3 GOL Q . 36.03 -0.63 -10.12
C1 GOL R . 27.60 5.53 16.27
O1 GOL R . 28.40 5.22 17.42
C2 GOL R . 26.45 4.55 16.14
O2 GOL R . 25.62 4.91 15.03
C3 GOL R . 26.91 3.12 15.97
O3 GOL R . 25.89 2.23 16.40
C1 GOL S . 29.56 -6.21 39.60
O1 GOL S . 30.60 -5.27 39.43
C2 GOL S . 28.25 -5.75 38.98
O2 GOL S . 28.10 -4.34 39.12
C3 GOL S . 28.09 -6.15 37.53
O3 GOL S . 26.83 -5.72 37.04
C1 GOL T . 39.71 16.40 9.44
O1 GOL T . 40.86 16.28 8.64
C2 GOL T . 39.06 15.06 9.73
O2 GOL T . 37.90 15.24 10.55
C3 GOL T . 40.03 14.13 10.42
O3 GOL T . 39.48 12.84 10.62
C1 GOL U . 9.91 9.95 10.63
O1 GOL U . 9.71 8.65 11.16
C2 GOL U . 9.05 10.22 9.40
O2 GOL U . 9.41 11.49 8.85
C3 GOL U . 9.09 9.15 8.33
O3 GOL U . 8.89 9.67 7.01
C1 GOL V . 16.84 16.63 -0.06
O1 GOL V . 15.76 17.34 0.52
C2 GOL V . 17.96 16.42 0.94
O2 GOL V . 18.83 15.39 0.47
C3 GOL V . 18.73 17.70 1.20
O3 GOL V . 19.69 17.51 2.22
C1 GOL W . 15.94 -7.47 5.02
O1 GOL W . 17.26 -7.96 4.81
C2 GOL W . 15.63 -6.40 3.99
O2 GOL W . 16.13 -5.14 4.41
C3 GOL W . 14.14 -6.29 3.74
O3 GOL W . 13.94 -5.76 2.44
C1 GOL X . 37.57 -3.80 1.42
O1 GOL X . 36.47 -3.83 2.31
C2 GOL X . 38.01 -2.37 1.17
O2 GOL X . 38.98 -1.99 2.14
C3 GOL X . 38.58 -2.22 -0.23
O3 GOL X . 39.19 -0.95 -0.39
C1 GOL Y . 24.97 -0.51 -19.08
O1 GOL Y . 25.62 -1.04 -20.23
C2 GOL Y . 23.75 -1.32 -18.76
O2 GOL Y . 22.91 -0.58 -17.88
C3 GOL Y . 24.11 -2.64 -18.13
O3 GOL Y . 24.76 -3.52 -19.07
N1 CWS Z . 22.07 9.64 11.88
C2 CWS Z . 22.04 8.35 12.17
N3 CWS Z . 22.96 7.64 12.81
C4 CWS Z . 24.06 8.25 13.23
C5 CWS Z . 25.38 10.44 13.35
C6 CWS Z . 25.46 11.78 13.07
C7 CWS Z . 24.42 12.38 12.39
C8 CWS Z . 23.31 11.68 12.00
C4A CWS Z . 24.25 9.67 12.97
C8A CWS Z . 23.19 10.31 12.28
C11 CWS Z . 26.67 12.58 13.49
NA4 CWS Z . 24.97 7.54 13.88
C TRS AA . 28.63 4.82 24.36
C1 TRS AA . 28.35 6.30 24.10
C2 TRS AA . 30.14 4.51 24.25
C3 TRS AA . 27.85 3.96 23.37
N TRS AA . 28.17 4.48 25.75
O1 TRS AA . 28.90 7.12 25.11
O2 TRS AA . 30.75 4.33 25.52
O3 TRS AA . 26.92 4.74 22.61
S DMS BA . 31.13 -5.52 26.01
O DMS BA . 32.04 -6.59 25.60
C1 DMS BA . 29.64 -5.96 25.16
C2 DMS BA . 31.58 -4.05 25.09
CL CL CA . 37.39 21.87 21.61
C1 GOL DA . 28.99 24.69 -17.76
O1 GOL DA . 28.79 23.69 -16.77
C2 GOL DA . 27.71 24.96 -18.50
O2 GOL DA . 26.72 25.42 -17.57
C3 GOL DA . 27.98 26.05 -19.51
O3 GOL DA . 26.78 26.72 -19.87
C1 GOL EA . -10.66 -3.31 -15.99
O1 GOL EA . -10.48 -2.13 -15.24
C2 GOL EA . -10.03 -4.50 -15.28
O2 GOL EA . -8.64 -4.30 -15.03
C3 GOL EA . -10.80 -4.98 -14.06
O3 GOL EA . -10.36 -4.36 -12.86
C1 GOL FA . -1.55 -14.80 -32.95
O1 GOL FA . -0.68 -15.91 -32.75
C2 GOL FA . -2.17 -14.30 -31.67
O2 GOL FA . -1.17 -14.08 -30.68
C3 GOL FA . -3.24 -15.22 -31.13
O3 GOL FA . -4.49 -14.94 -31.75
C1 GOL GA . -2.04 -24.44 -23.60
O1 GOL GA . -1.50 -23.14 -23.48
C2 GOL GA . -2.68 -24.62 -24.95
O2 GOL GA . -3.83 -23.79 -25.04
C3 GOL GA . -3.02 -26.07 -25.24
O3 GOL GA . -1.85 -26.85 -25.47
N1 CWS HA . 6.18 -13.56 -33.04
C2 CWS HA . 5.48 -14.64 -32.82
N3 CWS HA . 4.29 -14.99 -33.33
C4 CWS HA . 3.71 -14.14 -34.19
C5 CWS HA . 3.87 -11.93 -35.43
C6 CWS HA . 4.56 -10.77 -35.71
C7 CWS HA . 5.79 -10.56 -35.08
C8 CWS HA . 6.31 -11.48 -34.21
C4A CWS HA . 4.37 -12.90 -34.54
C8A CWS HA . 5.62 -12.67 -33.92
C11 CWS HA . 4.01 -9.75 -36.66
NA4 CWS HA . 2.52 -14.47 -34.70
C TRS IA . -2.15 -19.86 -43.75
C1 TRS IA . -1.10 -19.51 -44.82
C2 TRS IA . -1.73 -19.37 -42.37
C3 TRS IA . -3.53 -19.29 -44.12
N TRS IA . -2.27 -21.35 -43.70
O1 TRS IA . -0.74 -18.13 -44.81
O2 TRS IA . -0.47 -19.87 -41.97
O3 TRS IA . -4.06 -19.88 -45.30
S DMS JA . -9.31 -26.90 -41.92
O DMS JA . -10.71 -27.23 -41.55
C1 DMS JA . -8.34 -27.11 -40.45
C2 DMS JA . -9.20 -25.14 -42.09
CL CL KA . 0.21 -1.42 -49.45
C1 GOL LA . 5.15 2.70 -26.16
O1 GOL LA . 4.39 3.80 -26.63
C2 GOL LA . 6.25 3.13 -25.19
O2 GOL LA . 6.96 1.98 -24.72
C3 GOL LA . 5.65 3.89 -24.03
O3 GOL LA . 6.61 4.28 -23.07
C1 GOL MA . 11.56 15.33 -12.27
O1 GOL MA . 11.92 16.16 -11.19
C2 GOL MA . 10.26 14.59 -12.00
O2 GOL MA . 9.24 15.53 -11.65
C3 GOL MA . 9.88 13.85 -13.25
O3 GOL MA . 8.55 13.39 -13.21
#